data_4M2C
#
_entry.id   4M2C
#
_cell.length_a   68.034
_cell.length_b   116.369
_cell.length_c   95.800
_cell.angle_alpha   90.00
_cell.angle_beta   91.44
_cell.angle_gamma   90.00
#
_symmetry.space_group_name_H-M   'P 1 21 1'
#
loop_
_entity.id
_entity.type
_entity.pdbx_description
1 polymer 'L-arginine beta-hydroxylase'
2 non-polymer 'FE (III) ION'
3 non-polymer D-ARGININE
4 water water
#
_entity_poly.entity_id   1
_entity_poly.type   'polypeptide(L)'
_entity_poly.pdbx_seq_one_letter_code
;MGSSHHHHHHSSGLVPRGSHMSNLTDQSTPSYSLTPAEASAVAELTLELAAAYGSFGDPVLLRDLPRLAARLPEGVQDFL
REFKLADRHGHTVIRGHDFDQRRIGPTPDHWRGRVRPGPEFPEELLLMLYSALLGEPFGWATQQDGHLVHDIFPIRSHEN
DQLGMGSKQLLTWHTEDAFHPYRSDYLILGALRNPDHVPTTVGELDLSSLSAEDIDVLFEPRYHIAPDESHLPKNNTIAT
EEEAARFATIQRMIDERPLGPLLYGSRLDPYMRLDPYFTSVPQDDTDARRAYDALFKVVDSGMREVVADQGDVLFIDNHR
AVHGRLPFQARYDGTDRWLKRVCVTSDLRRSREMRATSATRLLG
;
_entity_poly.pdbx_strand_id   A,B,C,D
#
# COMPACT_ATOMS: atom_id res chain seq x y z
N THR A 29 -40.71 7.54 15.98
CA THR A 29 -39.52 6.71 15.62
C THR A 29 -38.83 7.28 14.37
N PRO A 30 -37.56 7.69 14.52
CA PRO A 30 -36.83 8.35 13.45
C PRO A 30 -36.50 7.43 12.27
N SER A 31 -36.42 8.02 11.09
CA SER A 31 -35.95 7.35 9.89
C SER A 31 -35.16 8.35 9.04
N TYR A 32 -34.40 7.84 8.08
CA TYR A 32 -33.67 8.69 7.16
C TYR A 32 -34.05 8.32 5.75
N SER A 33 -34.61 9.29 5.03
CA SER A 33 -34.89 9.13 3.62
C SER A 33 -33.74 9.68 2.79
N LEU A 34 -33.15 8.83 1.95
CA LEU A 34 -32.09 9.26 1.06
C LEU A 34 -32.68 10.06 -0.10
N THR A 35 -31.98 11.12 -0.50
CA THR A 35 -32.26 11.80 -1.77
C THR A 35 -31.72 10.91 -2.90
N PRO A 36 -32.28 11.03 -4.11
CA PRO A 36 -31.72 10.28 -5.23
C PRO A 36 -30.21 10.49 -5.40
N ALA A 37 -29.73 11.71 -5.11
CA ALA A 37 -28.29 12.00 -5.14
C ALA A 37 -27.48 11.17 -4.13
N GLU A 38 -27.95 11.13 -2.88
CA GLU A 38 -27.30 10.33 -1.85
C GLU A 38 -27.34 8.84 -2.19
N ALA A 39 -28.49 8.37 -2.67
CA ALA A 39 -28.67 6.99 -3.11
C ALA A 39 -27.73 6.63 -4.27
N SER A 40 -27.47 7.59 -5.15
CA SER A 40 -26.55 7.38 -6.26
C SER A 40 -25.10 7.27 -5.80
N ALA A 41 -24.70 8.10 -4.86
CA ALA A 41 -23.35 8.07 -4.30
C ALA A 41 -23.07 6.79 -3.50
N VAL A 42 -24.05 6.40 -2.68
CA VAL A 42 -24.00 5.14 -1.95
C VAL A 42 -23.80 3.98 -2.94
N ALA A 43 -24.68 3.90 -3.94
CA ALA A 43 -24.60 2.86 -4.97
C ALA A 43 -23.22 2.83 -5.66
N GLU A 44 -22.77 3.99 -6.14
CA GLU A 44 -21.44 4.13 -6.75
C GLU A 44 -20.32 3.62 -5.86
N LEU A 45 -20.37 4.00 -4.59
CA LEU A 45 -19.36 3.60 -3.62
C LEU A 45 -19.35 2.07 -3.41
N THR A 46 -20.53 1.47 -3.31
CA THR A 46 -20.63 0.02 -3.14
C THR A 46 -20.07 -0.73 -4.36
N LEU A 47 -20.38 -0.24 -5.56
CA LEU A 47 -19.82 -0.80 -6.80
C LEU A 47 -18.30 -0.69 -6.82
N GLU A 48 -17.80 0.48 -6.43
CA GLU A 48 -16.36 0.71 -6.36
C GLU A 48 -15.66 -0.29 -5.42
N LEU A 49 -16.20 -0.48 -4.23
CA LEU A 49 -15.60 -1.38 -3.23
C LEU A 49 -15.75 -2.85 -3.61
N ALA A 50 -16.82 -3.18 -4.33
CA ALA A 50 -17.05 -4.53 -4.85
C ALA A 50 -16.00 -4.92 -5.86
N ALA A 51 -15.55 -3.95 -6.65
CA ALA A 51 -14.50 -4.17 -7.64
C ALA A 51 -13.13 -4.25 -6.99
N ALA A 52 -12.89 -3.41 -5.98
CA ALA A 52 -11.56 -3.30 -5.36
C ALA A 52 -11.21 -4.41 -4.36
N TYR A 53 -12.22 -5.07 -3.80
CA TYR A 53 -12.01 -6.15 -2.84
C TYR A 53 -12.53 -7.50 -3.34
N GLY A 54 -11.82 -8.57 -2.98
CA GLY A 54 -12.18 -9.92 -3.40
C GLY A 54 -13.50 -10.36 -2.81
N SER A 55 -13.50 -10.52 -1.49
CA SER A 55 -14.66 -10.99 -0.75
C SER A 55 -14.51 -10.61 0.72
N PHE A 56 -15.47 -11.04 1.54
CA PHE A 56 -15.38 -10.82 2.98
C PHE A 56 -14.36 -11.73 3.65
N GLY A 57 -13.73 -12.60 2.85
CA GLY A 57 -12.63 -13.44 3.31
C GLY A 57 -11.32 -12.68 3.40
N ASP A 58 -11.26 -11.56 2.66
CA ASP A 58 -10.12 -10.64 2.70
C ASP A 58 -10.11 -9.88 4.03
N PRO A 59 -9.08 -10.13 4.87
CA PRO A 59 -8.97 -9.46 6.18
C PRO A 59 -8.68 -7.96 6.09
N VAL A 60 -8.14 -7.52 4.96
CA VAL A 60 -7.91 -6.08 4.73
C VAL A 60 -9.24 -5.34 4.62
N LEU A 61 -10.22 -5.95 3.95
CA LEU A 61 -11.58 -5.37 3.85
C LEU A 61 -12.23 -5.15 5.22
N LEU A 62 -12.18 -6.17 6.08
CA LEU A 62 -12.72 -6.08 7.43
C LEU A 62 -11.99 -5.00 8.24
N ARG A 63 -10.67 -4.93 8.05
CA ARG A 63 -9.84 -3.89 8.64
C ARG A 63 -10.22 -2.49 8.13
N ASP A 64 -10.45 -2.37 6.82
CA ASP A 64 -10.74 -1.08 6.18
C ASP A 64 -12.16 -0.55 6.44
N LEU A 65 -13.06 -1.45 6.83
CA LEU A 65 -14.49 -1.14 6.98
C LEU A 65 -14.87 0.24 7.52
N PRO A 66 -14.38 0.61 8.74
CA PRO A 66 -14.80 1.91 9.29
C PRO A 66 -14.27 3.10 8.49
N ARG A 67 -13.02 3.04 8.03
CA ARG A 67 -12.47 4.08 7.16
C ARG A 67 -13.31 4.20 5.89
N LEU A 68 -13.72 3.06 5.33
CA LEU A 68 -14.54 3.03 4.13
C LEU A 68 -15.93 3.62 4.37
N ALA A 69 -16.51 3.30 5.52
CA ALA A 69 -17.80 3.82 5.94
C ALA A 69 -17.81 5.35 6.03
N ALA A 70 -16.65 5.94 6.29
CA ALA A 70 -16.51 7.40 6.32
C ALA A 70 -16.65 8.06 4.95
N ARG A 71 -16.72 7.23 3.90
CA ARG A 71 -16.94 7.71 2.53
C ARG A 71 -18.43 7.77 2.15
N LEU A 72 -19.30 7.30 3.04
CA LEU A 72 -20.75 7.38 2.85
C LEU A 72 -21.24 8.85 3.01
N PRO A 73 -22.45 9.17 2.52
CA PRO A 73 -22.92 10.56 2.67
C PRO A 73 -22.95 10.95 4.15
N GLU A 74 -22.54 12.19 4.43
CA GLU A 74 -22.31 12.65 5.81
C GLU A 74 -23.57 12.63 6.66
N GLY A 75 -24.70 12.94 6.03
CA GLY A 75 -26.00 12.89 6.71
C GLY A 75 -26.26 11.52 7.31
N VAL A 76 -26.10 10.48 6.50
CA VAL A 76 -26.27 9.10 6.91
C VAL A 76 -25.36 8.77 8.09
N GLN A 77 -24.11 9.22 8.02
CA GLN A 77 -23.14 9.00 9.09
C GLN A 77 -23.59 9.64 10.40
N ASP A 78 -24.07 10.89 10.32
CA ASP A 78 -24.59 11.63 11.46
C ASP A 78 -25.85 10.99 12.02
N PHE A 79 -26.75 10.60 11.13
CA PHE A 79 -28.00 9.95 11.52
C PHE A 79 -27.76 8.69 12.35
N LEU A 80 -26.90 7.80 11.85
CA LEU A 80 -26.62 6.54 12.54
C LEU A 80 -25.83 6.72 13.83
N ARG A 81 -24.89 7.66 13.82
CA ARG A 81 -24.10 7.99 15.01
C ARG A 81 -25.01 8.52 16.12
N GLU A 82 -26.02 9.30 15.73
CA GLU A 82 -27.00 9.86 16.66
C GLU A 82 -27.96 8.81 17.21
N PHE A 83 -28.33 7.85 16.37
CA PHE A 83 -29.11 6.69 16.79
C PHE A 83 -28.31 5.89 17.82
N LYS A 84 -27.09 5.50 17.44
CA LYS A 84 -26.17 4.76 18.31
C LYS A 84 -25.96 5.43 19.67
N LEU A 85 -25.68 6.73 19.65
CA LEU A 85 -25.36 7.46 20.88
C LEU A 85 -26.58 7.82 21.72
N ALA A 86 -27.72 8.06 21.09
CA ALA A 86 -28.95 8.45 21.78
C ALA A 86 -29.42 7.35 22.73
N ASP A 87 -29.22 6.10 22.31
CA ASP A 87 -29.56 4.92 23.11
C ASP A 87 -30.98 5.03 23.69
N ARG A 88 -31.94 5.32 22.81
CA ARG A 88 -33.32 5.60 23.20
C ARG A 88 -34.32 4.82 22.34
N HIS A 89 -34.16 4.89 21.02
CA HIS A 89 -35.06 4.18 20.12
C HIS A 89 -34.60 2.76 19.86
N GLY A 90 -35.58 1.87 19.70
CA GLY A 90 -35.30 0.46 19.54
C GLY A 90 -35.00 0.07 18.10
N HIS A 91 -35.43 0.90 17.17
CA HIS A 91 -35.16 0.66 15.76
C HIS A 91 -35.15 1.93 14.95
N THR A 92 -34.52 1.86 13.78
CA THR A 92 -34.60 2.92 12.78
C THR A 92 -34.43 2.35 11.37
N VAL A 93 -34.82 3.13 10.38
CA VAL A 93 -34.75 2.70 8.98
C VAL A 93 -34.11 3.79 8.12
N ILE A 94 -33.15 3.41 7.31
CA ILE A 94 -32.67 4.28 6.23
C ILE A 94 -33.33 3.83 4.94
N ARG A 95 -34.17 4.70 4.39
CA ARG A 95 -34.99 4.37 3.21
C ARG A 95 -34.48 5.02 1.93
N GLY A 96 -34.70 4.33 0.82
CA GLY A 96 -34.49 4.89 -0.51
C GLY A 96 -33.17 4.60 -1.21
N HIS A 97 -32.53 3.48 -0.86
CA HIS A 97 -31.33 3.01 -1.57
C HIS A 97 -31.66 2.52 -2.95
N ASP A 98 -30.71 2.71 -3.87
CA ASP A 98 -30.81 2.19 -5.23
C ASP A 98 -30.19 0.79 -5.29
N PHE A 99 -31.05 -0.23 -5.22
CA PHE A 99 -30.61 -1.61 -5.33
C PHE A 99 -30.94 -2.14 -6.73
N ASP A 100 -29.94 -2.09 -7.61
CA ASP A 100 -30.08 -2.50 -9.02
C ASP A 100 -30.54 -3.94 -9.20
N GLN A 101 -31.82 -4.11 -9.53
CA GLN A 101 -32.45 -5.43 -9.64
C GLN A 101 -31.84 -6.32 -10.74
N ARG A 102 -31.47 -5.69 -11.86
CA ARG A 102 -30.84 -6.40 -12.98
C ARG A 102 -29.47 -6.97 -12.60
N ARG A 103 -28.69 -6.18 -11.86
CA ARG A 103 -27.37 -6.62 -11.40
C ARG A 103 -27.51 -7.68 -10.31
N ILE A 104 -28.43 -7.46 -9.38
CA ILE A 104 -28.67 -8.38 -8.27
C ILE A 104 -29.10 -9.78 -8.73
N GLY A 105 -30.05 -9.83 -9.66
CA GLY A 105 -30.48 -11.10 -10.25
C GLY A 105 -31.53 -11.86 -9.44
N PRO A 106 -31.87 -13.08 -9.90
CA PRO A 106 -32.88 -13.92 -9.28
C PRO A 106 -32.58 -14.23 -7.83
N THR A 107 -33.63 -14.34 -7.01
CA THR A 107 -33.51 -14.78 -5.63
C THR A 107 -33.11 -16.26 -5.67
N PRO A 108 -32.01 -16.61 -4.97
CA PRO A 108 -31.46 -17.97 -5.07
C PRO A 108 -32.38 -19.02 -4.45
N ASP A 109 -32.17 -20.28 -4.83
CA ASP A 109 -32.94 -21.40 -4.31
C ASP A 109 -32.41 -21.90 -2.97
N HIS A 110 -31.14 -21.60 -2.70
CA HIS A 110 -30.48 -22.01 -1.45
C HIS A 110 -29.20 -21.24 -1.26
N TRP A 111 -28.82 -21.03 -0.01
CA TRP A 111 -27.55 -20.38 0.30
C TRP A 111 -26.34 -21.28 0.10
N ARG A 112 -26.56 -22.60 0.17
CA ARG A 112 -25.48 -23.57 -0.04
C ARG A 112 -25.16 -23.72 -1.53
N GLY A 113 -23.87 -23.83 -1.84
CA GLY A 113 -23.42 -24.00 -3.22
C GLY A 113 -23.62 -22.81 -4.13
N ARG A 114 -23.54 -21.61 -3.58
CA ARG A 114 -23.53 -20.39 -4.39
C ARG A 114 -22.10 -19.89 -4.53
N VAL A 115 -21.77 -19.36 -5.72
CA VAL A 115 -20.54 -18.62 -5.91
C VAL A 115 -20.54 -17.45 -4.94
N ARG A 116 -19.45 -17.33 -4.17
CA ARG A 116 -19.33 -16.27 -3.18
C ARG A 116 -18.07 -15.46 -3.45
N PRO A 117 -18.20 -14.12 -3.53
CA PRO A 117 -19.46 -13.39 -3.42
C PRO A 117 -20.26 -13.41 -4.72
N GLY A 118 -21.58 -13.29 -4.59
CA GLY A 118 -22.46 -13.25 -5.75
C GLY A 118 -22.58 -11.86 -6.33
N PRO A 119 -23.48 -11.68 -7.31
CA PRO A 119 -23.69 -10.37 -7.95
C PRO A 119 -24.23 -9.28 -7.01
N GLU A 120 -24.77 -9.67 -5.86
CA GLU A 120 -25.31 -8.73 -4.88
C GLU A 120 -24.26 -8.26 -3.85
N PHE A 121 -22.99 -8.55 -4.14
CA PHE A 121 -21.85 -8.13 -3.31
C PHE A 121 -21.85 -6.63 -2.92
N PRO A 122 -22.23 -5.72 -3.85
CA PRO A 122 -22.27 -4.31 -3.43
C PRO A 122 -23.21 -4.04 -2.25
N GLU A 123 -24.39 -4.65 -2.25
CA GLU A 123 -25.36 -4.51 -1.15
C GLU A 123 -24.87 -5.09 0.18
N GLU A 124 -24.20 -6.23 0.10
CA GLU A 124 -23.61 -6.86 1.29
C GLU A 124 -22.53 -5.97 1.88
N LEU A 125 -21.74 -5.33 1.02
CA LEU A 125 -20.72 -4.39 1.44
C LEU A 125 -21.33 -3.20 2.15
N LEU A 126 -22.49 -2.76 1.67
CA LEU A 126 -23.20 -1.64 2.26
C LEU A 126 -23.54 -1.91 3.71
N LEU A 127 -24.14 -3.08 3.96
CA LEU A 127 -24.55 -3.44 5.31
C LEU A 127 -23.34 -3.63 6.23
N MET A 128 -22.22 -4.02 5.65
CA MET A 128 -20.97 -4.15 6.41
C MET A 128 -20.38 -2.79 6.75
N LEU A 129 -20.54 -1.81 5.84
CA LEU A 129 -20.14 -0.44 6.13
C LEU A 129 -20.98 0.12 7.27
N TYR A 130 -22.28 -0.15 7.21
CA TYR A 130 -23.21 0.30 8.23
C TYR A 130 -22.90 -0.31 9.60
N SER A 131 -22.54 -1.58 9.61
CA SER A 131 -22.23 -2.29 10.84
C SER A 131 -20.96 -1.76 11.49
N ALA A 132 -20.01 -1.33 10.67
CA ALA A 132 -18.76 -0.74 11.16
C ALA A 132 -19.01 0.63 11.82
N LEU A 133 -20.04 1.33 11.37
CA LEU A 133 -20.48 2.56 12.02
C LEU A 133 -21.13 2.29 13.39
N LEU A 134 -21.85 1.18 13.51
CA LEU A 134 -22.52 0.84 14.76
C LEU A 134 -21.65 0.02 15.71
N GLY A 135 -20.70 -0.76 15.17
CA GLY A 135 -19.83 -1.60 15.98
C GLY A 135 -18.97 -2.49 15.11
N GLU A 136 -18.91 -3.78 15.44
CA GLU A 136 -18.21 -4.75 14.63
C GLU A 136 -19.17 -5.83 14.13
N PRO A 137 -19.06 -6.20 12.84
CA PRO A 137 -19.80 -7.35 12.31
C PRO A 137 -19.22 -8.66 12.87
N PHE A 138 -20.11 -9.59 13.18
CA PHE A 138 -19.73 -10.92 13.61
C PHE A 138 -20.80 -11.91 13.16
N GLY A 139 -20.48 -13.20 13.24
CA GLY A 139 -21.43 -14.24 12.91
C GLY A 139 -21.36 -15.44 13.83
N TRP A 140 -22.23 -16.41 13.58
CA TRP A 140 -22.20 -17.67 14.29
C TRP A 140 -21.70 -18.70 13.34
N ALA A 141 -20.72 -19.48 13.79
CA ALA A 141 -20.08 -20.51 12.98
C ALA A 141 -21.07 -21.50 12.36
N THR A 142 -22.12 -21.84 13.11
CA THR A 142 -23.12 -22.81 12.63
C THR A 142 -24.04 -22.22 11.56
N GLN A 143 -24.26 -20.91 11.62
CA GLN A 143 -25.19 -20.22 10.72
C GLN A 143 -24.65 -19.97 9.31
N GLN A 144 -25.34 -20.55 8.33
CA GLN A 144 -25.02 -20.37 6.91
C GLN A 144 -23.52 -20.35 6.58
N ASP A 145 -22.81 -21.38 7.03
CA ASP A 145 -21.37 -21.57 6.76
C ASP A 145 -20.45 -20.47 7.32
N GLY A 146 -20.95 -19.72 8.30
CA GLY A 146 -20.19 -18.64 8.91
C GLY A 146 -20.07 -17.38 8.07
N HIS A 147 -21.00 -17.16 7.14
CA HIS A 147 -21.02 -15.94 6.35
C HIS A 147 -21.43 -14.78 7.21
N LEU A 148 -20.63 -13.72 7.20
CA LEU A 148 -20.89 -12.55 8.05
C LEU A 148 -22.16 -11.81 7.63
N VAL A 149 -22.39 -11.70 6.33
CA VAL A 149 -23.68 -11.24 5.80
C VAL A 149 -24.41 -12.49 5.38
N HIS A 150 -25.57 -12.74 5.97
CA HIS A 150 -26.33 -13.92 5.59
C HIS A 150 -27.66 -13.63 4.96
N ASP A 151 -28.25 -14.66 4.36
CA ASP A 151 -29.43 -14.52 3.53
C ASP A 151 -30.72 -14.82 4.26
N ILE A 152 -31.77 -14.11 3.87
CA ILE A 152 -33.13 -14.38 4.33
C ILE A 152 -34.05 -14.45 3.11
N PHE A 153 -34.21 -15.66 2.58
CA PHE A 153 -35.14 -15.94 1.49
C PHE A 153 -35.75 -17.34 1.66
N PRO A 154 -36.92 -17.60 1.05
CA PRO A 154 -37.57 -18.89 1.22
C PRO A 154 -36.84 -20.03 0.54
N ILE A 155 -36.55 -21.08 1.30
CA ILE A 155 -36.06 -22.33 0.74
C ILE A 155 -37.16 -23.38 0.90
N ARG A 156 -37.45 -24.11 -0.18
CA ARG A 156 -38.56 -25.08 -0.22
C ARG A 156 -38.53 -26.10 0.91
N SER A 157 -37.36 -26.71 1.12
CA SER A 157 -37.18 -27.71 2.16
C SER A 157 -37.30 -27.16 3.58
N HIS A 158 -37.33 -25.83 3.69
CA HIS A 158 -37.43 -25.13 4.97
C HIS A 158 -38.80 -24.53 5.18
N GLU A 159 -39.75 -24.91 4.33
CA GLU A 159 -41.08 -24.31 4.31
C GLU A 159 -41.84 -24.45 5.64
N ASN A 160 -41.67 -25.59 6.31
CA ASN A 160 -42.35 -25.89 7.56
C ASN A 160 -41.57 -25.46 8.82
N ASP A 161 -40.39 -24.85 8.62
CA ASP A 161 -39.55 -24.42 9.72
C ASP A 161 -39.93 -23.03 10.22
N GLN A 162 -39.85 -22.84 11.54
CA GLN A 162 -40.03 -21.53 12.15
C GLN A 162 -38.66 -20.84 12.25
N LEU A 163 -38.10 -20.52 11.09
CA LEU A 163 -36.78 -19.92 10.98
C LEU A 163 -36.79 -18.83 9.90
N GLY A 164 -35.64 -18.20 9.68
CA GLY A 164 -35.50 -17.12 8.71
C GLY A 164 -35.74 -17.54 7.27
N MET A 165 -35.27 -18.73 6.92
CA MET A 165 -35.41 -19.26 5.56
C MET A 165 -36.80 -19.84 5.28
N GLY A 166 -37.69 -19.77 6.27
CA GLY A 166 -39.07 -20.22 6.12
C GLY A 166 -39.93 -19.23 5.36
N SER A 167 -41.25 -19.42 5.44
CA SER A 167 -42.21 -18.57 4.75
C SER A 167 -43.62 -18.75 5.30
N LYS A 168 -44.09 -20.00 5.28
CA LYS A 168 -45.46 -20.36 5.67
C LYS A 168 -45.73 -20.15 7.17
N GLN A 169 -44.72 -20.43 7.98
CA GLN A 169 -44.85 -20.34 9.44
C GLN A 169 -44.58 -18.92 9.93
N LEU A 170 -45.39 -18.49 10.90
CA LEU A 170 -45.21 -17.20 11.56
C LEU A 170 -43.94 -17.20 12.40
N LEU A 171 -43.07 -16.25 12.12
CA LEU A 171 -41.86 -16.06 12.93
C LEU A 171 -42.24 -15.15 14.09
N THR A 172 -42.54 -15.76 15.22
CA THR A 172 -43.00 -15.03 16.42
C THR A 172 -41.90 -14.16 17.02
N TRP A 173 -42.31 -13.03 17.58
CA TRP A 173 -41.34 -11.99 17.99
C TRP A 173 -40.46 -12.38 19.14
N HIS A 174 -39.24 -11.85 19.13
CA HIS A 174 -38.29 -12.07 20.23
C HIS A 174 -37.04 -11.24 20.10
N THR A 175 -36.37 -11.07 21.24
CA THR A 175 -34.98 -10.65 21.29
C THR A 175 -34.14 -11.80 20.73
N GLU A 176 -33.21 -11.48 19.83
CA GLU A 176 -32.32 -12.47 19.24
C GLU A 176 -31.35 -13.05 20.26
N ASP A 177 -31.38 -14.38 20.41
CA ASP A 177 -30.49 -15.12 21.32
C ASP A 177 -30.51 -14.58 22.75
N ALA A 178 -31.72 -14.41 23.29
CA ALA A 178 -31.93 -13.79 24.60
C ALA A 178 -31.04 -14.36 25.69
N PHE A 179 -30.88 -15.68 25.69
CA PHE A 179 -30.06 -16.40 26.65
C PHE A 179 -28.57 -16.03 26.59
N HIS A 180 -28.07 -15.82 25.37
CA HIS A 180 -26.63 -15.73 25.13
C HIS A 180 -26.02 -14.45 25.65
N PRO A 181 -24.89 -14.55 26.37
CA PRO A 181 -24.21 -13.36 26.86
C PRO A 181 -23.59 -12.52 25.74
N TYR A 182 -23.22 -13.17 24.64
CA TYR A 182 -22.61 -12.49 23.50
C TYR A 182 -23.55 -12.42 22.30
N ARG A 183 -24.85 -12.37 22.58
CA ARG A 183 -25.88 -12.14 21.56
C ARG A 183 -25.64 -10.79 20.88
N SER A 184 -26.26 -10.59 19.72
CA SER A 184 -26.13 -9.33 18.98
C SER A 184 -26.54 -8.13 19.82
N ASP A 185 -25.80 -7.04 19.66
CA ASP A 185 -26.19 -5.75 20.20
C ASP A 185 -27.14 -5.05 19.22
N TYR A 186 -26.84 -5.17 17.93
CA TYR A 186 -27.70 -4.64 16.88
C TYR A 186 -27.87 -5.63 15.74
N LEU A 187 -28.94 -5.45 14.97
CA LEU A 187 -29.17 -6.24 13.77
C LEU A 187 -29.41 -5.31 12.60
N ILE A 188 -28.73 -5.59 11.50
CA ILE A 188 -28.92 -4.83 10.28
C ILE A 188 -29.57 -5.70 9.21
N LEU A 189 -30.74 -5.26 8.75
CA LEU A 189 -31.51 -5.98 7.77
C LEU A 189 -31.73 -5.13 6.52
N GLY A 190 -31.14 -5.56 5.41
CA GLY A 190 -31.29 -4.87 4.13
C GLY A 190 -32.16 -5.63 3.16
N ALA A 191 -33.18 -4.96 2.63
CA ALA A 191 -34.14 -5.60 1.74
C ALA A 191 -33.76 -5.43 0.27
N LEU A 192 -33.28 -6.52 -0.33
CA LEU A 192 -32.93 -6.52 -1.75
C LEU A 192 -34.19 -6.50 -2.60
N ARG A 193 -35.18 -7.26 -2.16
CA ARG A 193 -36.53 -7.21 -2.73
C ARG A 193 -37.58 -7.69 -1.74
N ASN A 194 -38.78 -7.14 -1.87
CA ASN A 194 -39.94 -7.49 -1.07
C ASN A 194 -41.19 -7.23 -1.90
N PRO A 195 -41.39 -8.02 -2.98
CA PRO A 195 -42.44 -7.71 -3.97
C PRO A 195 -43.84 -7.59 -3.36
N ASP A 196 -44.15 -8.41 -2.35
CA ASP A 196 -45.47 -8.44 -1.73
C ASP A 196 -45.53 -7.66 -0.40
N HIS A 197 -44.47 -6.90 -0.13
CA HIS A 197 -44.42 -5.97 1.00
C HIS A 197 -44.69 -6.66 2.33
N VAL A 198 -44.06 -7.80 2.51
CA VAL A 198 -44.21 -8.61 3.73
C VAL A 198 -43.51 -7.91 4.89
N PRO A 199 -44.27 -7.51 5.92
CA PRO A 199 -43.70 -6.71 7.00
C PRO A 199 -42.90 -7.52 8.00
N THR A 200 -41.89 -6.88 8.55
CA THR A 200 -41.16 -7.38 9.72
C THR A 200 -41.87 -6.77 10.93
N THR A 201 -42.14 -7.60 11.93
CA THR A 201 -42.71 -7.08 13.16
C THR A 201 -41.58 -6.63 14.08
N VAL A 202 -41.76 -5.45 14.68
CA VAL A 202 -40.81 -4.97 15.67
C VAL A 202 -41.58 -4.30 16.81
N GLY A 203 -41.17 -4.61 18.05
CA GLY A 203 -41.83 -4.08 19.23
C GLY A 203 -40.86 -3.53 20.25
N GLU A 204 -41.25 -2.43 20.89
CA GLU A 204 -40.43 -1.77 21.91
C GLU A 204 -41.12 -1.79 23.28
N LEU A 205 -40.39 -1.37 24.31
CA LEU A 205 -40.91 -1.31 25.67
C LEU A 205 -41.40 0.09 26.01
N ASP A 206 -42.71 0.19 26.24
CA ASP A 206 -43.30 1.40 26.82
C ASP A 206 -43.28 1.24 28.33
N LEU A 207 -42.30 1.87 28.98
CA LEU A 207 -42.08 1.67 30.41
C LEU A 207 -43.16 2.27 31.30
N SER A 208 -43.87 3.28 30.80
CA SER A 208 -44.95 3.92 31.55
C SER A 208 -46.16 2.98 31.73
N SER A 209 -46.23 1.95 30.90
CA SER A 209 -47.33 0.99 30.93
C SER A 209 -47.16 -0.09 32.00
N LEU A 210 -46.04 -0.06 32.72
CA LEU A 210 -45.74 -1.03 33.77
C LEU A 210 -45.64 -0.37 35.14
N SER A 211 -46.13 -1.06 36.16
CA SER A 211 -46.06 -0.57 37.53
C SER A 211 -44.62 -0.62 38.05
N ALA A 212 -44.31 0.26 38.99
CA ALA A 212 -42.95 0.36 39.54
C ALA A 212 -42.49 -0.90 40.28
N GLU A 213 -43.45 -1.62 40.86
CA GLU A 213 -43.14 -2.89 41.53
C GLU A 213 -42.76 -3.98 40.51
N ASP A 214 -43.49 -4.03 39.40
CA ASP A 214 -43.20 -4.98 38.31
C ASP A 214 -41.82 -4.77 37.69
N ILE A 215 -41.48 -3.51 37.44
CA ILE A 215 -40.16 -3.15 36.91
C ILE A 215 -39.04 -3.60 37.83
N ASP A 216 -39.21 -3.39 39.15
CA ASP A 216 -38.25 -3.81 40.15
C ASP A 216 -38.03 -5.32 40.18
N VAL A 217 -39.10 -6.07 39.93
CA VAL A 217 -39.04 -7.54 39.90
C VAL A 217 -38.35 -8.02 38.62
N LEU A 218 -38.69 -7.40 37.49
CA LEU A 218 -38.09 -7.74 36.19
C LEU A 218 -36.59 -7.46 36.16
N PHE A 219 -36.16 -6.56 37.04
CA PHE A 219 -34.75 -6.19 37.19
C PHE A 219 -33.95 -7.18 38.00
N GLU A 220 -34.64 -8.09 38.66
CA GLU A 220 -34.00 -9.02 39.59
C GLU A 220 -33.76 -10.39 38.96
N PRO A 221 -32.72 -11.11 39.41
CA PRO A 221 -32.41 -12.44 38.86
C PRO A 221 -33.44 -13.50 39.26
N ARG A 222 -34.56 -13.52 38.53
CA ARG A 222 -35.69 -14.39 38.88
C ARG A 222 -36.21 -15.21 37.71
N TYR A 223 -35.53 -15.15 36.56
CA TYR A 223 -36.02 -15.82 35.36
C TYR A 223 -34.98 -16.74 34.74
N HIS A 224 -35.42 -17.86 34.21
CA HIS A 224 -34.55 -18.74 33.45
C HIS A 224 -34.81 -18.62 31.99
N ILE A 225 -33.75 -18.40 31.22
CA ILE A 225 -33.87 -18.31 29.78
C ILE A 225 -33.13 -19.48 29.17
N ALA A 226 -33.85 -20.26 28.37
CA ALA A 226 -33.30 -21.44 27.72
C ALA A 226 -32.53 -21.06 26.47
N PRO A 227 -31.40 -21.75 26.22
CA PRO A 227 -30.67 -21.59 24.96
C PRO A 227 -31.42 -22.20 23.78
N ASP A 228 -31.27 -21.57 22.62
CA ASP A 228 -31.67 -22.15 21.35
C ASP A 228 -30.76 -23.37 21.11
N GLU A 229 -31.28 -24.40 20.44
CA GLU A 229 -30.55 -25.67 20.32
C GLU A 229 -29.24 -25.58 19.52
N SER A 230 -29.11 -24.54 18.70
CA SER A 230 -27.88 -24.31 17.95
C SER A 230 -26.73 -23.84 18.83
N HIS A 231 -27.04 -23.52 20.09
CA HIS A 231 -26.03 -23.04 21.05
C HIS A 231 -25.55 -24.10 22.00
N LEU A 232 -26.24 -25.23 22.02
CA LEU A 232 -25.93 -26.32 22.94
C LEU A 232 -24.57 -26.95 22.64
N PRO A 233 -23.66 -26.96 23.64
CA PRO A 233 -22.33 -27.57 23.49
C PRO A 233 -22.37 -29.07 23.20
N LYS A 234 -23.47 -29.73 23.52
CA LYS A 234 -23.66 -31.14 23.16
C LYS A 234 -24.14 -31.29 21.72
N ASN A 235 -24.70 -30.20 21.17
CA ASN A 235 -25.18 -30.17 19.79
C ASN A 235 -24.00 -30.10 18.82
N ASN A 236 -23.25 -29.01 18.87
CA ASN A 236 -22.04 -28.84 18.07
C ASN A 236 -20.80 -29.28 18.85
N THR A 237 -19.85 -29.90 18.15
CA THR A 237 -18.59 -30.35 18.74
C THR A 237 -17.62 -29.16 18.90
N ILE A 238 -16.78 -29.08 19.94
CA ILE A 238 -16.44 -30.10 20.98
C ILE A 238 -15.57 -31.29 20.52
N ALA A 239 -15.09 -32.08 21.49
CA ALA A 239 -14.03 -33.08 21.30
C ALA A 239 -12.68 -32.37 21.10
N THR A 240 -11.72 -32.73 21.95
CA THR A 240 -10.40 -32.06 22.12
C THR A 240 -10.45 -30.85 23.06
N GLU A 241 -9.35 -30.64 23.78
CA GLU A 241 -9.19 -29.60 24.79
C GLU A 241 -9.66 -28.21 24.34
N GLU A 242 -9.12 -27.76 23.21
CA GLU A 242 -9.31 -26.40 22.71
C GLU A 242 -10.77 -25.99 22.49
N GLU A 243 -11.54 -26.92 21.93
CA GLU A 243 -12.94 -26.66 21.59
C GLU A 243 -13.89 -26.82 22.78
N ALA A 244 -13.53 -27.69 23.72
CA ALA A 244 -14.29 -27.87 24.95
C ALA A 244 -14.25 -26.59 25.80
N ALA A 245 -13.07 -25.99 25.88
CA ALA A 245 -12.87 -24.74 26.62
C ALA A 245 -13.56 -23.55 25.95
N ARG A 246 -14.00 -23.74 24.70
CA ARG A 246 -14.65 -22.71 23.91
C ARG A 246 -16.14 -22.60 24.23
N PHE A 247 -16.67 -23.61 24.93
CA PHE A 247 -18.08 -23.64 25.33
C PHE A 247 -18.26 -23.82 26.84
N ALA A 248 -17.19 -23.55 27.60
CA ALA A 248 -17.18 -23.76 29.06
C ALA A 248 -18.20 -22.90 29.80
N THR A 249 -18.36 -21.65 29.36
CA THR A 249 -19.33 -20.74 29.98
C THR A 249 -20.77 -21.17 29.67
N ILE A 250 -21.06 -21.50 28.42
CA ILE A 250 -22.39 -21.97 28.04
C ILE A 250 -22.72 -23.26 28.79
N GLN A 251 -21.73 -24.15 28.89
CA GLN A 251 -21.89 -25.43 29.58
C GLN A 251 -22.30 -25.27 31.04
N ARG A 252 -21.68 -24.30 31.74
CA ARG A 252 -22.02 -24.05 33.14
C ARG A 252 -23.31 -23.23 33.31
N MET A 253 -23.73 -22.55 32.25
CA MET A 253 -25.05 -21.92 32.24
C MET A 253 -26.13 -22.99 32.17
N ILE A 254 -25.85 -24.04 31.40
CA ILE A 254 -26.77 -25.17 31.26
C ILE A 254 -26.78 -26.07 32.51
N ASP A 255 -25.61 -26.26 33.12
CA ASP A 255 -25.47 -27.13 34.29
C ASP A 255 -26.04 -26.52 35.58
N GLU A 256 -25.93 -25.21 35.72
CA GLU A 256 -26.34 -24.53 36.96
C GLU A 256 -27.70 -23.86 36.84
N ARG A 257 -28.09 -23.55 35.61
CA ARG A 257 -29.33 -22.84 35.32
C ARG A 257 -29.50 -21.57 36.17
N PRO A 258 -28.57 -20.62 36.03
CA PRO A 258 -28.69 -19.39 36.81
C PRO A 258 -29.90 -18.59 36.37
N LEU A 259 -30.55 -17.95 37.34
CA LEU A 259 -31.68 -17.08 37.05
C LEU A 259 -31.15 -15.69 36.74
N GLY A 260 -31.82 -15.00 35.82
CA GLY A 260 -31.40 -13.67 35.40
C GLY A 260 -32.56 -12.73 35.18
N PRO A 261 -32.27 -11.42 35.09
CA PRO A 261 -33.32 -10.41 34.91
C PRO A 261 -33.82 -10.35 33.47
N LEU A 262 -35.00 -9.78 33.26
CA LEU A 262 -35.51 -9.53 31.92
C LEU A 262 -35.35 -8.07 31.52
N LEU A 263 -35.06 -7.22 32.52
CA LEU A 263 -34.81 -5.81 32.30
C LEU A 263 -33.53 -5.42 33.02
N TYR A 264 -32.69 -4.62 32.36
CA TYR A 264 -31.38 -4.24 32.89
C TYR A 264 -30.95 -2.85 32.39
N GLY A 265 -29.77 -2.42 32.81
CA GLY A 265 -29.27 -1.08 32.49
C GLY A 265 -29.85 -0.05 33.43
N SER A 266 -30.54 0.96 32.87
CA SER A 266 -31.12 2.04 33.65
C SER A 266 -32.60 1.79 33.97
N ARG A 267 -32.95 1.94 35.24
CA ARG A 267 -34.31 1.68 35.71
C ARG A 267 -35.32 2.71 35.20
N LEU A 268 -34.82 3.76 34.56
CA LEU A 268 -35.66 4.82 33.99
C LEU A 268 -35.91 4.62 32.49
N ASP A 269 -35.03 3.87 31.84
CA ASP A 269 -35.12 3.55 30.41
C ASP A 269 -34.38 2.24 30.15
N PRO A 270 -34.98 1.11 30.58
CA PRO A 270 -34.23 -0.15 30.65
C PRO A 270 -34.04 -0.87 29.32
N TYR A 271 -32.93 -1.59 29.21
CA TYR A 271 -32.74 -2.57 28.16
C TYR A 271 -33.58 -3.81 28.50
N MET A 272 -33.98 -4.56 27.48
CA MET A 272 -34.74 -5.79 27.70
C MET A 272 -34.19 -6.99 26.93
N ARG A 273 -34.42 -8.17 27.47
CA ARG A 273 -34.19 -9.41 26.74
C ARG A 273 -35.38 -10.34 26.89
N LEU A 274 -36.18 -10.40 25.84
CA LEU A 274 -37.46 -11.07 25.89
C LEU A 274 -37.70 -12.00 24.70
N ASP A 275 -37.47 -13.29 24.94
CA ASP A 275 -37.89 -14.34 24.04
C ASP A 275 -38.89 -15.21 24.78
N PRO A 276 -40.20 -14.93 24.60
CA PRO A 276 -41.26 -15.67 25.28
C PRO A 276 -41.12 -17.19 25.22
N TYR A 277 -40.62 -17.71 24.10
CA TYR A 277 -40.56 -19.17 23.89
C TYR A 277 -39.52 -19.89 24.73
N PHE A 278 -38.49 -19.16 25.15
CA PHE A 278 -37.38 -19.75 25.89
C PHE A 278 -37.32 -19.28 27.35
N THR A 279 -38.29 -18.46 27.74
CA THR A 279 -38.35 -17.92 29.09
C THR A 279 -39.16 -18.83 30.01
N SER A 280 -38.58 -19.18 31.15
CA SER A 280 -39.25 -19.95 32.19
C SER A 280 -39.40 -19.10 33.43
N VAL A 281 -40.64 -18.93 33.87
CA VAL A 281 -40.90 -18.28 35.13
C VAL A 281 -41.07 -19.38 36.16
N PRO A 282 -40.20 -19.41 37.19
CA PRO A 282 -40.32 -20.45 38.22
C PRO A 282 -41.74 -20.44 38.80
N GLN A 283 -42.32 -21.63 38.97
CA GLN A 283 -43.73 -21.78 39.37
C GLN A 283 -44.05 -21.10 40.70
N ASP A 284 -43.13 -21.23 41.66
CA ASP A 284 -43.32 -20.66 43.00
C ASP A 284 -43.25 -19.15 43.04
N ASP A 285 -42.48 -18.55 42.13
CA ASP A 285 -42.30 -17.10 42.12
C ASP A 285 -43.51 -16.37 41.52
N THR A 286 -44.48 -16.08 42.38
CA THR A 286 -45.75 -15.47 42.00
C THR A 286 -45.59 -14.01 41.53
N ASP A 287 -44.68 -13.28 42.14
CA ASP A 287 -44.39 -11.89 41.76
C ASP A 287 -43.74 -11.81 40.38
N ALA A 288 -42.86 -12.77 40.09
CA ALA A 288 -42.20 -12.85 38.78
C ALA A 288 -43.17 -13.19 37.66
N ARG A 289 -44.12 -14.07 37.95
CA ARG A 289 -45.15 -14.46 36.98
C ARG A 289 -46.12 -13.33 36.65
N ARG A 290 -46.46 -12.54 37.68
CA ARG A 290 -47.31 -11.37 37.51
C ARG A 290 -46.62 -10.30 36.67
N ALA A 291 -45.36 -10.02 37.00
CA ALA A 291 -44.56 -9.02 36.27
C ALA A 291 -44.24 -9.45 34.84
N TYR A 292 -43.96 -10.73 34.64
CA TYR A 292 -43.72 -11.26 33.29
C TYR A 292 -44.94 -11.07 32.41
N ASP A 293 -46.10 -11.55 32.89
CA ASP A 293 -47.37 -11.41 32.17
C ASP A 293 -47.65 -9.95 31.83
N ALA A 294 -47.32 -9.06 32.76
CA ALA A 294 -47.44 -7.62 32.55
C ALA A 294 -46.52 -7.14 31.43
N LEU A 295 -45.26 -7.58 31.47
CA LEU A 295 -44.25 -7.18 30.47
C LEU A 295 -44.59 -7.70 29.07
N PHE A 296 -45.06 -8.94 29.01
CA PHE A 296 -45.44 -9.58 27.75
C PHE A 296 -46.60 -8.84 27.09
N LYS A 297 -47.60 -8.50 27.89
CA LYS A 297 -48.81 -7.82 27.42
C LYS A 297 -48.49 -6.44 26.84
N VAL A 298 -47.61 -5.71 27.49
CA VAL A 298 -47.16 -4.39 27.06
C VAL A 298 -46.45 -4.45 25.70
N VAL A 299 -45.51 -5.38 25.59
CA VAL A 299 -44.70 -5.55 24.37
C VAL A 299 -45.52 -6.07 23.20
N ASP A 300 -46.43 -7.01 23.49
CA ASP A 300 -47.27 -7.62 22.46
C ASP A 300 -48.26 -6.62 21.86
N SER A 301 -48.85 -5.78 22.69
CA SER A 301 -49.81 -4.77 22.23
C SER A 301 -49.12 -3.62 21.52
N GLY A 302 -47.85 -3.38 21.85
CA GLY A 302 -47.07 -2.33 21.22
C GLY A 302 -46.36 -2.72 19.93
N MET A 303 -46.57 -3.98 19.50
CA MET A 303 -45.95 -4.52 18.29
C MET A 303 -46.31 -3.70 17.06
N ARG A 304 -45.28 -3.40 16.26
CA ARG A 304 -45.45 -2.57 15.08
C ARG A 304 -45.04 -3.36 13.85
N GLU A 305 -45.81 -3.24 12.79
CA GLU A 305 -45.44 -3.81 11.50
C GLU A 305 -44.63 -2.78 10.70
N VAL A 306 -43.37 -3.11 10.44
CA VAL A 306 -42.47 -2.23 9.70
C VAL A 306 -42.07 -2.90 8.38
N VAL A 307 -42.47 -2.29 7.27
CA VAL A 307 -42.19 -2.84 5.96
C VAL A 307 -40.81 -2.41 5.51
N ALA A 308 -39.93 -3.40 5.36
CA ALA A 308 -38.64 -3.20 4.74
C ALA A 308 -38.84 -3.50 3.26
N ASP A 309 -39.16 -2.45 2.50
CA ASP A 309 -39.32 -2.55 1.06
C ASP A 309 -37.96 -2.55 0.39
N GLN A 310 -37.95 -2.79 -0.91
CA GLN A 310 -36.75 -2.68 -1.73
C GLN A 310 -36.01 -1.37 -1.45
N GLY A 311 -34.72 -1.48 -1.12
CA GLY A 311 -33.89 -0.32 -0.85
C GLY A 311 -33.96 0.19 0.57
N ASP A 312 -34.69 -0.52 1.43
CA ASP A 312 -34.77 -0.17 2.83
C ASP A 312 -33.76 -0.97 3.63
N VAL A 313 -33.10 -0.30 4.56
CA VAL A 313 -32.18 -0.95 5.49
C VAL A 313 -32.67 -0.74 6.92
N LEU A 314 -33.07 -1.84 7.56
CA LEU A 314 -33.64 -1.82 8.89
C LEU A 314 -32.57 -2.03 9.96
N PHE A 315 -32.53 -1.11 10.92
CA PHE A 315 -31.65 -1.22 12.07
C PHE A 315 -32.51 -1.57 13.28
N ILE A 316 -32.15 -2.65 13.97
CA ILE A 316 -32.81 -3.07 15.20
C ILE A 316 -31.80 -3.05 16.35
N ASP A 317 -32.17 -2.40 17.46
CA ASP A 317 -31.41 -2.47 18.71
C ASP A 317 -31.89 -3.72 19.44
N ASN A 318 -30.99 -4.70 19.58
CA ASN A 318 -31.33 -5.98 20.21
C ASN A 318 -31.51 -5.86 21.72
N HIS A 319 -31.20 -4.69 22.27
CA HIS A 319 -31.38 -4.45 23.70
C HIS A 319 -32.56 -3.58 24.02
N ARG A 320 -33.27 -3.11 22.99
CA ARG A 320 -34.44 -2.24 23.18
C ARG A 320 -35.65 -2.68 22.35
N ALA A 321 -35.44 -3.63 21.43
CA ALA A 321 -36.53 -4.09 20.58
C ALA A 321 -36.54 -5.60 20.41
N VAL A 322 -37.75 -6.14 20.32
CA VAL A 322 -37.94 -7.50 19.82
C VAL A 322 -38.33 -7.39 18.36
N HIS A 323 -38.23 -8.48 17.62
CA HIS A 323 -38.60 -8.50 16.22
C HIS A 323 -39.03 -9.86 15.78
N GLY A 324 -39.89 -9.90 14.76
CA GLY A 324 -40.33 -11.14 14.16
C GLY A 324 -40.68 -10.91 12.71
N ARG A 325 -41.58 -11.73 12.17
CA ARG A 325 -41.96 -11.66 10.77
C ARG A 325 -43.25 -12.43 10.53
N LEU A 326 -44.16 -11.82 9.78
CA LEU A 326 -45.44 -12.42 9.45
C LEU A 326 -45.30 -13.53 8.40
N PRO A 327 -46.21 -14.54 8.43
CA PRO A 327 -46.20 -15.63 7.45
C PRO A 327 -46.55 -15.14 6.04
N PHE A 328 -45.94 -15.76 5.03
CA PHE A 328 -46.19 -15.42 3.64
C PHE A 328 -45.98 -16.63 2.73
N GLN A 329 -46.71 -16.67 1.62
CA GLN A 329 -46.59 -17.76 0.65
C GLN A 329 -45.46 -17.49 -0.33
N ALA A 330 -44.48 -18.40 -0.36
CA ALA A 330 -43.35 -18.30 -1.26
C ALA A 330 -43.74 -18.74 -2.66
N ARG A 331 -42.93 -18.36 -3.64
CA ARG A 331 -43.15 -18.77 -5.01
C ARG A 331 -42.07 -19.71 -5.55
N TYR A 332 -40.86 -19.60 -4.99
CA TYR A 332 -39.70 -20.42 -5.37
C TYR A 332 -39.34 -20.30 -6.86
N ASP A 333 -39.56 -19.12 -7.43
CA ASP A 333 -39.34 -18.91 -8.88
C ASP A 333 -38.24 -17.89 -9.16
N GLY A 334 -37.50 -17.50 -8.12
CA GLY A 334 -36.43 -16.53 -8.24
C GLY A 334 -36.87 -15.09 -8.02
N THR A 335 -38.14 -14.90 -7.68
CA THR A 335 -38.69 -13.55 -7.50
C THR A 335 -39.03 -13.26 -6.04
N ASP A 336 -38.70 -14.19 -5.15
CA ASP A 336 -39.08 -14.08 -3.74
C ASP A 336 -38.37 -12.99 -2.93
N ARG A 337 -39.04 -12.57 -1.86
CA ARG A 337 -38.49 -11.67 -0.85
C ARG A 337 -37.06 -12.11 -0.48
N TRP A 338 -36.14 -11.16 -0.52
CA TRP A 338 -34.73 -11.43 -0.27
C TRP A 338 -34.14 -10.37 0.59
N LEU A 339 -33.69 -10.76 1.79
CA LEU A 339 -33.02 -9.84 2.72
C LEU A 339 -31.61 -10.29 3.06
N LYS A 340 -30.76 -9.32 3.35
CA LYS A 340 -29.42 -9.57 3.86
C LYS A 340 -29.37 -9.18 5.32
N ARG A 341 -28.64 -9.98 6.12
CA ARG A 341 -28.63 -9.79 7.56
C ARG A 341 -27.20 -9.77 8.10
N VAL A 342 -26.89 -8.76 8.90
CA VAL A 342 -25.61 -8.68 9.61
C VAL A 342 -25.88 -8.51 11.10
N CYS A 343 -25.19 -9.31 11.92
CA CYS A 343 -25.19 -9.15 13.35
C CYS A 343 -24.05 -8.22 13.77
N VAL A 344 -24.36 -7.28 14.67
CA VAL A 344 -23.40 -6.29 15.14
C VAL A 344 -23.14 -6.44 16.64
N THR A 345 -21.85 -6.49 17.00
CA THR A 345 -21.43 -6.45 18.41
C THR A 345 -20.69 -5.14 18.71
N SER A 346 -20.96 -4.58 19.88
CA SER A 346 -20.26 -3.38 20.32
C SER A 346 -18.87 -3.70 20.87
N ASP A 347 -18.59 -4.99 21.09
CA ASP A 347 -17.37 -5.42 21.76
C ASP A 347 -17.01 -6.83 21.30
N LEU A 348 -16.13 -6.91 20.31
CA LEU A 348 -15.75 -8.19 19.70
C LEU A 348 -14.95 -9.09 20.64
N ARG A 349 -14.17 -8.48 21.53
CA ARG A 349 -13.27 -9.23 22.41
C ARG A 349 -13.97 -9.81 23.64
N ARG A 350 -15.20 -9.38 23.87
CA ARG A 350 -16.02 -9.92 24.94
C ARG A 350 -16.33 -11.40 24.68
N SER A 351 -16.41 -11.77 23.42
CA SER A 351 -16.74 -13.14 23.01
C SER A 351 -15.50 -13.97 22.65
N ARG A 352 -14.33 -13.54 23.11
CA ARG A 352 -13.06 -14.17 22.74
C ARG A 352 -12.96 -15.64 23.13
N GLU A 353 -13.47 -15.99 24.31
CA GLU A 353 -13.46 -17.38 24.77
C GLU A 353 -14.16 -18.35 23.80
N MET A 354 -15.09 -17.81 23.02
CA MET A 354 -15.89 -18.63 22.09
C MET A 354 -15.41 -18.57 20.65
N ARG A 355 -14.34 -17.83 20.40
CA ARG A 355 -13.78 -17.73 19.06
C ARG A 355 -12.48 -18.52 18.94
N ALA A 356 -12.35 -19.29 17.87
CA ALA A 356 -11.19 -20.15 17.63
C ALA A 356 -9.85 -19.41 17.67
N THR A 357 -9.80 -18.26 17.00
CA THR A 357 -8.60 -17.42 16.95
C THR A 357 -8.97 -16.00 17.39
N SER A 358 -7.97 -15.14 17.52
CA SER A 358 -8.21 -13.72 17.82
C SER A 358 -8.82 -12.99 16.62
N ALA A 359 -8.43 -13.41 15.42
CA ALA A 359 -8.83 -12.76 14.17
C ALA A 359 -10.26 -13.10 13.73
N THR A 360 -10.75 -14.30 14.06
CA THR A 360 -12.04 -14.77 13.58
C THR A 360 -13.20 -14.01 14.23
N ARG A 361 -14.21 -13.70 13.42
CA ARG A 361 -15.44 -13.07 13.91
C ARG A 361 -16.58 -14.07 14.02
N LEU A 362 -16.22 -15.35 14.09
CA LEU A 362 -17.22 -16.41 14.21
C LEU A 362 -17.20 -17.00 15.61
N LEU A 363 -18.35 -16.97 16.27
CA LEU A 363 -18.51 -17.62 17.57
C LEU A 363 -18.87 -19.08 17.34
N GLY A 364 -18.22 -19.96 18.09
CA GLY A 364 -18.45 -21.41 17.99
C GLY A 364 -17.36 -22.13 17.23
N THR B 29 7.58 -6.00 19.33
CA THR B 29 6.43 -5.07 19.57
C THR B 29 6.36 -4.01 18.46
N PRO B 30 5.41 -4.16 17.52
CA PRO B 30 5.19 -3.22 16.43
C PRO B 30 5.02 -1.77 16.90
N SER B 31 5.48 -0.84 16.06
CA SER B 31 5.34 0.59 16.30
C SER B 31 5.25 1.32 14.97
N TYR B 32 4.74 2.54 15.00
CA TYR B 32 4.56 3.34 13.80
C TYR B 32 5.28 4.68 13.93
N SER B 33 6.25 4.92 13.05
CA SER B 33 6.95 6.18 12.99
C SER B 33 6.39 7.05 11.86
N LEU B 34 5.73 8.14 12.23
CA LEU B 34 5.16 9.08 11.26
C LEU B 34 6.24 9.74 10.43
N THR B 35 5.93 10.01 9.16
CA THR B 35 6.79 10.83 8.30
C THR B 35 6.60 12.28 8.73
N PRO B 36 7.52 13.19 8.31
CA PRO B 36 7.25 14.62 8.53
C PRO B 36 5.95 15.08 7.90
N ALA B 37 5.62 14.54 6.73
CA ALA B 37 4.37 14.86 6.03
C ALA B 37 3.16 14.35 6.80
N GLU B 38 3.30 13.17 7.41
CA GLU B 38 2.26 12.64 8.26
C GLU B 38 2.14 13.50 9.51
N ALA B 39 3.26 13.69 10.20
CA ALA B 39 3.32 14.53 11.39
C ALA B 39 2.74 15.92 11.17
N SER B 40 3.09 16.55 10.05
CA SER B 40 2.53 17.85 9.67
C SER B 40 1.02 17.79 9.47
N ALA B 41 0.54 16.80 8.73
CA ALA B 41 -0.89 16.59 8.48
C ALA B 41 -1.67 16.40 9.78
N VAL B 42 -1.09 15.61 10.70
CA VAL B 42 -1.67 15.36 12.01
C VAL B 42 -1.75 16.67 12.80
N ALA B 43 -0.63 17.41 12.85
CA ALA B 43 -0.56 18.70 13.52
C ALA B 43 -1.58 19.70 12.97
N GLU B 44 -1.67 19.79 11.64
CA GLU B 44 -2.58 20.72 10.98
C GLU B 44 -4.04 20.45 11.33
N LEU B 45 -4.45 19.20 11.14
CA LEU B 45 -5.81 18.75 11.44
C LEU B 45 -6.17 19.02 12.90
N THR B 46 -5.23 18.71 13.78
CA THR B 46 -5.34 18.93 15.21
C THR B 46 -5.63 20.40 15.57
N LEU B 47 -5.03 21.33 14.83
CA LEU B 47 -5.24 22.77 15.04
C LEU B 47 -6.54 23.28 14.38
N GLU B 48 -6.87 22.75 13.21
CA GLU B 48 -8.12 23.07 12.53
C GLU B 48 -9.34 22.67 13.38
N LEU B 49 -9.21 21.53 14.06
CA LEU B 49 -10.23 21.04 14.99
C LEU B 49 -10.27 21.83 16.29
N ALA B 50 -9.10 22.19 16.80
CA ALA B 50 -8.98 22.98 18.03
C ALA B 50 -9.57 24.39 17.90
N ALA B 51 -10.00 24.75 16.70
CA ALA B 51 -10.59 26.05 16.42
C ALA B 51 -12.05 25.93 15.97
N ALA B 52 -12.44 24.73 15.56
CA ALA B 52 -13.81 24.48 15.10
C ALA B 52 -14.77 24.23 16.28
N TYR B 53 -14.24 23.60 17.33
CA TYR B 53 -15.02 23.30 18.53
C TYR B 53 -14.39 23.96 19.76
N GLY B 54 -15.24 24.42 20.67
CA GLY B 54 -14.80 25.12 21.88
C GLY B 54 -14.06 24.23 22.86
N SER B 55 -14.71 23.12 23.25
CA SER B 55 -14.13 22.15 24.17
C SER B 55 -14.76 20.77 23.95
N PHE B 56 -14.39 19.82 24.80
CA PHE B 56 -15.04 18.51 24.83
C PHE B 56 -16.45 18.61 25.40
N GLY B 57 -16.75 19.75 26.03
CA GLY B 57 -18.09 20.05 26.53
C GLY B 57 -19.09 20.27 25.42
N ASP B 58 -18.61 20.22 24.17
CA ASP B 58 -19.45 20.30 22.99
C ASP B 58 -19.90 18.89 22.61
N PRO B 59 -21.23 18.64 22.64
CA PRO B 59 -21.76 17.32 22.29
C PRO B 59 -21.46 16.92 20.84
N VAL B 60 -21.40 17.90 19.94
CA VAL B 60 -21.17 17.65 18.52
C VAL B 60 -19.76 17.10 18.25
N LEU B 61 -18.77 17.56 19.02
CA LEU B 61 -17.40 17.08 18.89
C LEU B 61 -17.28 15.58 19.25
N LEU B 62 -17.86 15.21 20.38
CA LEU B 62 -17.91 13.81 20.83
C LEU B 62 -18.65 12.94 19.82
N ARG B 63 -19.70 13.50 19.22
CA ARG B 63 -20.45 12.85 18.15
C ARG B 63 -19.58 12.63 16.91
N ASP B 64 -18.87 13.68 16.49
CA ASP B 64 -18.10 13.67 15.24
C ASP B 64 -16.77 12.92 15.32
N LEU B 65 -16.32 12.62 16.53
CA LEU B 65 -15.03 11.94 16.75
C LEU B 65 -14.63 10.83 15.75
N PRO B 66 -15.52 9.86 15.46
CA PRO B 66 -15.14 8.82 14.48
C PRO B 66 -15.01 9.35 13.05
N ARG B 67 -15.91 10.24 12.64
CA ARG B 67 -15.83 10.84 11.32
C ARG B 67 -14.56 11.69 11.20
N LEU B 68 -14.25 12.40 12.27
CA LEU B 68 -13.09 13.27 12.32
C LEU B 68 -11.77 12.50 12.31
N ALA B 69 -11.73 11.38 13.03
CA ALA B 69 -10.55 10.51 13.04
C ALA B 69 -10.26 9.93 11.65
N ALA B 70 -11.28 9.91 10.80
CA ALA B 70 -11.14 9.40 9.44
C ALA B 70 -10.36 10.34 8.52
N ARG B 71 -10.07 11.54 9.02
CA ARG B 71 -9.30 12.53 8.26
C ARG B 71 -7.82 12.45 8.60
N LEU B 72 -7.48 11.65 9.61
CA LEU B 72 -6.09 11.36 9.93
C LEU B 72 -5.43 10.62 8.77
N PRO B 73 -4.09 10.70 8.64
CA PRO B 73 -3.42 9.93 7.59
C PRO B 73 -3.82 8.45 7.61
N GLU B 74 -4.17 7.94 6.43
CA GLU B 74 -4.66 6.56 6.28
C GLU B 74 -3.76 5.52 6.95
N GLY B 75 -2.45 5.68 6.80
CA GLY B 75 -1.46 4.77 7.38
C GLY B 75 -1.56 4.66 8.89
N VAL B 76 -1.92 5.76 9.54
CA VAL B 76 -2.08 5.80 11.00
C VAL B 76 -3.38 5.11 11.42
N GLN B 77 -4.45 5.35 10.67
CA GLN B 77 -5.74 4.71 10.92
C GLN B 77 -5.62 3.20 10.76
N ASP B 78 -4.93 2.78 9.71
CA ASP B 78 -4.73 1.36 9.42
C ASP B 78 -3.86 0.69 10.46
N PHE B 79 -2.86 1.42 10.96
CA PHE B 79 -1.96 0.89 11.98
C PHE B 79 -2.71 0.56 13.27
N LEU B 80 -3.51 1.51 13.74
CA LEU B 80 -4.29 1.34 14.97
C LEU B 80 -5.31 0.20 14.87
N ARG B 81 -6.01 0.15 13.74
CA ARG B 81 -7.02 -0.86 13.48
C ARG B 81 -6.42 -2.26 13.51
N GLU B 82 -5.24 -2.41 12.91
CA GLU B 82 -4.50 -3.67 12.96
C GLU B 82 -4.11 -4.06 14.37
N PHE B 83 -3.74 -3.07 15.19
CA PHE B 83 -3.43 -3.30 16.60
C PHE B 83 -4.66 -3.77 17.37
N LYS B 84 -5.78 -3.08 17.13
CA LYS B 84 -7.08 -3.40 17.72
C LYS B 84 -7.53 -4.83 17.38
N LEU B 85 -7.53 -5.17 16.09
CA LEU B 85 -8.08 -6.44 15.63
C LEU B 85 -7.15 -7.63 15.84
N ALA B 86 -5.84 -7.38 15.83
CA ALA B 86 -4.86 -8.45 16.04
C ALA B 86 -4.99 -9.06 17.43
N ASP B 87 -5.28 -8.21 18.42
CA ASP B 87 -5.49 -8.65 19.80
C ASP B 87 -4.34 -9.58 20.23
N ARG B 88 -3.11 -9.13 20.01
CA ARG B 88 -1.92 -9.94 20.23
C ARG B 88 -0.90 -9.23 21.11
N HIS B 89 -0.88 -7.90 21.06
CA HIS B 89 0.13 -7.10 21.76
C HIS B 89 -0.47 -6.29 22.87
N GLY B 90 0.27 -6.23 23.98
CA GLY B 90 -0.18 -5.48 25.15
C GLY B 90 -0.06 -3.98 25.01
N HIS B 91 0.81 -3.53 24.11
CA HIS B 91 0.99 -2.09 23.88
C HIS B 91 1.55 -1.80 22.51
N THR B 92 1.28 -0.59 22.01
CA THR B 92 1.94 -0.10 20.81
C THR B 92 2.22 1.41 20.91
N VAL B 93 3.18 1.89 20.11
CA VAL B 93 3.53 3.31 20.10
C VAL B 93 3.46 3.92 18.68
N ILE B 94 2.77 5.05 18.57
CA ILE B 94 2.86 5.91 17.39
C ILE B 94 3.86 7.03 17.71
N ARG B 95 5.01 7.03 17.02
CA ARG B 95 6.11 7.93 17.32
C ARG B 95 6.29 9.01 16.26
N GLY B 96 6.86 10.14 16.68
CA GLY B 96 7.22 11.22 15.75
C GLY B 96 6.20 12.31 15.52
N HIS B 97 5.26 12.49 16.45
CA HIS B 97 4.29 13.59 16.39
C HIS B 97 4.96 14.91 16.57
N ASP B 98 4.33 15.96 16.02
CA ASP B 98 4.86 17.31 16.15
C ASP B 98 4.11 18.04 17.26
N PHE B 99 4.69 18.03 18.46
CA PHE B 99 4.12 18.73 19.61
C PHE B 99 4.84 20.07 19.83
N ASP B 100 4.12 21.16 19.54
CA ASP B 100 4.68 22.51 19.56
C ASP B 100 4.93 22.98 20.99
N GLN B 101 6.16 22.78 21.47
CA GLN B 101 6.54 23.11 22.84
C GLN B 101 6.29 24.58 23.21
N ARG B 102 6.50 25.48 22.24
CA ARG B 102 6.21 26.90 22.43
C ARG B 102 4.72 27.12 22.71
N ARG B 103 3.87 26.53 21.88
CA ARG B 103 2.42 26.66 21.99
C ARG B 103 1.88 26.00 23.26
N ILE B 104 2.31 24.76 23.53
CA ILE B 104 1.84 23.98 24.68
C ILE B 104 2.06 24.74 25.98
N GLY B 105 3.23 25.38 26.11
CA GLY B 105 3.53 26.19 27.27
C GLY B 105 4.06 25.35 28.42
N PRO B 106 4.33 25.99 29.58
CA PRO B 106 4.96 25.33 30.71
C PRO B 106 4.08 24.26 31.37
N THR B 107 4.73 23.24 31.91
CA THR B 107 4.05 22.22 32.72
C THR B 107 3.40 22.87 33.94
N PRO B 108 2.07 22.73 34.06
CA PRO B 108 1.28 23.37 35.13
C PRO B 108 1.61 22.83 36.53
N ASP B 109 1.12 23.53 37.55
CA ASP B 109 1.30 23.13 38.94
C ASP B 109 0.24 22.14 39.41
N HIS B 110 -1.01 22.43 39.06
CA HIS B 110 -2.14 21.58 39.45
C HIS B 110 -3.18 21.54 38.37
N TRP B 111 -4.01 20.49 38.38
CA TRP B 111 -5.09 20.34 37.41
C TRP B 111 -6.36 21.07 37.78
N ARG B 112 -6.62 21.17 39.09
CA ARG B 112 -7.84 21.80 39.58
C ARG B 112 -7.79 23.32 39.51
N GLY B 113 -8.95 23.95 39.32
CA GLY B 113 -9.05 25.40 39.18
C GLY B 113 -8.57 25.90 37.83
N ARG B 114 -7.59 25.19 37.26
CA ARG B 114 -7.08 25.43 35.92
C ARG B 114 -8.22 25.34 34.90
N VAL B 115 -8.36 26.39 34.08
CA VAL B 115 -9.45 26.47 33.10
C VAL B 115 -9.16 25.60 31.88
N ARG B 116 -10.17 24.84 31.45
CA ARG B 116 -10.06 23.98 30.29
C ARG B 116 -10.96 24.48 29.15
N PRO B 117 -10.48 24.39 27.89
CA PRO B 117 -9.19 23.80 27.49
C PRO B 117 -8.03 24.80 27.48
N GLY B 118 -6.82 24.28 27.69
CA GLY B 118 -5.60 25.08 27.63
C GLY B 118 -5.04 25.15 26.21
N PRO B 119 -3.80 25.65 26.07
CA PRO B 119 -3.15 25.74 24.75
C PRO B 119 -2.70 24.39 24.20
N GLU B 120 -2.79 23.33 25.01
CA GLU B 120 -2.48 21.98 24.57
C GLU B 120 -3.74 21.25 24.07
N PHE B 121 -4.82 22.02 23.91
CA PHE B 121 -6.08 21.54 23.35
C PHE B 121 -5.87 20.66 22.11
N PRO B 122 -5.05 21.13 21.14
CA PRO B 122 -4.78 20.34 19.94
C PRO B 122 -4.31 18.91 20.25
N GLU B 123 -3.43 18.77 21.23
CA GLU B 123 -2.86 17.47 21.60
C GLU B 123 -3.89 16.56 22.28
N GLU B 124 -4.80 17.16 23.03
CA GLU B 124 -5.87 16.41 23.71
C GLU B 124 -6.86 15.85 22.70
N LEU B 125 -7.24 16.68 21.72
CA LEU B 125 -8.10 16.26 20.62
C LEU B 125 -7.52 15.09 19.84
N LEU B 126 -6.22 15.11 19.59
CA LEU B 126 -5.54 14.00 18.95
C LEU B 126 -5.77 12.69 19.71
N LEU B 127 -5.50 12.71 21.02
CA LEU B 127 -5.72 11.55 21.87
C LEU B 127 -7.18 11.11 21.87
N MET B 128 -8.08 12.09 21.76
CA MET B 128 -9.51 11.82 21.63
C MET B 128 -9.84 11.20 20.27
N LEU B 129 -9.16 11.67 19.23
CA LEU B 129 -9.31 11.09 17.89
C LEU B 129 -8.85 9.63 17.87
N TYR B 130 -7.72 9.34 18.50
CA TYR B 130 -7.21 7.97 18.57
C TYR B 130 -8.14 7.03 19.36
N SER B 131 -8.82 7.60 20.36
CA SER B 131 -9.75 6.86 21.20
C SER B 131 -11.01 6.47 20.42
N ALA B 132 -11.45 7.36 19.54
CA ALA B 132 -12.62 7.13 18.68
C ALA B 132 -12.36 5.99 17.68
N LEU B 133 -11.08 5.79 17.34
CA LEU B 133 -10.69 4.70 16.45
C LEU B 133 -10.65 3.35 17.19
N LEU B 134 -10.20 3.36 18.44
CA LEU B 134 -10.11 2.14 19.24
C LEU B 134 -11.44 1.77 19.89
N GLY B 135 -12.35 2.74 20.02
CA GLY B 135 -13.62 2.51 20.69
C GLY B 135 -14.30 3.80 21.08
N GLU B 136 -14.43 4.02 22.39
CA GLU B 136 -15.13 5.20 22.92
C GLU B 136 -14.41 5.80 24.13
N PRO B 137 -14.20 7.12 24.11
CA PRO B 137 -13.64 7.82 25.27
C PRO B 137 -14.64 7.87 26.43
N PHE B 138 -14.17 7.52 27.61
CA PHE B 138 -14.96 7.60 28.84
C PHE B 138 -14.06 8.01 30.01
N GLY B 139 -14.67 8.51 31.07
CA GLY B 139 -13.92 8.90 32.26
C GLY B 139 -14.61 8.59 33.58
N TRP B 140 -13.93 8.93 34.66
CA TRP B 140 -14.49 8.77 36.00
C TRP B 140 -14.84 10.12 36.56
N ALA B 141 -16.13 10.33 36.84
CA ALA B 141 -16.65 11.62 37.33
C ALA B 141 -15.93 12.15 38.59
N THR B 142 -15.43 11.23 39.42
CA THR B 142 -14.70 11.58 40.63
C THR B 142 -13.18 11.71 40.41
N GLN B 143 -12.73 11.41 39.19
CA GLN B 143 -11.32 11.54 38.83
C GLN B 143 -11.06 12.81 38.01
N GLN B 144 -10.30 13.73 38.59
CA GLN B 144 -9.93 15.01 37.96
C GLN B 144 -11.12 15.80 37.40
N ASP B 145 -12.08 16.09 38.26
CA ASP B 145 -13.32 16.81 37.90
C ASP B 145 -14.12 16.11 36.79
N GLY B 146 -13.76 14.86 36.52
CA GLY B 146 -14.39 14.09 35.45
C GLY B 146 -13.99 14.55 34.06
N HIS B 147 -12.72 14.90 33.89
CA HIS B 147 -12.21 15.29 32.60
C HIS B 147 -11.92 14.07 31.78
N LEU B 148 -12.34 14.09 30.52
CA LEU B 148 -12.13 12.98 29.60
C LEU B 148 -10.66 12.80 29.24
N VAL B 149 -9.90 13.89 29.30
CA VAL B 149 -8.45 13.84 29.13
C VAL B 149 -7.75 14.13 30.47
N HIS B 150 -7.00 13.13 30.94
CA HIS B 150 -6.29 13.20 32.22
C HIS B 150 -4.92 13.80 32.08
N ASP B 151 -4.52 14.55 33.12
CA ASP B 151 -3.18 15.12 33.20
C ASP B 151 -2.25 14.21 33.99
N ILE B 152 -1.01 14.06 33.51
CA ILE B 152 0.04 13.37 34.26
C ILE B 152 1.30 14.23 34.37
N PHE B 153 1.40 14.98 35.47
CA PHE B 153 2.60 15.77 35.76
C PHE B 153 2.93 15.79 37.26
N PRO B 154 4.21 16.05 37.60
CA PRO B 154 4.61 16.15 39.00
C PRO B 154 3.87 17.27 39.75
N ILE B 155 3.34 16.93 40.92
CA ILE B 155 2.69 17.89 41.81
C ILE B 155 3.33 17.79 43.20
N ARG B 156 3.67 18.94 43.77
CA ARG B 156 4.34 19.00 45.07
C ARG B 156 3.40 18.64 46.21
N SER B 157 2.09 18.87 45.99
CA SER B 157 1.05 18.51 46.94
C SER B 157 0.93 17.00 47.11
N HIS B 158 0.85 16.29 45.98
CA HIS B 158 0.68 14.83 45.98
C HIS B 158 2.00 14.11 45.87
N GLU B 159 3.05 14.74 46.37
CA GLU B 159 4.41 14.19 46.32
C GLU B 159 4.58 13.04 47.30
N LYS B 168 12.04 5.91 49.74
CA LYS B 168 11.99 4.48 49.47
C LYS B 168 10.78 4.14 48.62
N GLN B 169 10.95 4.20 47.30
CA GLN B 169 9.86 3.98 46.34
C GLN B 169 9.79 2.52 45.89
N LEU B 170 8.57 1.97 45.94
CA LEU B 170 8.32 0.62 45.45
C LEU B 170 7.86 0.65 43.99
N LEU B 171 8.28 -0.35 43.23
CA LEU B 171 7.98 -0.44 41.81
C LEU B 171 6.72 -1.29 41.56
N THR B 172 5.57 -0.63 41.52
CA THR B 172 4.29 -1.33 41.36
C THR B 172 3.76 -1.25 39.94
N TRP B 173 3.32 -2.40 39.44
CA TRP B 173 2.63 -2.49 38.16
C TRP B 173 1.26 -3.05 38.37
N HIS B 174 0.32 -2.67 37.49
CA HIS B 174 -1.06 -3.09 37.65
C HIS B 174 -1.88 -3.01 36.39
N THR B 175 -2.98 -3.76 36.40
CA THR B 175 -4.09 -3.56 35.49
C THR B 175 -4.89 -2.38 36.04
N GLU B 176 -5.28 -1.47 35.15
CA GLU B 176 -6.09 -0.31 35.51
C GLU B 176 -7.44 -0.77 36.02
N ASP B 177 -7.80 -0.31 37.23
CA ASP B 177 -9.08 -0.61 37.88
C ASP B 177 -9.48 -2.08 37.76
N ALA B 178 -8.52 -2.97 38.05
CA ALA B 178 -8.68 -4.41 37.85
C ALA B 178 -9.94 -5.04 38.45
N PHE B 179 -10.40 -4.45 39.55
CA PHE B 179 -11.61 -4.90 40.24
C PHE B 179 -12.88 -4.60 39.42
N HIS B 180 -12.88 -3.47 38.75
CA HIS B 180 -14.09 -2.91 38.14
C HIS B 180 -14.51 -3.66 36.90
N PRO B 181 -15.82 -3.98 36.80
CA PRO B 181 -16.36 -4.59 35.58
C PRO B 181 -16.29 -3.66 34.36
N TYR B 182 -16.39 -2.35 34.62
CA TYR B 182 -16.39 -1.34 33.56
C TYR B 182 -15.06 -0.60 33.44
N ARG B 183 -13.97 -1.28 33.81
CA ARG B 183 -12.62 -0.75 33.66
C ARG B 183 -12.27 -0.54 32.19
N SER B 184 -11.31 0.34 31.94
CA SER B 184 -10.83 0.65 30.60
C SER B 184 -10.46 -0.60 29.81
N ASP B 185 -10.73 -0.60 28.52
CA ASP B 185 -10.27 -1.65 27.64
C ASP B 185 -8.92 -1.27 27.05
N TYR B 186 -8.73 0.02 26.82
CA TYR B 186 -7.44 0.55 26.36
C TYR B 186 -7.05 1.81 27.12
N LEU B 187 -5.74 2.04 27.23
CA LEU B 187 -5.23 3.29 27.75
C LEU B 187 -4.39 3.98 26.69
N ILE B 188 -4.66 5.27 26.48
CA ILE B 188 -3.89 6.11 25.56
C ILE B 188 -3.03 7.11 26.32
N LEU B 189 -1.71 7.02 26.16
CA LEU B 189 -0.76 7.89 26.85
C LEU B 189 0.08 8.69 25.86
N GLY B 190 -0.27 9.97 25.69
CA GLY B 190 0.46 10.86 24.79
C GLY B 190 1.46 11.73 25.53
N ALA B 191 2.75 11.59 25.20
CA ALA B 191 3.80 12.34 25.87
C ALA B 191 4.03 13.73 25.27
N LEU B 192 3.53 14.76 25.96
CA LEU B 192 3.77 16.15 25.58
C LEU B 192 5.24 16.53 25.77
N ARG B 193 5.83 16.03 26.87
CA ARG B 193 7.28 16.10 27.10
C ARG B 193 7.74 15.09 28.15
N ASN B 194 9.00 14.67 28.02
CA ASN B 194 9.64 13.75 28.95
C ASN B 194 11.16 13.97 28.87
N PRO B 195 11.64 15.12 29.39
CA PRO B 195 13.02 15.57 29.15
C PRO B 195 14.09 14.61 29.65
N ASP B 196 13.81 13.88 30.73
CA ASP B 196 14.77 12.96 31.31
C ASP B 196 14.50 11.50 30.89
N HIS B 197 13.65 11.33 29.88
CA HIS B 197 13.32 10.04 29.30
C HIS B 197 12.91 9.03 30.34
N VAL B 198 11.99 9.43 31.21
CA VAL B 198 11.52 8.59 32.30
C VAL B 198 10.54 7.56 31.76
N PRO B 199 10.92 6.26 31.85
CA PRO B 199 10.17 5.18 31.22
C PRO B 199 8.87 4.84 31.93
N THR B 200 7.97 4.21 31.19
CA THR B 200 6.78 3.57 31.74
C THR B 200 7.03 2.07 31.72
N THR B 201 6.62 1.38 32.78
CA THR B 201 6.71 -0.08 32.79
C THR B 201 5.46 -0.69 32.17
N VAL B 202 5.65 -1.78 31.44
CA VAL B 202 4.54 -2.51 30.81
C VAL B 202 4.90 -3.98 30.65
N GLY B 203 4.05 -4.85 31.19
CA GLY B 203 4.29 -6.29 31.18
C GLY B 203 3.13 -7.07 30.63
N GLU B 204 3.46 -8.10 29.85
CA GLU B 204 2.48 -8.98 29.23
C GLU B 204 2.61 -10.36 29.88
N LEU B 205 1.73 -11.28 29.50
CA LEU B 205 1.76 -12.63 30.04
C LEU B 205 2.45 -13.59 29.06
N ASP B 206 3.50 -14.27 29.54
CA ASP B 206 4.09 -15.38 28.80
C ASP B 206 3.49 -16.70 29.30
N LEU B 207 2.67 -17.32 28.46
CA LEU B 207 1.95 -18.55 28.82
C LEU B 207 2.82 -19.79 28.96
N SER B 208 3.94 -19.81 28.24
CA SER B 208 4.84 -20.97 28.24
C SER B 208 5.62 -21.11 29.53
N SER B 209 5.46 -20.13 30.43
CA SER B 209 6.10 -20.16 31.75
C SER B 209 5.17 -20.77 32.80
N LEU B 210 3.86 -20.78 32.51
CA LEU B 210 2.86 -21.33 33.41
C LEU B 210 2.47 -22.75 33.02
N SER B 211 2.13 -23.56 34.03
CA SER B 211 1.60 -24.90 33.80
C SER B 211 0.12 -24.85 33.45
N ALA B 212 -0.38 -25.89 32.80
CA ALA B 212 -1.81 -26.02 32.48
C ALA B 212 -2.68 -26.08 33.73
N GLU B 213 -2.12 -26.61 34.81
CA GLU B 213 -2.81 -26.69 36.10
C GLU B 213 -3.05 -25.30 36.68
N ASP B 214 -2.00 -24.47 36.71
CA ASP B 214 -2.09 -23.10 37.21
C ASP B 214 -3.04 -22.25 36.36
N ILE B 215 -2.97 -22.42 35.04
CA ILE B 215 -3.82 -21.67 34.10
C ILE B 215 -5.30 -21.91 34.38
N ASP B 216 -5.68 -23.18 34.51
CA ASP B 216 -7.09 -23.54 34.74
C ASP B 216 -7.59 -22.95 36.05
N VAL B 217 -6.78 -23.06 37.10
CA VAL B 217 -7.11 -22.51 38.41
C VAL B 217 -7.35 -20.99 38.35
N LEU B 218 -6.47 -20.28 37.64
CA LEU B 218 -6.57 -18.82 37.50
C LEU B 218 -7.81 -18.39 36.72
N PHE B 219 -8.30 -19.28 35.85
CA PHE B 219 -9.53 -19.05 35.08
C PHE B 219 -10.81 -19.13 35.92
N GLU B 220 -10.68 -19.61 37.15
CA GLU B 220 -11.84 -19.86 38.02
C GLU B 220 -12.08 -18.76 39.07
N PRO B 221 -13.35 -18.57 39.48
CA PRO B 221 -13.72 -17.49 40.41
C PRO B 221 -13.26 -17.78 41.85
N ARG B 222 -11.97 -17.56 42.11
CA ARG B 222 -11.38 -17.92 43.40
C ARG B 222 -10.57 -16.79 44.05
N TYR B 223 -10.66 -15.59 43.47
CA TYR B 223 -9.84 -14.45 43.91
C TYR B 223 -10.67 -13.20 44.19
N HIS B 224 -10.39 -12.56 45.32
CA HIS B 224 -11.00 -11.27 45.63
C HIS B 224 -10.11 -10.14 45.18
N ILE B 225 -10.71 -9.15 44.53
CA ILE B 225 -10.00 -7.91 44.19
C ILE B 225 -10.73 -6.72 44.80
N ALA B 226 -10.02 -6.00 45.67
CA ALA B 226 -10.58 -4.88 46.42
C ALA B 226 -10.79 -3.64 45.55
N PRO B 227 -11.75 -2.78 45.93
CA PRO B 227 -11.97 -1.51 45.24
C PRO B 227 -10.92 -0.46 45.60
N ASP B 228 -11.11 0.77 45.14
CA ASP B 228 -10.21 1.88 45.46
C ASP B 228 -11.00 3.13 45.86
N GLU B 229 -10.37 3.99 46.64
CA GLU B 229 -11.02 5.15 47.26
C GLU B 229 -11.46 6.24 46.26
N SER B 230 -10.60 7.24 46.04
CA SER B 230 -10.90 8.41 45.19
C SER B 230 -12.17 9.15 45.65
N HIS B 231 -12.39 9.18 46.96
CA HIS B 231 -13.59 9.76 47.54
C HIS B 231 -13.30 11.09 48.18
N LEU B 232 -14.21 12.05 47.97
CA LEU B 232 -14.11 13.45 48.42
C LEU B 232 -12.93 14.22 47.76
N PRO B 233 -11.77 14.37 48.46
CA PRO B 233 -10.72 15.14 47.78
C PRO B 233 -9.79 14.23 46.97
N GLU B 243 -30.03 9.01 41.97
CA GLU B 243 -28.68 8.64 42.39
C GLU B 243 -28.70 7.42 43.32
N ALA B 244 -29.89 6.91 43.61
CA ALA B 244 -30.06 5.74 44.48
C ALA B 244 -29.62 4.44 43.80
N ALA B 245 -29.97 4.30 42.53
CA ALA B 245 -29.66 3.09 41.76
C ALA B 245 -28.23 3.09 41.21
N ARG B 246 -27.66 4.29 41.03
CA ARG B 246 -26.32 4.45 40.47
C ARG B 246 -25.22 3.94 41.39
N PHE B 247 -25.14 4.51 42.60
CA PHE B 247 -24.07 4.19 43.54
C PHE B 247 -24.21 2.79 44.13
N ALA B 248 -25.46 2.30 44.20
CA ALA B 248 -25.74 0.99 44.77
C ALA B 248 -25.48 -0.17 43.81
N THR B 249 -24.71 0.10 42.76
CA THR B 249 -24.34 -0.93 41.77
C THR B 249 -23.10 -1.69 42.21
N ILE B 250 -22.05 -0.95 42.57
CA ILE B 250 -20.81 -1.54 43.09
C ILE B 250 -21.00 -2.19 44.47
N GLN B 251 -22.17 -1.98 45.06
CA GLN B 251 -22.52 -2.54 46.37
C GLN B 251 -22.66 -4.07 46.37
N ARG B 252 -22.41 -4.70 45.23
CA ARG B 252 -22.26 -6.16 45.16
C ARG B 252 -20.81 -6.52 45.43
N MET B 253 -19.89 -5.70 44.92
CA MET B 253 -18.46 -5.85 45.18
C MET B 253 -18.06 -5.28 46.54
N ILE B 254 -18.88 -4.37 47.07
CA ILE B 254 -18.59 -3.67 48.32
C ILE B 254 -19.16 -4.38 49.55
N ASP B 255 -20.40 -4.84 49.47
CA ASP B 255 -21.05 -5.54 50.59
C ASP B 255 -20.69 -7.02 50.59
N GLU B 256 -21.10 -7.72 49.53
CA GLU B 256 -20.95 -9.18 49.43
C GLU B 256 -19.51 -9.61 49.19
N ARG B 257 -18.79 -8.85 48.37
CA ARG B 257 -17.38 -9.13 48.02
C ARG B 257 -17.22 -10.48 47.29
N PRO B 258 -17.54 -10.52 45.99
CA PRO B 258 -17.52 -11.78 45.24
C PRO B 258 -16.13 -12.15 44.73
N LEU B 259 -15.91 -13.45 44.54
CA LEU B 259 -14.66 -13.96 43.98
C LEU B 259 -14.77 -14.06 42.46
N GLY B 260 -13.73 -13.58 41.77
CA GLY B 260 -13.66 -13.64 40.32
C GLY B 260 -12.37 -14.29 39.84
N PRO B 261 -12.22 -14.45 38.51
CA PRO B 261 -10.99 -15.03 37.96
C PRO B 261 -9.92 -13.96 37.69
N LEU B 262 -8.67 -14.40 37.51
CA LEU B 262 -7.59 -13.48 37.13
C LEU B 262 -7.27 -13.59 35.64
N LEU B 263 -7.47 -14.79 35.09
CA LEU B 263 -7.37 -15.00 33.65
C LEU B 263 -8.75 -15.32 33.08
N TYR B 264 -9.00 -14.85 31.86
CA TYR B 264 -10.27 -15.06 31.16
C TYR B 264 -10.04 -15.06 29.64
N GLY B 265 -11.12 -15.06 28.86
CA GLY B 265 -11.02 -15.15 27.41
C GLY B 265 -10.57 -16.52 26.97
N SER B 266 -9.68 -16.56 25.96
CA SER B 266 -9.14 -17.82 25.44
C SER B 266 -8.16 -18.44 26.43
N ARG B 267 -8.12 -19.77 26.49
CA ARG B 267 -7.20 -20.46 27.39
C ARG B 267 -5.83 -20.65 26.76
N LEU B 268 -5.76 -20.45 25.44
CA LEU B 268 -4.52 -20.55 24.69
C LEU B 268 -3.81 -19.19 24.61
N ASP B 269 -4.60 -18.11 24.75
CA ASP B 269 -4.07 -16.74 24.74
C ASP B 269 -4.94 -15.82 25.62
N PRO B 270 -4.84 -15.99 26.95
CA PRO B 270 -5.76 -15.37 27.91
C PRO B 270 -5.59 -13.87 28.09
N TYR B 271 -6.68 -13.21 28.45
CA TYR B 271 -6.64 -11.86 28.97
C TYR B 271 -6.37 -11.94 30.46
N MET B 272 -6.06 -10.80 31.07
CA MET B 272 -5.76 -10.77 32.50
C MET B 272 -6.26 -9.51 33.22
N ARG B 273 -6.53 -9.67 34.51
CA ARG B 273 -6.86 -8.58 35.41
C ARG B 273 -6.03 -8.78 36.67
N LEU B 274 -4.97 -7.98 36.80
CA LEU B 274 -3.98 -8.21 37.84
C LEU B 274 -3.54 -6.91 38.48
N ASP B 275 -3.92 -6.76 39.74
CA ASP B 275 -3.46 -5.66 40.59
C ASP B 275 -3.06 -6.28 41.92
N PRO B 276 -1.76 -6.67 42.05
CA PRO B 276 -1.27 -7.47 43.18
C PRO B 276 -1.53 -6.84 44.55
N TYR B 277 -1.53 -5.52 44.60
CA TYR B 277 -1.73 -4.77 45.84
C TYR B 277 -3.15 -4.95 46.41
N PHE B 278 -4.14 -5.08 45.53
CA PHE B 278 -5.54 -5.20 45.94
C PHE B 278 -6.10 -6.63 45.78
N THR B 279 -5.22 -7.57 45.47
CA THR B 279 -5.60 -8.97 45.24
C THR B 279 -5.55 -9.77 46.53
N SER B 280 -6.61 -10.55 46.77
CA SER B 280 -6.69 -11.45 47.93
C SER B 280 -7.11 -12.86 47.53
N VAL B 281 -6.51 -13.85 48.19
CA VAL B 281 -6.85 -15.25 48.01
C VAL B 281 -7.24 -15.83 49.37
N PRO B 282 -8.32 -16.63 49.43
CA PRO B 282 -8.65 -17.33 50.68
C PRO B 282 -7.50 -18.21 51.13
N GLN B 283 -7.20 -18.16 52.43
CA GLN B 283 -6.10 -18.92 53.02
C GLN B 283 -6.22 -20.42 52.71
N ASP B 284 -7.43 -20.94 52.84
CA ASP B 284 -7.70 -22.38 52.66
C ASP B 284 -7.57 -22.86 51.22
N ASP B 285 -7.54 -21.93 50.27
CA ASP B 285 -7.40 -22.30 48.85
C ASP B 285 -5.94 -22.28 48.40
N THR B 286 -5.25 -23.41 48.61
CA THR B 286 -3.81 -23.51 48.36
C THR B 286 -3.46 -23.54 46.88
N ASP B 287 -4.33 -24.15 46.08
CA ASP B 287 -4.16 -24.21 44.62
C ASP B 287 -4.20 -22.82 44.00
N ALA B 288 -5.14 -21.99 44.46
CA ALA B 288 -5.27 -20.62 43.95
C ALA B 288 -4.11 -19.72 44.38
N ARG B 289 -3.68 -19.87 45.63
CA ARG B 289 -2.50 -19.14 46.14
C ARG B 289 -1.23 -19.50 45.36
N ARG B 290 -1.02 -20.80 45.11
CA ARG B 290 0.11 -21.29 44.34
C ARG B 290 0.11 -20.74 42.90
N ALA B 291 -1.07 -20.75 42.28
CA ALA B 291 -1.22 -20.31 40.89
C ALA B 291 -1.09 -18.80 40.76
N TYR B 292 -1.58 -18.06 41.76
CA TYR B 292 -1.45 -16.61 41.78
C TYR B 292 0.00 -16.18 41.98
N ASP B 293 0.73 -16.96 42.78
CA ASP B 293 2.15 -16.71 43.02
C ASP B 293 2.96 -16.87 41.73
N ALA B 294 2.68 -17.95 41.00
CA ALA B 294 3.34 -18.23 39.73
C ALA B 294 2.97 -17.22 38.65
N LEU B 295 1.73 -16.74 38.68
CA LEU B 295 1.29 -15.72 37.74
C LEU B 295 2.01 -14.41 38.01
N PHE B 296 2.12 -14.04 39.29
CA PHE B 296 2.83 -12.83 39.70
C PHE B 296 4.28 -12.87 39.24
N LYS B 297 4.93 -14.02 39.44
CA LYS B 297 6.36 -14.18 39.15
C LYS B 297 6.68 -14.12 37.65
N VAL B 298 5.75 -14.62 36.83
CA VAL B 298 5.92 -14.59 35.37
C VAL B 298 5.72 -13.16 34.87
N VAL B 299 4.77 -12.46 35.46
CA VAL B 299 4.48 -11.08 35.06
C VAL B 299 5.53 -10.10 35.56
N ASP B 300 5.96 -10.25 36.82
CA ASP B 300 7.00 -9.40 37.39
C ASP B 300 8.32 -9.55 36.62
N SER B 301 8.73 -10.79 36.40
CA SER B 301 10.01 -11.09 35.74
C SER B 301 10.06 -10.68 34.27
N GLY B 302 8.88 -10.49 33.67
CA GLY B 302 8.79 -10.12 32.27
C GLY B 302 8.54 -8.64 32.03
N MET B 303 8.44 -7.87 33.12
CA MET B 303 8.22 -6.41 33.01
C MET B 303 9.23 -5.73 32.10
N ARG B 304 8.72 -4.90 31.19
CA ARG B 304 9.59 -4.15 30.28
C ARG B 304 9.56 -2.66 30.62
N GLU B 305 10.64 -1.98 30.29
CA GLU B 305 10.71 -0.54 30.43
C GLU B 305 10.55 0.09 29.06
N VAL B 306 9.53 0.94 28.93
CA VAL B 306 9.19 1.57 27.66
C VAL B 306 9.13 3.08 27.87
N VAL B 307 9.92 3.81 27.10
CA VAL B 307 9.97 5.26 27.23
C VAL B 307 9.00 5.93 26.26
N ALA B 308 8.08 6.71 26.81
CA ALA B 308 7.25 7.59 26.01
C ALA B 308 7.91 8.95 25.94
N ASP B 309 8.76 9.14 24.94
CA ASP B 309 9.42 10.42 24.70
C ASP B 309 8.42 11.45 24.14
N GLN B 310 8.84 12.70 24.10
CA GLN B 310 8.04 13.75 23.47
C GLN B 310 7.73 13.38 22.03
N GLY B 311 6.46 13.48 21.65
CA GLY B 311 6.02 13.11 20.30
C GLY B 311 5.57 11.68 20.15
N ASP B 312 5.61 10.92 21.25
CA ASP B 312 5.14 9.54 21.26
C ASP B 312 3.74 9.44 21.84
N VAL B 313 2.94 8.52 21.31
CA VAL B 313 1.69 8.15 21.95
C VAL B 313 1.71 6.63 22.19
N LEU B 314 1.71 6.26 23.47
CA LEU B 314 1.73 4.85 23.87
C LEU B 314 0.31 4.36 24.07
N PHE B 315 0.01 3.22 23.45
CA PHE B 315 -1.30 2.59 23.55
C PHE B 315 -1.14 1.32 24.37
N ILE B 316 -1.90 1.21 25.46
CA ILE B 316 -1.85 0.03 26.32
C ILE B 316 -3.18 -0.72 26.29
N ASP B 317 -3.09 -2.01 26.01
CA ASP B 317 -4.22 -2.93 26.09
C ASP B 317 -4.39 -3.34 27.56
N ASN B 318 -5.42 -2.79 28.20
CA ASN B 318 -5.69 -3.04 29.61
C ASN B 318 -6.10 -4.49 29.95
N HIS B 319 -6.25 -5.32 28.92
CA HIS B 319 -6.60 -6.73 29.10
C HIS B 319 -5.46 -7.65 28.84
N ARG B 320 -4.41 -7.12 28.21
CA ARG B 320 -3.24 -7.95 27.86
C ARG B 320 -1.93 -7.43 28.45
N ALA B 321 -1.97 -6.28 29.10
CA ALA B 321 -0.78 -5.68 29.68
C ALA B 321 -1.05 -4.96 30.99
N VAL B 322 -0.21 -5.25 31.98
CA VAL B 322 -0.15 -4.44 33.18
C VAL B 322 0.85 -3.31 32.94
N HIS B 323 0.68 -2.20 33.66
CA HIS B 323 1.63 -1.10 33.55
C HIS B 323 1.87 -0.42 34.87
N GLY B 324 2.90 0.42 34.92
CA GLY B 324 3.22 1.16 36.13
C GLY B 324 4.11 2.36 35.89
N ARG B 325 4.38 3.09 36.98
CA ARG B 325 5.22 4.28 36.94
C ARG B 325 6.58 4.05 37.61
N LEU B 326 7.61 4.70 37.07
CA LEU B 326 8.93 4.68 37.67
C LEU B 326 9.19 6.01 38.38
N PRO B 327 9.76 5.95 39.61
CA PRO B 327 10.06 7.15 40.38
C PRO B 327 11.11 8.03 39.72
N PHE B 328 10.95 9.34 39.83
CA PHE B 328 11.87 10.29 39.21
C PHE B 328 11.93 11.63 39.96
N GLN B 329 13.09 12.27 39.87
CA GLN B 329 13.32 13.59 40.46
C GLN B 329 12.58 14.67 39.66
N ALA B 330 11.65 15.36 40.32
CA ALA B 330 10.81 16.38 39.69
C ALA B 330 11.32 17.81 39.96
N ARG B 331 11.22 18.66 38.95
CA ARG B 331 11.83 20.00 39.00
C ARG B 331 10.87 21.12 39.42
N TYR B 332 9.60 21.00 39.04
CA TYR B 332 8.53 21.94 39.42
C TYR B 332 8.64 23.35 38.82
N ASP B 333 9.56 23.54 37.87
CA ASP B 333 9.78 24.83 37.24
C ASP B 333 8.85 25.10 36.04
N GLY B 334 8.33 24.03 35.45
CA GLY B 334 7.50 24.13 34.24
C GLY B 334 8.12 23.43 33.04
N THR B 335 9.14 22.62 33.30
CA THR B 335 9.84 21.86 32.25
C THR B 335 9.67 20.35 32.45
N ASP B 336 8.95 19.97 33.50
CA ASP B 336 8.77 18.58 33.90
C ASP B 336 8.08 17.70 32.86
N ARG B 337 8.25 16.38 33.02
CA ARG B 337 7.53 15.36 32.26
C ARG B 337 6.02 15.60 32.30
N TRP B 338 5.40 15.61 31.12
CA TRP B 338 3.96 15.85 31.02
C TRP B 338 3.33 14.92 30.00
N LEU B 339 2.45 14.05 30.48
CA LEU B 339 1.68 13.17 29.58
C LEU B 339 0.19 13.45 29.73
N LYS B 340 -0.56 13.16 28.67
CA LYS B 340 -2.02 13.18 28.73
C LYS B 340 -2.57 11.77 28.61
N ARG B 341 -3.75 11.54 29.17
CA ARG B 341 -4.27 10.18 29.30
C ARG B 341 -5.78 10.09 29.07
N VAL B 342 -6.17 9.24 28.13
CA VAL B 342 -7.59 8.98 27.84
C VAL B 342 -7.89 7.49 27.99
N CYS B 343 -8.96 7.20 28.72
CA CYS B 343 -9.48 5.84 28.91
C CYS B 343 -10.45 5.47 27.79
N VAL B 344 -10.29 4.26 27.26
CA VAL B 344 -11.13 3.79 26.16
C VAL B 344 -11.97 2.58 26.58
N THR B 345 -13.29 2.70 26.39
CA THR B 345 -14.19 1.54 26.45
C THR B 345 -14.69 1.12 25.07
N SER B 346 -14.61 -0.18 24.80
CA SER B 346 -15.13 -0.77 23.58
C SER B 346 -16.65 -0.69 23.55
N ASP B 347 -17.27 -0.77 24.72
CA ASP B 347 -18.72 -0.84 24.82
C ASP B 347 -19.27 0.20 25.81
N LEU B 348 -19.58 1.39 25.29
CA LEU B 348 -20.12 2.47 26.11
C LEU B 348 -21.38 2.07 26.88
N ARG B 349 -22.27 1.33 26.23
CA ARG B 349 -23.60 1.02 26.79
C ARG B 349 -23.59 0.01 27.93
N ARG B 350 -22.53 -0.79 28.03
CA ARG B 350 -22.43 -1.80 29.07
C ARG B 350 -22.39 -1.18 30.47
N SER B 351 -21.89 0.04 30.56
CA SER B 351 -21.79 0.77 31.83
C SER B 351 -22.97 1.71 32.09
N ARG B 352 -24.07 1.55 31.33
CA ARG B 352 -25.22 2.46 31.42
C ARG B 352 -25.74 2.70 32.84
N GLU B 353 -25.88 1.62 33.61
CA GLU B 353 -26.45 1.70 34.96
C GLU B 353 -25.66 2.58 35.94
N MET B 354 -24.37 2.74 35.67
CA MET B 354 -23.49 3.58 36.49
C MET B 354 -23.30 4.97 35.89
N ARG B 355 -24.08 5.30 34.87
CA ARG B 355 -23.97 6.60 34.22
C ARG B 355 -25.24 7.41 34.39
N ALA B 356 -25.07 8.67 34.77
CA ALA B 356 -26.19 9.56 35.12
C ALA B 356 -27.30 9.58 34.08
N THR B 357 -26.92 9.77 32.81
CA THR B 357 -27.86 9.76 31.70
C THR B 357 -27.29 8.92 30.55
N SER B 358 -28.02 8.90 29.44
CA SER B 358 -27.59 8.20 28.23
C SER B 358 -26.37 8.87 27.61
N ALA B 359 -26.36 10.21 27.62
CA ALA B 359 -25.33 11.01 26.94
C ALA B 359 -23.94 11.00 27.59
N THR B 360 -23.88 11.08 28.92
CA THR B 360 -22.60 11.29 29.62
C THR B 360 -21.65 10.10 29.53
N ARG B 361 -20.37 10.41 29.33
CA ARG B 361 -19.32 9.37 29.24
C ARG B 361 -18.62 9.20 30.58
N LEU B 362 -19.23 9.73 31.64
CA LEU B 362 -18.63 9.70 32.96
C LEU B 362 -19.31 8.69 33.88
N LEU B 363 -18.49 7.89 34.56
CA LEU B 363 -18.99 6.88 35.49
C LEU B 363 -18.90 7.35 36.93
N GLY B 364 -19.95 7.07 37.70
CA GLY B 364 -20.00 7.44 39.12
C GLY B 364 -20.55 8.83 39.34
N THR C 29 31.24 21.70 -11.32
CA THR C 29 30.07 21.37 -12.19
C THR C 29 30.18 22.02 -13.57
N PRO C 30 30.38 21.21 -14.62
CA PRO C 30 30.45 21.71 -16.00
C PRO C 30 29.15 22.37 -16.42
N SER C 31 29.27 23.44 -17.22
CA SER C 31 28.11 24.10 -17.83
C SER C 31 28.48 24.64 -19.21
N TYR C 32 27.47 24.83 -20.05
CA TYR C 32 27.65 25.21 -21.45
C TYR C 32 26.90 26.51 -21.71
N SER C 33 27.56 27.47 -22.37
CA SER C 33 26.95 28.75 -22.69
C SER C 33 26.84 28.93 -24.20
N LEU C 34 25.61 28.97 -24.70
CA LEU C 34 25.35 29.15 -26.12
C LEU C 34 25.85 30.50 -26.63
N THR C 35 26.41 30.49 -27.84
CA THR C 35 26.76 31.72 -28.53
C THR C 35 25.47 32.32 -29.10
N PRO C 36 25.47 33.64 -29.38
CA PRO C 36 24.24 34.21 -29.96
C PRO C 36 23.78 33.48 -31.23
N ALA C 37 24.73 33.07 -32.08
CA ALA C 37 24.41 32.35 -33.31
C ALA C 37 23.84 30.95 -33.04
N GLU C 38 24.36 30.28 -32.01
CA GLU C 38 23.80 28.99 -31.60
C GLU C 38 22.37 29.16 -31.10
N ALA C 39 22.16 30.20 -30.29
CA ALA C 39 20.87 30.47 -29.67
C ALA C 39 19.78 30.77 -30.70
N SER C 40 20.12 31.59 -31.70
CA SER C 40 19.16 31.94 -32.74
C SER C 40 18.86 30.74 -33.66
N ALA C 41 19.87 29.91 -33.92
CA ALA C 41 19.68 28.65 -34.63
C ALA C 41 18.73 27.69 -33.86
N VAL C 42 18.91 27.61 -32.54
CA VAL C 42 18.03 26.80 -31.69
C VAL C 42 16.59 27.35 -31.67
N ALA C 43 16.44 28.66 -31.56
CA ALA C 43 15.11 29.29 -31.56
C ALA C 43 14.41 29.08 -32.90
N GLU C 44 15.16 29.18 -33.99
CA GLU C 44 14.66 29.01 -35.34
C GLU C 44 14.16 27.58 -35.59
N LEU C 45 15.02 26.59 -35.31
CA LEU C 45 14.63 25.18 -35.39
C LEU C 45 13.36 24.91 -34.60
N THR C 46 13.35 25.46 -33.38
CA THR C 46 12.27 25.33 -32.43
C THR C 46 10.94 25.93 -32.94
N LEU C 47 11.00 27.07 -33.63
CA LEU C 47 9.82 27.70 -34.22
C LEU C 47 9.32 26.88 -35.41
N GLU C 48 10.25 26.30 -36.16
CA GLU C 48 9.95 25.46 -37.31
C GLU C 48 9.21 24.17 -36.89
N LEU C 49 9.69 23.52 -35.84
CA LEU C 49 9.06 22.30 -35.33
C LEU C 49 7.68 22.56 -34.72
N ALA C 50 7.51 23.73 -34.11
CA ALA C 50 6.20 24.17 -33.60
C ALA C 50 5.13 24.23 -34.69
N ALA C 51 5.53 24.63 -35.89
CA ALA C 51 4.63 24.70 -37.05
C ALA C 51 4.41 23.33 -37.68
N ALA C 52 5.38 22.43 -37.52
CA ALA C 52 5.34 21.13 -38.19
C ALA C 52 4.64 20.06 -37.35
N TYR C 53 4.51 20.28 -36.06
CA TYR C 53 3.90 19.29 -35.17
C TYR C 53 2.76 19.88 -34.32
N GLY C 54 1.82 19.02 -33.95
CA GLY C 54 0.58 19.47 -33.29
C GLY C 54 0.63 19.58 -31.78
N SER C 55 1.44 18.74 -31.14
CA SER C 55 1.54 18.68 -29.69
C SER C 55 2.61 17.68 -29.24
N PHE C 56 3.13 17.84 -28.02
CA PHE C 56 3.85 16.75 -27.37
C PHE C 56 2.80 15.70 -27.05
N GLY C 57 3.01 14.49 -27.57
CA GLY C 57 1.96 13.48 -27.57
C GLY C 57 1.71 13.04 -28.99
N ASP C 58 1.88 13.98 -29.92
CA ASP C 58 1.92 13.70 -31.36
C ASP C 58 2.91 12.57 -31.66
N PRO C 59 2.39 11.38 -32.04
CA PRO C 59 3.23 10.19 -32.20
C PRO C 59 4.32 10.32 -33.27
N VAL C 60 4.07 11.14 -34.29
CA VAL C 60 5.08 11.40 -35.32
C VAL C 60 6.26 12.21 -34.72
N LEU C 61 5.93 13.21 -33.91
CA LEU C 61 6.93 13.94 -33.12
C LEU C 61 7.77 13.02 -32.23
N LEU C 62 7.10 12.20 -31.42
CA LEU C 62 7.76 11.24 -30.55
C LEU C 62 8.70 10.31 -31.32
N ARG C 63 8.27 9.89 -32.50
CA ARG C 63 9.10 9.09 -33.40
C ARG C 63 10.32 9.86 -33.88
N ASP C 64 10.10 11.07 -34.41
CA ASP C 64 11.16 11.91 -34.99
C ASP C 64 12.15 12.49 -33.98
N LEU C 65 11.77 12.48 -32.71
CA LEU C 65 12.48 13.22 -31.65
C LEU C 65 14.02 13.09 -31.62
N PRO C 66 14.58 11.86 -31.60
CA PRO C 66 16.04 11.71 -31.63
C PRO C 66 16.69 12.32 -32.87
N ARG C 67 16.09 12.07 -34.03
CA ARG C 67 16.56 12.62 -35.29
C ARG C 67 16.56 14.15 -35.25
N LEU C 68 15.46 14.74 -34.77
CA LEU C 68 15.33 16.19 -34.66
C LEU C 68 16.34 16.81 -33.70
N ALA C 69 16.58 16.15 -32.56
CA ALA C 69 17.57 16.60 -31.59
C ALA C 69 18.97 16.67 -32.18
N ALA C 70 19.23 15.85 -33.20
CA ALA C 70 20.50 15.87 -33.91
C ALA C 70 20.65 17.07 -34.83
N ARG C 71 19.59 17.87 -34.95
CA ARG C 71 19.63 19.13 -35.68
C ARG C 71 20.04 20.31 -34.78
N LEU C 72 20.13 20.04 -33.47
CA LEU C 72 20.73 21.00 -32.53
C LEU C 72 22.22 21.18 -32.82
N PRO C 73 22.85 22.27 -32.34
CA PRO C 73 24.27 22.47 -32.60
C PRO C 73 25.11 21.29 -32.08
N GLU C 74 26.12 20.91 -32.84
CA GLU C 74 26.93 19.73 -32.55
C GLU C 74 27.56 19.76 -31.17
N GLY C 75 28.08 20.93 -30.78
CA GLY C 75 28.69 21.14 -29.48
C GLY C 75 27.74 20.93 -28.30
N VAL C 76 26.45 21.16 -28.54
CA VAL C 76 25.42 20.97 -27.53
C VAL C 76 25.16 19.48 -27.29
N GLN C 77 25.06 18.71 -28.38
CA GLN C 77 24.87 17.27 -28.31
C GLN C 77 26.05 16.61 -27.62
N ASP C 78 27.26 16.92 -28.07
CA ASP C 78 28.49 16.35 -27.49
C ASP C 78 28.59 16.66 -26.00
N PHE C 79 28.19 17.87 -25.61
CA PHE C 79 28.25 18.28 -24.20
C PHE C 79 27.33 17.45 -23.30
N LEU C 80 26.10 17.21 -23.76
CA LEU C 80 25.11 16.45 -23.01
C LEU C 80 25.38 14.95 -23.04
N ARG C 81 26.00 14.50 -24.12
CA ARG C 81 26.44 13.12 -24.25
C ARG C 81 27.56 12.84 -23.26
N GLU C 82 28.55 13.74 -23.20
CA GLU C 82 29.63 13.67 -22.21
C GLU C 82 29.08 13.59 -20.78
N PHE C 83 28.08 14.42 -20.49
CA PHE C 83 27.42 14.45 -19.18
C PHE C 83 26.71 13.13 -18.87
N LYS C 84 26.03 12.59 -19.87
CA LYS C 84 25.29 11.34 -19.73
C LYS C 84 26.24 10.15 -19.53
N LEU C 85 27.28 10.05 -20.37
CA LEU C 85 28.21 8.92 -20.31
C LEU C 85 29.15 8.93 -19.10
N ALA C 86 29.57 10.12 -18.68
CA ALA C 86 30.47 10.25 -17.52
C ALA C 86 29.82 9.73 -16.26
N ASP C 87 28.51 9.96 -16.13
CA ASP C 87 27.75 9.47 -14.97
C ASP C 87 28.49 9.83 -13.68
N ARG C 88 28.77 11.13 -13.52
CA ARG C 88 29.57 11.63 -12.42
C ARG C 88 28.85 12.78 -11.71
N HIS C 89 28.48 13.80 -12.49
CA HIS C 89 27.88 15.02 -11.95
C HIS C 89 26.40 14.91 -11.77
N GLY C 90 25.92 15.50 -10.68
CA GLY C 90 24.50 15.47 -10.35
C GLY C 90 23.65 16.35 -11.23
N HIS C 91 24.25 17.39 -11.80
CA HIS C 91 23.51 18.32 -12.67
C HIS C 91 24.40 19.01 -13.64
N THR C 92 23.79 19.63 -14.66
CA THR C 92 24.48 20.56 -15.55
C THR C 92 23.50 21.60 -16.12
N VAL C 93 24.02 22.70 -16.64
CA VAL C 93 23.19 23.75 -17.23
C VAL C 93 23.68 24.13 -18.63
N ILE C 94 22.72 24.35 -19.53
CA ILE C 94 23.00 25.00 -20.80
C ILE C 94 22.34 26.38 -20.75
N ARG C 95 23.15 27.42 -20.88
CA ARG C 95 22.71 28.81 -20.72
C ARG C 95 22.69 29.58 -22.04
N GLY C 96 21.96 30.68 -22.05
CA GLY C 96 21.97 31.60 -23.19
C GLY C 96 20.98 31.30 -24.30
N HIS C 97 19.97 30.47 -24.01
CA HIS C 97 18.88 30.26 -24.96
C HIS C 97 18.09 31.54 -25.13
N ASP C 98 17.57 31.76 -26.32
CA ASP C 98 16.74 32.93 -26.60
C ASP C 98 15.26 32.54 -26.48
N PHE C 99 14.66 32.83 -25.33
CA PHE C 99 13.24 32.59 -25.11
C PHE C 99 12.43 33.88 -25.27
N ASP C 100 11.74 33.99 -26.42
CA ASP C 100 10.98 35.19 -26.80
C ASP C 100 9.83 35.48 -25.84
N GLN C 101 10.06 36.41 -24.92
CA GLN C 101 9.10 36.72 -23.87
C GLN C 101 7.78 37.29 -24.38
N ARG C 102 7.81 37.95 -25.54
CA ARG C 102 6.60 38.46 -26.19
C ARG C 102 5.69 37.32 -26.63
N ARG C 103 6.25 36.37 -27.39
CA ARG C 103 5.52 35.20 -27.88
C ARG C 103 5.04 34.32 -26.73
N ILE C 104 5.90 34.11 -25.73
CA ILE C 104 5.59 33.24 -24.59
C ILE C 104 4.37 33.77 -23.84
N GLY C 105 4.33 35.09 -23.63
CA GLY C 105 3.20 35.73 -22.98
C GLY C 105 3.24 35.62 -21.47
N PRO C 106 2.16 36.06 -20.80
CA PRO C 106 2.16 36.07 -19.34
C PRO C 106 2.16 34.68 -18.73
N THR C 107 2.70 34.58 -17.53
CA THR C 107 2.63 33.37 -16.74
C THR C 107 1.15 33.11 -16.41
N PRO C 108 0.68 31.87 -16.66
CA PRO C 108 -0.71 31.51 -16.38
C PRO C 108 -1.03 31.48 -14.88
N ASP C 109 -2.32 31.61 -14.56
CA ASP C 109 -2.78 31.55 -13.17
C ASP C 109 -2.91 30.10 -12.71
N HIS C 110 -3.23 29.20 -13.64
CA HIS C 110 -3.27 27.77 -13.38
C HIS C 110 -2.93 27.00 -14.62
N TRP C 111 -2.49 25.75 -14.46
CA TRP C 111 -2.19 24.89 -15.59
C TRP C 111 -3.41 24.12 -16.03
N ARG C 112 -4.33 23.91 -15.09
CA ARG C 112 -5.46 23.02 -15.28
C ARG C 112 -6.50 23.62 -16.19
N GLY C 113 -6.71 22.97 -17.34
CA GLY C 113 -7.76 23.36 -18.27
C GLY C 113 -7.39 24.37 -19.35
N ARG C 114 -6.20 24.96 -19.26
CA ARG C 114 -5.73 25.84 -20.33
C ARG C 114 -5.26 25.01 -21.53
N VAL C 115 -5.31 25.61 -22.71
CA VAL C 115 -5.09 24.89 -23.97
C VAL C 115 -3.63 24.49 -24.19
N ARG C 116 -3.41 23.19 -24.38
CA ARG C 116 -2.11 22.66 -24.76
C ARG C 116 -2.14 22.20 -26.21
N PRO C 117 -1.14 22.60 -27.01
CA PRO C 117 0.00 23.43 -26.61
C PRO C 117 -0.28 24.93 -26.73
N GLY C 118 0.44 25.72 -25.93
CA GLY C 118 0.27 27.17 -25.92
C GLY C 118 1.29 27.90 -26.77
N PRO C 119 1.39 29.23 -26.61
CA PRO C 119 2.37 30.02 -27.37
C PRO C 119 3.83 29.72 -26.97
N GLU C 120 4.01 29.06 -25.83
CA GLU C 120 5.34 28.65 -25.37
C GLU C 120 5.74 27.25 -25.87
N PHE C 121 4.94 26.72 -26.79
CA PHE C 121 5.18 25.40 -27.40
C PHE C 121 6.61 25.22 -27.91
N PRO C 122 7.17 26.24 -28.61
CA PRO C 122 8.54 26.12 -29.09
C PRO C 122 9.55 25.75 -27.98
N GLU C 123 9.44 26.40 -26.83
CA GLU C 123 10.29 26.13 -25.68
C GLU C 123 10.09 24.71 -25.17
N GLU C 124 8.84 24.26 -25.15
CA GLU C 124 8.51 22.93 -24.67
C GLU C 124 9.09 21.88 -25.60
N LEU C 125 9.05 22.15 -26.91
CA LEU C 125 9.65 21.28 -27.90
C LEU C 125 11.15 21.12 -27.69
N LEU C 126 11.83 22.23 -27.40
CA LEU C 126 13.25 22.21 -27.09
C LEU C 126 13.58 21.20 -26.01
N LEU C 127 12.77 21.20 -24.94
CA LEU C 127 13.00 20.33 -23.81
C LEU C 127 12.75 18.88 -24.21
N MET C 128 11.78 18.66 -25.10
CA MET C 128 11.54 17.33 -25.65
C MET C 128 12.75 16.85 -26.44
N LEU C 129 13.34 17.75 -27.23
CA LEU C 129 14.56 17.46 -28.00
C LEU C 129 15.70 17.05 -27.07
N TYR C 130 15.93 17.83 -26.02
CA TYR C 130 16.94 17.50 -25.01
C TYR C 130 16.65 16.16 -24.34
N SER C 131 15.38 15.88 -24.06
CA SER C 131 14.98 14.62 -23.43
C SER C 131 15.26 13.40 -24.30
N ALA C 132 15.26 13.59 -25.62
CA ALA C 132 15.57 12.53 -26.57
C ALA C 132 17.07 12.28 -26.65
N LEU C 133 17.87 13.29 -26.29
CA LEU C 133 19.32 13.12 -26.23
C LEU C 133 19.72 12.32 -25.00
N LEU C 134 18.97 12.46 -23.92
CA LEU C 134 19.28 11.75 -22.68
C LEU C 134 18.54 10.41 -22.55
N GLY C 135 17.42 10.25 -23.26
CA GLY C 135 16.61 9.04 -23.16
C GLY C 135 15.27 9.18 -23.84
N GLU C 136 14.20 8.89 -23.10
CA GLU C 136 12.83 9.04 -23.61
C GLU C 136 11.99 9.91 -22.68
N PRO C 137 11.24 10.88 -23.25
CA PRO C 137 10.28 11.62 -22.45
C PRO C 137 9.13 10.70 -22.04
N PHE C 138 8.62 10.88 -20.84
CA PHE C 138 7.51 10.09 -20.35
C PHE C 138 6.78 10.93 -19.31
N GLY C 139 5.55 10.52 -18.97
CA GLY C 139 4.75 11.25 -18.01
C GLY C 139 4.00 10.33 -17.07
N TRP C 140 3.09 10.93 -16.31
CA TRP C 140 2.29 10.21 -15.33
C TRP C 140 0.85 10.48 -15.58
N ALA C 141 0.03 9.43 -15.57
CA ALA C 141 -1.42 9.58 -15.67
C ALA C 141 -2.00 10.23 -14.39
N THR C 142 -1.19 10.32 -13.35
CA THR C 142 -1.62 10.82 -12.03
C THR C 142 -1.02 12.17 -11.66
N GLN C 143 -0.25 12.77 -12.58
CA GLN C 143 0.42 14.05 -12.34
C GLN C 143 0.10 14.99 -13.50
N GLN C 144 -0.43 16.17 -13.18
CA GLN C 144 -0.77 17.22 -14.15
C GLN C 144 -1.46 16.73 -15.44
N ASP C 145 -2.50 15.91 -15.29
CA ASP C 145 -3.34 15.44 -16.42
C ASP C 145 -2.62 14.61 -17.49
N GLY C 146 -1.41 14.16 -17.20
CA GLY C 146 -0.64 13.36 -18.15
C GLY C 146 0.00 14.17 -19.26
N HIS C 147 0.20 15.46 -19.03
CA HIS C 147 0.98 16.29 -19.95
C HIS C 147 2.42 15.88 -19.88
N LEU C 148 3.03 15.66 -21.04
CA LEU C 148 4.43 15.24 -21.10
C LEU C 148 5.38 16.35 -20.65
N VAL C 149 4.91 17.59 -20.73
CA VAL C 149 5.68 18.72 -20.22
C VAL C 149 4.92 19.38 -19.10
N HIS C 150 5.55 19.41 -17.91
CA HIS C 150 4.93 19.93 -16.70
C HIS C 150 5.17 21.41 -16.58
N ASP C 151 4.24 22.09 -15.91
CA ASP C 151 4.38 23.50 -15.59
C ASP C 151 4.88 23.67 -14.16
N ILE C 152 5.74 24.66 -13.97
CA ILE C 152 6.18 25.08 -12.64
C ILE C 152 6.05 26.59 -12.52
N PHE C 153 4.91 27.05 -12.01
CA PHE C 153 4.71 28.44 -11.65
C PHE C 153 3.87 28.59 -10.38
N PRO C 154 4.05 29.71 -9.65
CA PRO C 154 3.29 29.89 -8.39
C PRO C 154 1.78 30.04 -8.60
N ILE C 155 1.04 29.27 -7.83
CA ILE C 155 -0.42 29.28 -7.84
C ILE C 155 -0.86 29.62 -6.41
N ARG C 156 -1.75 30.61 -6.29
CA ARG C 156 -2.18 31.13 -4.99
C ARG C 156 -2.72 30.03 -4.06
N SER C 157 -3.48 29.11 -4.64
CA SER C 157 -4.04 27.97 -3.90
C SER C 157 -3.03 26.91 -3.48
N HIS C 158 -1.76 27.07 -3.88
CA HIS C 158 -0.68 26.19 -3.47
C HIS C 158 0.42 26.91 -2.76
N GLU C 159 0.18 28.18 -2.46
CA GLU C 159 1.16 29.08 -1.81
C GLU C 159 1.91 28.44 -0.64
N ASN C 160 1.19 27.63 0.14
CA ASN C 160 1.76 26.99 1.32
C ASN C 160 2.04 25.50 1.15
N ASP C 161 1.90 25.02 -0.09
CA ASP C 161 2.08 23.59 -0.37
C ASP C 161 3.52 23.18 -0.67
N GLN C 162 3.81 21.91 -0.41
CA GLN C 162 5.10 21.33 -0.72
C GLN C 162 5.11 20.80 -2.16
N LEU C 163 4.84 21.69 -3.09
CA LEU C 163 4.75 21.35 -4.51
C LEU C 163 5.53 22.34 -5.35
N GLY C 164 5.69 22.02 -6.63
CA GLY C 164 6.31 22.92 -7.58
C GLY C 164 5.51 24.19 -7.78
N MET C 165 4.19 24.09 -7.62
CA MET C 165 3.29 25.24 -7.78
C MET C 165 3.25 26.15 -6.55
N GLY C 166 4.12 25.89 -5.58
CA GLY C 166 4.22 26.70 -4.37
C GLY C 166 5.20 27.85 -4.50
N SER C 167 5.46 28.53 -3.38
CA SER C 167 6.33 29.71 -3.36
C SER C 167 6.79 30.09 -1.95
N LYS C 168 5.84 30.43 -1.09
CA LYS C 168 6.11 30.88 0.29
C LYS C 168 6.94 29.91 1.12
N GLN C 169 6.62 28.63 1.03
CA GLN C 169 7.32 27.61 1.82
C GLN C 169 8.50 27.05 1.05
N LEU C 170 9.60 26.83 1.77
CA LEU C 170 10.77 26.16 1.22
C LEU C 170 10.37 24.80 0.66
N LEU C 171 10.71 24.56 -0.61
CA LEU C 171 10.56 23.24 -1.20
C LEU C 171 11.74 22.37 -0.75
N THR C 172 11.49 21.56 0.29
CA THR C 172 12.50 20.66 0.84
C THR C 172 13.03 19.76 -0.26
N TRP C 173 14.35 19.58 -0.28
CA TRP C 173 15.01 18.83 -1.35
C TRP C 173 14.60 17.39 -1.39
N HIS C 174 14.64 16.82 -2.59
CA HIS C 174 14.16 15.46 -2.83
C HIS C 174 14.61 14.92 -4.15
N THR C 175 14.62 13.59 -4.25
CA THR C 175 14.64 12.90 -5.53
C THR C 175 13.22 12.99 -6.10
N GLU C 176 13.11 13.25 -7.40
CA GLU C 176 11.82 13.27 -8.06
C GLU C 176 11.18 11.88 -8.04
N ASP C 177 9.92 11.84 -7.58
CA ASP C 177 9.17 10.60 -7.38
C ASP C 177 10.01 9.49 -6.74
N ALA C 178 10.62 9.83 -5.59
CA ALA C 178 11.53 8.93 -4.88
C ALA C 178 10.90 7.59 -4.53
N PHE C 179 9.58 7.60 -4.27
CA PHE C 179 8.82 6.40 -3.89
C PHE C 179 8.68 5.40 -5.03
N HIS C 180 8.70 5.89 -6.26
CA HIS C 180 8.31 5.11 -7.42
C HIS C 180 9.47 4.36 -8.02
N PRO C 181 9.27 3.07 -8.33
CA PRO C 181 10.32 2.24 -8.95
C PRO C 181 10.63 2.62 -10.39
N TYR C 182 9.72 3.33 -11.06
CA TYR C 182 9.98 3.78 -12.43
C TYR C 182 10.09 5.31 -12.51
N ARG C 183 10.53 5.92 -11.41
CA ARG C 183 10.84 7.35 -11.36
C ARG C 183 11.81 7.76 -12.46
N SER C 184 11.88 9.06 -12.75
CA SER C 184 12.81 9.64 -13.72
C SER C 184 14.24 9.18 -13.52
N ASP C 185 15.00 9.10 -14.62
CA ASP C 185 16.44 8.94 -14.55
C ASP C 185 17.12 10.29 -14.72
N TYR C 186 16.47 11.18 -15.47
CA TYR C 186 16.90 12.57 -15.61
C TYR C 186 15.70 13.49 -15.55
N LEU C 187 15.94 14.68 -15.02
CA LEU C 187 15.00 15.78 -15.10
C LEU C 187 15.56 16.88 -15.97
N ILE C 188 14.68 17.46 -16.78
CA ILE C 188 15.05 18.64 -17.54
C ILE C 188 14.15 19.78 -17.08
N LEU C 189 14.79 20.86 -16.62
CA LEU C 189 14.07 22.02 -16.11
C LEU C 189 14.46 23.26 -16.91
N GLY C 190 13.50 23.78 -17.68
CA GLY C 190 13.74 24.93 -18.52
C GLY C 190 13.11 26.17 -17.92
N ALA C 191 13.91 27.20 -17.71
CA ALA C 191 13.44 28.43 -17.07
C ALA C 191 12.99 29.45 -18.10
N LEU C 192 11.67 29.55 -18.29
CA LEU C 192 11.10 30.52 -19.23
C LEU C 192 11.37 31.95 -18.75
N ARG C 193 11.18 32.15 -17.45
CA ARG C 193 11.53 33.40 -16.79
C ARG C 193 11.80 33.16 -15.30
N ASN C 194 12.67 34.01 -14.75
CA ASN C 194 12.92 34.05 -13.31
C ASN C 194 13.37 35.46 -12.92
N PRO C 195 12.44 36.45 -13.01
CA PRO C 195 12.79 37.87 -12.87
C PRO C 195 13.43 38.22 -11.53
N ASP C 196 13.07 37.50 -10.47
CA ASP C 196 13.65 37.71 -9.15
C ASP C 196 14.81 36.76 -8.84
N HIS C 197 15.21 35.96 -9.84
CA HIS C 197 16.36 35.05 -9.75
C HIS C 197 16.28 34.11 -8.58
N VAL C 198 15.16 33.41 -8.46
CA VAL C 198 14.94 32.46 -7.36
C VAL C 198 15.78 31.20 -7.58
N PRO C 199 16.59 30.82 -6.57
CA PRO C 199 17.50 29.70 -6.77
C PRO C 199 16.82 28.35 -6.70
N THR C 200 17.34 27.39 -7.45
CA THR C 200 17.04 25.99 -7.26
C THR C 200 18.14 25.47 -6.33
N THR C 201 17.75 24.59 -5.39
CA THR C 201 18.75 23.89 -4.60
C THR C 201 18.96 22.53 -5.22
N VAL C 202 20.22 22.14 -5.36
CA VAL C 202 20.58 20.79 -5.79
C VAL C 202 21.81 20.27 -5.02
N GLY C 203 21.81 18.97 -4.74
CA GLY C 203 22.84 18.37 -3.93
C GLY C 203 23.16 16.94 -4.32
N GLU C 204 24.44 16.58 -4.23
CA GLU C 204 24.90 15.25 -4.59
C GLU C 204 25.26 14.44 -3.36
N LEU C 205 25.79 13.25 -3.59
CA LEU C 205 26.27 12.37 -2.54
C LEU C 205 27.77 12.54 -2.39
N ASP C 206 28.22 12.85 -1.18
CA ASP C 206 29.64 12.86 -0.86
C ASP C 206 29.92 11.69 0.09
N LEU C 207 31.00 10.97 -0.17
CA LEU C 207 31.35 9.80 0.64
C LEU C 207 32.54 10.03 1.58
N SER C 208 32.84 11.29 1.86
CA SER C 208 34.03 11.65 2.66
C SER C 208 33.85 11.46 4.18
N SER C 209 32.62 11.22 4.63
CA SER C 209 32.37 10.90 6.03
C SER C 209 31.55 9.62 6.22
N LEU C 210 31.37 8.88 5.14
CA LEU C 210 30.62 7.62 5.17
C LEU C 210 31.51 6.39 4.90
N SER C 211 31.28 5.33 5.65
CA SER C 211 32.09 4.12 5.57
C SER C 211 31.45 3.04 4.70
N ALA C 212 32.25 2.03 4.36
CA ALA C 212 31.75 0.85 3.66
C ALA C 212 30.64 0.16 4.46
N GLU C 213 30.65 0.38 5.77
CA GLU C 213 29.67 -0.19 6.68
C GLU C 213 28.33 0.56 6.63
N ASP C 214 28.39 1.90 6.61
CA ASP C 214 27.18 2.73 6.54
C ASP C 214 26.47 2.52 5.20
N ILE C 215 27.26 2.47 4.13
CA ILE C 215 26.77 2.26 2.78
C ILE C 215 26.02 0.92 2.66
N ASP C 216 26.63 -0.15 3.16
CA ASP C 216 25.97 -1.47 3.17
C ASP C 216 24.58 -1.40 3.80
N VAL C 217 24.48 -0.78 4.97
CA VAL C 217 23.21 -0.60 5.67
C VAL C 217 22.21 0.23 4.85
N LEU C 218 22.71 1.20 4.09
CA LEU C 218 21.86 2.06 3.26
C LEU C 218 21.41 1.38 1.95
N PHE C 219 22.11 0.30 1.59
CA PHE C 219 21.81 -0.50 0.39
C PHE C 219 20.72 -1.54 0.62
N GLU C 220 20.27 -1.69 1.87
CA GLU C 220 19.30 -2.72 2.22
C GLU C 220 17.89 -2.16 2.32
N PRO C 221 16.87 -3.00 2.05
CA PRO C 221 15.48 -2.54 2.09
C PRO C 221 14.96 -2.36 3.52
N ARG C 222 15.33 -1.24 4.14
CA ARG C 222 15.01 -0.99 5.54
C ARG C 222 14.39 0.39 5.77
N TYR C 223 14.03 1.07 4.67
CA TYR C 223 13.57 2.45 4.74
C TYR C 223 12.27 2.63 3.96
N HIS C 224 11.40 3.49 4.48
CA HIS C 224 10.12 3.77 3.84
C HIS C 224 10.11 5.12 3.21
N ILE C 225 9.69 5.18 1.94
CA ILE C 225 9.42 6.45 1.27
C ILE C 225 8.02 6.45 0.67
N ALA C 226 7.20 7.41 1.12
CA ALA C 226 5.82 7.57 0.67
C ALA C 226 5.73 8.52 -0.54
N PRO C 227 4.58 8.51 -1.25
CA PRO C 227 4.37 9.44 -2.37
C PRO C 227 3.91 10.82 -1.94
N ASP C 228 4.26 11.82 -2.74
CA ASP C 228 3.85 13.22 -2.51
C ASP C 228 2.47 13.53 -3.08
N GLU C 229 1.98 14.75 -2.80
CA GLU C 229 0.59 15.12 -3.10
C GLU C 229 0.27 15.52 -4.55
N SER C 230 1.28 15.56 -5.43
CA SER C 230 1.03 15.83 -6.86
C SER C 230 0.36 14.64 -7.56
N HIS C 231 0.40 13.47 -6.91
CA HIS C 231 -0.23 12.25 -7.43
C HIS C 231 -1.64 12.03 -6.95
N LEU C 232 -2.10 12.86 -6.01
CA LEU C 232 -3.46 12.79 -5.50
C LEU C 232 -4.50 13.25 -6.54
N PRO C 233 -5.69 12.61 -6.57
CA PRO C 233 -6.82 12.99 -7.42
C PRO C 233 -7.28 14.43 -7.21
N LYS C 234 -6.95 14.98 -6.04
CA LYS C 234 -7.25 16.35 -5.66
C LYS C 234 -6.65 17.36 -6.64
N ASN C 235 -5.44 17.07 -7.12
CA ASN C 235 -4.69 17.98 -7.99
C ASN C 235 -4.78 17.64 -9.47
N ASN C 236 -5.79 16.86 -9.84
CA ASN C 236 -6.04 16.48 -11.23
C ASN C 236 -7.52 16.63 -11.58
N THR C 237 -7.83 16.80 -12.85
CA THR C 237 -9.23 16.72 -13.29
C THR C 237 -9.61 15.26 -13.54
N ILE C 238 -10.47 14.74 -12.67
CA ILE C 238 -10.80 13.31 -12.61
C ILE C 238 -11.92 12.91 -13.57
N ALA C 239 -12.76 11.96 -13.17
CA ALA C 239 -13.91 11.53 -13.97
C ALA C 239 -15.10 11.14 -13.09
N THR C 240 -14.80 10.78 -11.84
CA THR C 240 -15.76 10.54 -10.74
C THR C 240 -14.95 9.93 -9.58
N GLU C 241 -14.89 8.61 -9.56
CA GLU C 241 -14.01 7.86 -8.65
C GLU C 241 -13.64 6.46 -9.18
N GLU C 242 -12.71 6.37 -10.13
CA GLU C 242 -12.05 7.49 -10.80
C GLU C 242 -11.59 7.08 -12.21
N GLU C 243 -12.55 7.03 -13.14
CA GLU C 243 -12.37 6.43 -14.46
C GLU C 243 -11.67 5.07 -14.34
N ALA C 244 -12.26 4.22 -13.50
CA ALA C 244 -11.70 2.92 -13.09
C ALA C 244 -10.46 3.05 -12.20
N ALA C 245 -9.30 2.64 -12.70
CA ALA C 245 -8.11 2.50 -11.88
C ALA C 245 -6.96 3.43 -12.28
N ARG C 246 -7.27 4.72 -12.46
CA ARG C 246 -6.28 5.71 -12.87
C ARG C 246 -5.25 6.02 -11.77
N PHE C 247 -5.72 6.06 -10.53
CA PHE C 247 -4.85 6.34 -9.38
C PHE C 247 -4.51 5.07 -8.59
N ALA C 248 -4.91 3.92 -9.14
CA ALA C 248 -4.74 2.62 -8.48
C ALA C 248 -3.30 2.29 -8.12
N THR C 249 -2.38 2.56 -9.05
CA THR C 249 -0.97 2.26 -8.85
C THR C 249 -0.34 2.98 -7.65
N ILE C 250 -0.67 4.25 -7.46
CA ILE C 250 -0.17 4.99 -6.30
C ILE C 250 -0.92 4.62 -5.02
N GLN C 251 -2.23 4.39 -5.14
CA GLN C 251 -3.05 3.87 -4.04
C GLN C 251 -2.48 2.56 -3.52
N ARG C 252 -2.15 1.65 -4.45
CA ARG C 252 -1.52 0.37 -4.14
C ARG C 252 -0.27 0.58 -3.28
N MET C 253 0.53 1.57 -3.65
CA MET C 253 1.79 1.86 -2.96
C MET C 253 1.59 2.47 -1.57
N ILE C 254 0.61 3.35 -1.45
CA ILE C 254 0.21 3.94 -0.16
C ILE C 254 -0.29 2.83 0.77
N ASP C 255 -1.17 1.97 0.26
CA ASP C 255 -1.76 0.88 1.02
C ASP C 255 -0.84 -0.35 1.02
N GLU C 256 0.45 -0.14 1.30
CA GLU C 256 1.45 -1.19 1.29
C GLU C 256 2.68 -0.79 2.10
N ARG C 257 3.04 0.50 2.04
CA ARG C 257 4.15 1.08 2.82
C ARG C 257 5.44 0.25 2.77
N PRO C 258 5.97 -0.01 1.55
CA PRO C 258 7.04 -0.99 1.40
C PRO C 258 8.43 -0.43 1.72
N LEU C 259 9.31 -1.29 2.23
CA LEU C 259 10.67 -0.90 2.58
C LEU C 259 11.63 -1.10 1.41
N GLY C 260 12.32 -0.02 1.03
CA GLY C 260 13.31 -0.07 -0.02
C GLY C 260 14.66 0.46 0.42
N PRO C 261 15.68 0.32 -0.44
CA PRO C 261 16.98 0.91 -0.09
C PRO C 261 17.00 2.41 -0.35
N LEU C 262 18.05 3.08 0.14
CA LEU C 262 18.25 4.49 -0.17
C LEU C 262 19.43 4.67 -1.12
N LEU C 263 20.35 3.72 -1.08
CA LEU C 263 21.48 3.67 -2.00
C LEU C 263 21.46 2.36 -2.79
N TYR C 264 21.90 2.43 -4.04
CA TYR C 264 21.92 1.30 -4.96
C TYR C 264 23.00 1.49 -6.04
N GLY C 265 23.19 0.47 -6.87
CA GLY C 265 24.25 0.50 -7.87
C GLY C 265 25.58 0.05 -7.28
N SER C 266 26.66 0.73 -7.68
CA SER C 266 28.00 0.44 -7.18
C SER C 266 28.17 0.91 -5.74
N ARG C 267 28.60 0.02 -4.86
CA ARG C 267 28.85 0.37 -3.46
C ARG C 267 30.00 1.36 -3.34
N LEU C 268 30.87 1.37 -4.34
CA LEU C 268 32.00 2.31 -4.40
C LEU C 268 31.60 3.72 -4.87
N ASP C 269 30.41 3.85 -5.45
CA ASP C 269 29.97 5.10 -6.08
C ASP C 269 28.44 5.05 -6.28
N PRO C 270 27.68 5.04 -5.18
CA PRO C 270 26.25 4.69 -5.22
C PRO C 270 25.31 5.77 -5.75
N TYR C 271 24.22 5.33 -6.36
CA TYR C 271 23.10 6.18 -6.73
C TYR C 271 22.23 6.33 -5.50
N MET C 272 21.39 7.36 -5.46
CA MET C 272 20.52 7.58 -4.31
C MET C 272 19.08 7.89 -4.70
N ARG C 273 18.16 7.53 -3.81
CA ARG C 273 16.79 8.03 -3.85
C ARG C 273 16.48 8.55 -2.45
N LEU C 274 16.02 9.79 -2.37
CA LEU C 274 15.90 10.47 -1.09
C LEU C 274 14.74 11.45 -1.10
N ASP C 275 13.85 11.32 -0.11
CA ASP C 275 12.77 12.27 0.09
C ASP C 275 12.44 12.40 1.58
N PRO C 276 13.24 13.20 2.32
CA PRO C 276 13.13 13.29 3.78
C PRO C 276 11.73 13.58 4.31
N TYR C 277 11.00 14.48 3.66
CA TYR C 277 9.66 14.89 4.08
C TYR C 277 8.65 13.74 4.06
N PHE C 278 8.89 12.75 3.19
CA PHE C 278 8.01 11.58 3.07
C PHE C 278 8.74 10.28 3.45
N THR C 279 9.61 10.37 4.44
CA THR C 279 10.42 9.22 4.86
C THR C 279 10.27 8.90 6.36
N SER C 280 10.19 7.60 6.65
CA SER C 280 10.18 7.09 8.02
C SER C 280 11.05 5.84 8.11
N VAL C 281 11.61 5.60 9.29
CA VAL C 281 12.45 4.43 9.54
C VAL C 281 11.92 3.72 10.79
N PRO C 282 11.71 2.38 10.69
CA PRO C 282 11.23 1.57 11.82
C PRO C 282 12.09 1.75 13.07
N GLN C 283 11.42 2.02 14.19
CA GLN C 283 12.09 2.39 15.45
C GLN C 283 13.14 1.39 15.93
N ASP C 284 12.81 0.10 15.87
CA ASP C 284 13.71 -0.97 16.29
C ASP C 284 15.02 -0.99 15.51
N ASP C 285 14.95 -0.66 14.22
CA ASP C 285 16.11 -0.73 13.33
C ASP C 285 17.12 0.38 13.60
N THR C 286 17.80 0.28 14.73
CA THR C 286 18.78 1.27 15.20
C THR C 286 19.87 1.57 14.18
N ASP C 287 20.41 0.52 13.56
CA ASP C 287 21.44 0.66 12.52
C ASP C 287 20.97 1.48 11.32
N ALA C 288 19.70 1.33 10.97
CA ALA C 288 19.12 2.03 9.82
C ALA C 288 18.87 3.50 10.12
N ARG C 289 18.33 3.78 11.31
CA ARG C 289 18.00 5.13 11.72
C ARG C 289 19.26 5.99 11.82
N ARG C 290 20.33 5.42 12.38
CA ARG C 290 21.62 6.10 12.48
C ARG C 290 22.23 6.35 11.10
N ALA C 291 22.10 5.37 10.21
CA ALA C 291 22.62 5.47 8.85
C ALA C 291 21.85 6.52 8.03
N TYR C 292 20.53 6.52 8.15
CA TYR C 292 19.69 7.50 7.45
C TYR C 292 19.97 8.94 7.91
N ASP C 293 19.98 9.15 9.22
CA ASP C 293 20.28 10.47 9.79
C ASP C 293 21.61 10.99 9.28
N ALA C 294 22.61 10.10 9.23
CA ALA C 294 23.91 10.42 8.66
C ALA C 294 23.78 10.80 7.18
N LEU C 295 23.01 10.02 6.42
CA LEU C 295 22.80 10.28 5.00
C LEU C 295 22.13 11.64 4.79
N PHE C 296 21.04 11.89 5.53
CA PHE C 296 20.35 13.19 5.48
C PHE C 296 21.31 14.36 5.76
N LYS C 297 22.13 14.23 6.80
CA LYS C 297 23.05 15.30 7.18
C LYS C 297 24.13 15.55 6.13
N VAL C 298 24.67 14.48 5.56
CA VAL C 298 25.67 14.55 4.50
C VAL C 298 25.13 15.32 3.29
N VAL C 299 23.91 14.95 2.86
CA VAL C 299 23.30 15.56 1.68
C VAL C 299 22.86 17.01 1.96
N ASP C 300 22.30 17.23 3.14
CA ASP C 300 21.82 18.56 3.55
C ASP C 300 22.95 19.60 3.63
N SER C 301 24.11 19.19 4.15
CA SER C 301 25.25 20.10 4.27
C SER C 301 25.93 20.39 2.92
N GLY C 302 25.74 19.51 1.94
CA GLY C 302 26.32 19.67 0.62
C GLY C 302 25.45 20.39 -0.39
N MET C 303 24.29 20.90 0.04
CA MET C 303 23.35 21.56 -0.87
C MET C 303 23.92 22.82 -1.53
N ARG C 304 23.79 22.89 -2.85
CA ARG C 304 24.23 24.03 -3.66
C ARG C 304 23.02 24.82 -4.16
N GLU C 305 23.19 26.15 -4.27
CA GLU C 305 22.18 27.01 -4.90
C GLU C 305 22.55 27.22 -6.36
N VAL C 306 21.60 26.91 -7.24
CA VAL C 306 21.78 27.03 -8.67
C VAL C 306 20.61 27.83 -9.20
N VAL C 307 20.88 29.04 -9.71
CA VAL C 307 19.81 29.87 -10.24
C VAL C 307 19.63 29.55 -11.72
N ALA C 308 18.44 29.06 -12.05
CA ALA C 308 18.06 28.87 -13.43
C ALA C 308 17.34 30.14 -13.87
N ASP C 309 18.07 30.99 -14.60
CA ASP C 309 17.55 32.24 -15.14
C ASP C 309 16.89 32.00 -16.49
N GLN C 310 16.18 33.02 -16.97
CA GLN C 310 15.59 33.02 -18.29
C GLN C 310 16.62 32.53 -19.33
N GLY C 311 16.24 31.53 -20.11
CA GLY C 311 17.13 30.99 -21.14
C GLY C 311 18.01 29.84 -20.67
N ASP C 312 17.91 29.49 -19.39
CA ASP C 312 18.68 28.38 -18.84
C ASP C 312 17.86 27.11 -18.82
N VAL C 313 18.53 26.01 -19.15
CA VAL C 313 17.96 24.68 -19.05
C VAL C 313 18.84 23.88 -18.10
N LEU C 314 18.25 23.45 -16.98
CA LEU C 314 18.94 22.66 -15.96
C LEU C 314 18.67 21.17 -16.17
N PHE C 315 19.74 20.40 -16.19
CA PHE C 315 19.65 18.95 -16.36
C PHE C 315 20.03 18.28 -15.06
N ILE C 316 19.09 17.55 -14.48
CA ILE C 316 19.33 16.90 -13.21
C ILE C 316 19.37 15.38 -13.36
N ASP C 317 20.50 14.79 -12.96
CA ASP C 317 20.60 13.35 -12.82
C ASP C 317 19.78 12.96 -11.59
N ASN C 318 18.63 12.34 -11.83
CA ASN C 318 17.72 11.93 -10.75
C ASN C 318 18.29 10.82 -9.86
N HIS C 319 19.42 10.26 -10.25
CA HIS C 319 20.09 9.21 -9.46
C HIS C 319 21.24 9.71 -8.64
N ARG C 320 21.80 10.86 -9.02
CA ARG C 320 22.98 11.39 -8.35
C ARG C 320 22.75 12.74 -7.67
N ALA C 321 21.55 13.31 -7.82
CA ALA C 321 21.25 14.60 -7.18
C ALA C 321 19.82 14.72 -6.71
N VAL C 322 19.65 15.36 -5.55
CA VAL C 322 18.34 15.81 -5.07
C VAL C 322 18.16 17.28 -5.43
N HIS C 323 16.92 17.74 -5.48
CA HIS C 323 16.66 19.13 -5.80
C HIS C 323 15.54 19.69 -5.00
N GLY C 324 15.60 21.00 -4.76
CA GLY C 324 14.51 21.73 -4.13
C GLY C 324 14.44 23.13 -4.67
N ARG C 325 13.77 24.01 -3.93
CA ARG C 325 13.61 25.42 -4.31
C ARG C 325 13.41 26.28 -3.08
N LEU C 326 14.16 27.38 -3.00
CA LEU C 326 14.06 28.30 -1.85
C LEU C 326 12.73 29.08 -1.83
N PRO C 327 12.35 29.62 -0.65
CA PRO C 327 11.11 30.39 -0.51
C PRO C 327 11.13 31.68 -1.31
N PHE C 328 9.99 32.08 -1.85
CA PHE C 328 9.86 33.36 -2.53
C PHE C 328 8.44 33.92 -2.47
N GLN C 329 8.32 35.22 -2.67
CA GLN C 329 7.02 35.88 -2.72
C GLN C 329 6.62 36.06 -4.17
N ALA C 330 5.51 35.43 -4.57
CA ALA C 330 4.99 35.56 -5.92
C ALA C 330 4.17 36.83 -6.07
N ARG C 331 3.93 37.24 -7.31
CA ARG C 331 3.19 38.46 -7.62
C ARG C 331 1.79 38.15 -8.11
N TYR C 332 1.64 36.96 -8.69
CA TYR C 332 0.36 36.49 -9.26
C TYR C 332 -0.23 37.43 -10.32
N ASP C 333 0.64 38.19 -11.00
CA ASP C 333 0.22 39.19 -11.98
C ASP C 333 0.56 38.78 -13.41
N GLY C 334 1.07 37.57 -13.58
CA GLY C 334 1.45 37.06 -14.90
C GLY C 334 2.92 37.29 -15.23
N THR C 335 3.70 37.69 -14.24
CA THR C 335 5.13 37.97 -14.44
C THR C 335 6.01 37.04 -13.60
N ASP C 336 5.39 36.10 -12.89
CA ASP C 336 6.12 35.21 -12.00
C ASP C 336 7.04 34.22 -12.69
N ARG C 337 8.04 33.76 -11.93
CA ARG C 337 8.91 32.64 -12.29
C ARG C 337 8.12 31.51 -12.95
N TRP C 338 8.61 31.05 -14.10
CA TRP C 338 7.93 30.00 -14.87
C TRP C 338 8.92 29.04 -15.46
N LEU C 339 8.84 27.79 -15.00
CA LEU C 339 9.72 26.71 -15.49
C LEU C 339 8.92 25.60 -16.15
N LYS C 340 9.53 24.92 -17.11
CA LYS C 340 8.96 23.69 -17.65
C LYS C 340 9.77 22.48 -17.20
N ARG C 341 9.06 21.40 -16.85
CA ARG C 341 9.68 20.14 -16.45
C ARG C 341 9.33 19.02 -17.41
N VAL C 342 10.34 18.24 -17.75
CA VAL C 342 10.18 17.02 -18.53
C VAL C 342 10.88 15.90 -17.78
N CYS C 343 10.11 14.83 -17.52
CA CYS C 343 10.66 13.61 -16.95
C CYS C 343 11.25 12.72 -18.03
N VAL C 344 12.44 12.18 -17.76
CA VAL C 344 13.19 11.40 -18.74
C VAL C 344 13.53 10.01 -18.20
N THR C 345 13.13 8.97 -18.94
CA THR C 345 13.49 7.59 -18.61
C THR C 345 14.51 7.04 -19.61
N SER C 346 15.45 6.27 -19.10
CA SER C 346 16.41 5.57 -19.94
C SER C 346 15.75 4.39 -20.65
N ASP C 347 14.84 3.72 -19.95
CA ASP C 347 14.21 2.50 -20.43
C ASP C 347 12.68 2.54 -20.27
N LEU C 348 11.99 2.96 -21.32
CA LEU C 348 10.53 3.04 -21.34
C LEU C 348 9.84 1.68 -21.17
N ARG C 349 10.47 0.62 -21.67
CA ARG C 349 9.90 -0.73 -21.61
C ARG C 349 9.95 -1.35 -20.21
N ARG C 350 10.87 -0.84 -19.38
CA ARG C 350 10.99 -1.25 -17.98
C ARG C 350 9.67 -1.07 -17.23
N SER C 351 8.91 -0.04 -17.59
CA SER C 351 7.69 0.33 -16.89
C SER C 351 6.42 -0.23 -17.52
N ARG C 352 6.58 -1.15 -18.48
CA ARG C 352 5.47 -1.68 -19.27
C ARG C 352 4.29 -2.19 -18.42
N GLU C 353 4.59 -2.84 -17.29
CA GLU C 353 3.54 -3.36 -16.39
C GLU C 353 2.66 -2.27 -15.80
N MET C 354 3.15 -1.03 -15.78
CA MET C 354 2.39 0.09 -15.20
C MET C 354 1.86 1.04 -16.25
N ARG C 355 1.97 0.66 -17.52
CA ARG C 355 1.46 1.48 -18.62
C ARG C 355 0.33 0.76 -19.34
N ALA C 356 -0.73 1.51 -19.64
CA ALA C 356 -1.97 0.95 -20.21
C ALA C 356 -1.76 0.15 -21.51
N THR C 357 -0.95 0.71 -22.41
CA THR C 357 -0.62 0.07 -23.68
C THR C 357 0.90 0.10 -23.88
N SER C 358 1.39 -0.56 -24.93
CA SER C 358 2.81 -0.51 -25.30
C SER C 358 3.24 0.88 -25.74
N ALA C 359 2.36 1.57 -26.46
CA ALA C 359 2.71 2.85 -27.09
C ALA C 359 2.61 4.06 -26.16
N THR C 360 1.90 3.93 -25.04
CA THR C 360 1.68 5.06 -24.15
C THR C 360 2.91 5.39 -23.28
N ARG C 361 3.13 6.67 -23.04
CA ARG C 361 4.28 7.12 -22.27
C ARG C 361 3.88 7.60 -20.89
N LEU C 362 2.62 7.36 -20.53
CA LEU C 362 2.12 7.75 -19.21
C LEU C 362 2.04 6.52 -18.30
N LEU C 363 2.42 6.72 -17.04
CA LEU C 363 2.39 5.65 -16.05
C LEU C 363 1.15 5.77 -15.18
N GLY C 364 0.54 4.63 -14.90
CA GLY C 364 -0.65 4.55 -14.07
C GLY C 364 -1.60 3.43 -14.47
N THR D 29 6.08 -10.40 -41.10
CA THR D 29 7.06 -9.55 -40.38
C THR D 29 7.62 -8.46 -41.30
N PRO D 30 7.41 -7.18 -40.94
CA PRO D 30 7.88 -6.07 -41.77
C PRO D 30 9.40 -6.00 -41.88
N SER D 31 9.88 -5.63 -43.08
CA SER D 31 11.29 -5.41 -43.31
C SER D 31 11.49 -4.18 -44.21
N TYR D 32 12.71 -3.68 -44.26
CA TYR D 32 13.05 -2.48 -45.02
C TYR D 32 14.19 -2.80 -45.97
N SER D 33 13.94 -2.58 -47.26
CA SER D 33 14.94 -2.87 -48.29
C SER D 33 15.53 -1.56 -48.80
N LEU D 34 16.85 -1.45 -48.71
CA LEU D 34 17.55 -0.26 -49.15
C LEU D 34 17.50 -0.11 -50.68
N THR D 35 17.40 1.13 -51.14
CA THR D 35 17.58 1.47 -52.54
C THR D 35 19.09 1.47 -52.82
N PRO D 36 19.48 1.26 -54.10
CA PRO D 36 20.91 1.31 -54.48
C PRO D 36 21.63 2.58 -54.01
N ALA D 37 20.90 3.69 -53.91
CA ALA D 37 21.47 4.97 -53.45
C ALA D 37 21.70 4.95 -51.93
N GLU D 38 20.67 4.54 -51.19
CA GLU D 38 20.76 4.41 -49.72
C GLU D 38 21.92 3.52 -49.30
N ALA D 39 22.03 2.34 -49.91
CA ALA D 39 23.12 1.41 -49.62
C ALA D 39 24.47 2.07 -49.87
N SER D 40 24.60 2.77 -51.00
CA SER D 40 25.83 3.46 -51.36
C SER D 40 26.15 4.55 -50.33
N ALA D 41 25.13 5.32 -49.95
CA ALA D 41 25.26 6.36 -48.93
C ALA D 41 25.70 5.79 -47.59
N VAL D 42 25.10 4.67 -47.18
CA VAL D 42 25.50 3.97 -45.97
C VAL D 42 26.97 3.56 -46.09
N ALA D 43 27.30 2.90 -47.20
CA ALA D 43 28.66 2.41 -47.45
C ALA D 43 29.73 3.50 -47.31
N GLU D 44 29.53 4.64 -47.96
CA GLU D 44 30.55 5.70 -47.92
C GLU D 44 30.65 6.40 -46.56
N LEU D 45 29.52 6.58 -45.89
CA LEU D 45 29.51 7.11 -44.52
C LEU D 45 30.31 6.20 -43.60
N THR D 46 30.12 4.90 -43.78
CA THR D 46 30.78 3.90 -42.95
C THR D 46 32.29 3.81 -43.24
N LEU D 47 32.67 4.00 -44.51
CA LEU D 47 34.08 4.06 -44.90
C LEU D 47 34.78 5.32 -44.36
N GLU D 48 34.07 6.45 -44.45
CA GLU D 48 34.55 7.73 -43.92
C GLU D 48 34.85 7.65 -42.43
N LEU D 49 33.94 7.03 -41.68
CA LEU D 49 34.04 6.91 -40.24
C LEU D 49 35.16 5.97 -39.82
N ALA D 50 35.39 4.93 -40.61
CA ALA D 50 36.52 4.01 -40.43
C ALA D 50 37.85 4.75 -40.58
N ALA D 51 37.91 5.66 -41.55
CA ALA D 51 39.10 6.48 -41.78
C ALA D 51 39.33 7.47 -40.62
N ALA D 52 38.25 8.06 -40.12
CA ALA D 52 38.34 9.12 -39.11
C ALA D 52 38.62 8.62 -37.69
N TYR D 53 38.12 7.43 -37.36
CA TYR D 53 38.25 6.89 -36.01
C TYR D 53 39.19 5.68 -35.95
N GLY D 54 39.94 5.59 -34.85
CA GLY D 54 40.96 4.54 -34.68
C GLY D 54 40.37 3.16 -34.41
N SER D 55 39.65 3.04 -33.30
CA SER D 55 39.00 1.79 -32.92
C SER D 55 37.82 2.05 -31.98
N PHE D 56 37.28 0.99 -31.38
CA PHE D 56 36.25 1.12 -30.37
C PHE D 56 36.84 1.47 -29.00
N GLY D 57 38.17 1.45 -28.93
CA GLY D 57 38.90 1.92 -27.76
C GLY D 57 38.97 3.44 -27.71
N ASP D 58 38.43 4.08 -28.75
CA ASP D 58 38.30 5.54 -28.79
C ASP D 58 36.95 5.94 -28.17
N PRO D 59 37.00 6.59 -26.99
CA PRO D 59 35.78 7.02 -26.30
C PRO D 59 35.03 8.13 -27.03
N VAL D 60 35.75 8.91 -27.85
CA VAL D 60 35.14 9.94 -28.68
C VAL D 60 34.20 9.32 -29.71
N LEU D 61 34.55 8.13 -30.19
CA LEU D 61 33.68 7.39 -31.10
C LEU D 61 32.41 6.97 -30.38
N LEU D 62 32.58 6.38 -29.21
CA LEU D 62 31.46 5.94 -28.37
C LEU D 62 30.53 7.11 -27.99
N ARG D 63 31.13 8.28 -27.80
CA ARG D 63 30.41 9.52 -27.55
C ARG D 63 29.59 9.93 -28.79
N ASP D 64 30.24 9.96 -29.96
CA ASP D 64 29.64 10.50 -31.18
C ASP D 64 28.57 9.61 -31.81
N LEU D 65 28.55 8.34 -31.42
CA LEU D 65 27.69 7.31 -32.01
C LEU D 65 26.25 7.71 -32.38
N PRO D 66 25.45 8.23 -31.42
CA PRO D 66 24.07 8.59 -31.78
C PRO D 66 23.99 9.74 -32.78
N ARG D 67 24.88 10.72 -32.65
CA ARG D 67 24.97 11.83 -33.59
C ARG D 67 25.37 11.35 -34.99
N LEU D 68 26.39 10.48 -35.04
CA LEU D 68 26.85 9.87 -36.28
C LEU D 68 25.76 9.07 -36.97
N ALA D 69 24.95 8.38 -36.17
CA ALA D 69 23.83 7.58 -36.65
C ALA D 69 22.75 8.40 -37.33
N ALA D 70 22.71 9.70 -37.03
CA ALA D 70 21.72 10.60 -37.61
C ALA D 70 22.07 10.97 -39.05
N ARG D 71 23.29 10.62 -39.47
CA ARG D 71 23.71 10.82 -40.86
C ARG D 71 23.28 9.68 -41.78
N LEU D 72 22.72 8.62 -41.20
CA LEU D 72 22.19 7.50 -41.97
C LEU D 72 20.90 7.93 -42.69
N PRO D 73 20.52 7.24 -43.78
CA PRO D 73 19.29 7.60 -44.48
C PRO D 73 18.10 7.82 -43.55
N GLU D 74 17.36 8.90 -43.79
CA GLU D 74 16.22 9.29 -42.99
C GLU D 74 15.21 8.16 -42.73
N GLY D 75 14.89 7.41 -43.79
CA GLY D 75 13.91 6.33 -43.72
C GLY D 75 14.37 5.11 -42.94
N VAL D 76 15.68 4.94 -42.82
CA VAL D 76 16.27 3.87 -42.02
C VAL D 76 16.07 4.14 -40.53
N GLN D 77 16.36 5.38 -40.12
CA GLN D 77 16.22 5.79 -38.72
C GLN D 77 14.77 5.69 -38.28
N ASP D 78 13.87 6.21 -39.11
CA ASP D 78 12.44 6.19 -38.83
C ASP D 78 11.89 4.76 -38.73
N PHE D 79 12.41 3.87 -39.56
CA PHE D 79 11.97 2.46 -39.58
C PHE D 79 12.35 1.73 -38.29
N LEU D 80 13.63 1.84 -37.92
CA LEU D 80 14.13 1.27 -36.68
C LEU D 80 13.48 1.88 -35.43
N ARG D 81 13.28 3.18 -35.47
CA ARG D 81 12.56 3.92 -34.44
C ARG D 81 11.12 3.42 -34.29
N GLU D 82 10.44 3.19 -35.41
CA GLU D 82 9.10 2.61 -35.39
C GLU D 82 9.07 1.18 -34.83
N PHE D 83 10.10 0.40 -35.13
CA PHE D 83 10.29 -0.94 -34.54
C PHE D 83 10.47 -0.85 -33.02
N LYS D 84 11.30 0.10 -32.60
CA LYS D 84 11.60 0.33 -31.18
C LYS D 84 10.34 0.73 -30.41
N LEU D 85 9.70 1.81 -30.85
CA LEU D 85 8.53 2.35 -30.15
C LEU D 85 7.32 1.42 -30.23
N ALA D 86 7.14 0.74 -31.36
CA ALA D 86 6.02 -0.20 -31.54
C ALA D 86 5.97 -1.27 -30.45
N ASP D 87 7.14 -1.81 -30.10
CA ASP D 87 7.25 -2.86 -29.06
C ASP D 87 6.27 -4.00 -29.36
N ARG D 88 6.21 -4.38 -30.63
CA ARG D 88 5.23 -5.35 -31.13
C ARG D 88 5.91 -6.61 -31.64
N HIS D 89 6.84 -6.42 -32.57
CA HIS D 89 7.44 -7.52 -33.32
C HIS D 89 8.75 -7.94 -32.74
N GLY D 90 8.97 -9.25 -32.73
CA GLY D 90 10.17 -9.84 -32.12
C GLY D 90 11.44 -9.61 -32.89
N HIS D 91 11.31 -9.24 -34.17
CA HIS D 91 12.46 -8.93 -35.01
C HIS D 91 12.10 -8.11 -36.22
N THR D 92 13.08 -7.42 -36.79
CA THR D 92 12.99 -6.83 -38.12
C THR D 92 14.33 -6.99 -38.82
N VAL D 93 14.34 -6.73 -40.13
CA VAL D 93 15.54 -6.86 -40.95
C VAL D 93 15.65 -5.64 -41.86
N ILE D 94 16.88 -5.15 -42.02
CA ILE D 94 17.19 -4.15 -43.04
C ILE D 94 18.05 -4.83 -44.12
N ARG D 95 17.47 -4.97 -45.31
CA ARG D 95 18.10 -5.73 -46.39
C ARG D 95 18.72 -4.82 -47.45
N GLY D 96 19.83 -5.28 -48.04
CA GLY D 96 20.39 -4.64 -49.23
C GLY D 96 21.60 -3.73 -49.03
N HIS D 97 22.39 -3.98 -47.98
CA HIS D 97 23.61 -3.24 -47.75
C HIS D 97 24.68 -3.62 -48.74
N ASP D 98 25.63 -2.73 -48.95
CA ASP D 98 26.79 -3.02 -49.78
C ASP D 98 28.01 -3.34 -48.90
N PHE D 99 28.23 -4.62 -48.66
CA PHE D 99 29.42 -5.07 -47.94
C PHE D 99 30.50 -5.51 -48.93
N ASP D 100 31.62 -4.78 -48.93
CA ASP D 100 32.73 -5.07 -49.85
C ASP D 100 33.46 -6.35 -49.44
N GLN D 101 33.23 -7.42 -50.22
CA GLN D 101 33.76 -8.75 -49.90
C GLN D 101 35.29 -8.86 -49.97
N ARG D 102 35.90 -8.13 -50.90
CA ARG D 102 37.37 -8.09 -50.99
C ARG D 102 37.99 -7.35 -49.82
N ARG D 103 37.40 -6.20 -49.47
CA ARG D 103 37.87 -5.40 -48.35
C ARG D 103 37.73 -6.20 -47.04
N ILE D 104 36.54 -6.76 -46.83
CA ILE D 104 36.26 -7.59 -45.65
C ILE D 104 37.32 -8.69 -45.49
N GLY D 105 37.66 -9.34 -46.60
CA GLY D 105 38.67 -10.40 -46.60
C GLY D 105 38.10 -11.76 -46.21
N PRO D 106 38.99 -12.74 -45.93
CA PRO D 106 38.52 -14.09 -45.66
C PRO D 106 37.97 -14.26 -44.25
N THR D 107 36.96 -15.11 -44.12
CA THR D 107 36.41 -15.48 -42.81
C THR D 107 37.54 -16.09 -41.99
N PRO D 108 37.85 -15.49 -40.82
CA PRO D 108 39.00 -15.90 -40.01
C PRO D 108 38.90 -17.34 -39.49
N ASP D 109 39.99 -17.84 -38.92
CA ASP D 109 40.00 -19.18 -38.32
C ASP D 109 39.57 -19.15 -36.86
N HIS D 110 40.02 -18.14 -36.13
CA HIS D 110 39.59 -17.89 -34.77
C HIS D 110 39.43 -16.41 -34.55
N TRP D 111 38.65 -16.03 -33.55
CA TRP D 111 38.53 -14.63 -33.14
C TRP D 111 39.67 -14.22 -32.25
N ARG D 112 40.30 -15.21 -31.61
CA ARG D 112 41.51 -14.99 -30.82
C ARG D 112 42.63 -14.51 -31.75
N GLY D 113 43.52 -13.68 -31.23
CA GLY D 113 44.50 -13.00 -32.07
C GLY D 113 43.80 -11.94 -32.88
N ARG D 114 44.09 -11.89 -34.19
CA ARG D 114 43.49 -10.93 -35.13
C ARG D 114 43.71 -9.46 -34.76
N VAL D 115 44.29 -8.71 -35.70
CA VAL D 115 44.45 -7.27 -35.51
C VAL D 115 43.08 -6.61 -35.41
N ARG D 116 42.80 -6.02 -34.25
CA ARG D 116 41.51 -5.38 -34.00
C ARG D 116 41.69 -3.86 -33.91
N PRO D 117 40.96 -3.11 -34.76
CA PRO D 117 39.97 -3.59 -35.72
C PRO D 117 40.58 -4.10 -37.01
N GLY D 118 39.84 -4.97 -37.70
CA GLY D 118 40.28 -5.50 -38.99
C GLY D 118 39.82 -4.62 -40.14
N PRO D 119 39.96 -5.12 -41.39
CA PRO D 119 39.54 -4.34 -42.55
C PRO D 119 38.02 -4.31 -42.74
N GLU D 120 37.31 -5.06 -41.90
CA GLU D 120 35.84 -5.10 -41.92
C GLU D 120 35.25 -4.07 -40.93
N PHE D 121 36.12 -3.21 -40.40
CA PHE D 121 35.77 -2.13 -39.47
C PHE D 121 34.55 -1.27 -39.90
N PRO D 122 34.48 -0.88 -41.18
CA PRO D 122 33.29 -0.18 -41.67
C PRO D 122 31.96 -0.88 -41.30
N GLU D 123 31.93 -2.20 -41.36
CA GLU D 123 30.71 -2.97 -41.09
C GLU D 123 30.40 -3.05 -39.61
N GLU D 124 31.45 -3.21 -38.81
CA GLU D 124 31.35 -3.13 -37.36
C GLU D 124 30.83 -1.78 -36.89
N LEU D 125 31.31 -0.72 -37.52
CA LEU D 125 30.86 0.64 -37.23
C LEU D 125 29.38 0.83 -37.53
N LEU D 126 28.94 0.30 -38.67
CA LEU D 126 27.53 0.39 -39.05
C LEU D 126 26.64 -0.17 -37.96
N LEU D 127 27.01 -1.34 -37.44
CA LEU D 127 26.23 -2.01 -36.41
C LEU D 127 26.24 -1.22 -35.11
N MET D 128 27.35 -0.51 -34.87
CA MET D 128 27.46 0.39 -33.71
C MET D 128 26.59 1.64 -33.88
N LEU D 129 26.46 2.12 -35.11
CA LEU D 129 25.54 3.22 -35.42
C LEU D 129 24.11 2.77 -35.19
N TYR D 130 23.77 1.59 -35.69
CA TYR D 130 22.46 1.01 -35.50
C TYR D 130 22.13 0.82 -34.02
N SER D 131 23.11 0.38 -33.24
CA SER D 131 22.93 0.16 -31.81
C SER D 131 22.64 1.45 -31.04
N ALA D 132 23.25 2.55 -31.47
CA ALA D 132 23.04 3.85 -30.83
C ALA D 132 21.65 4.43 -31.14
N LEU D 133 21.05 3.98 -32.23
CA LEU D 133 19.68 4.33 -32.56
C LEU D 133 18.69 3.61 -31.65
N LEU D 134 19.02 2.39 -31.22
CA LEU D 134 18.12 1.59 -30.38
C LEU D 134 18.41 1.71 -28.89
N GLY D 135 19.63 2.09 -28.53
CA GLY D 135 20.04 2.18 -27.13
C GLY D 135 21.54 2.40 -27.01
N GLU D 136 22.20 1.57 -26.21
CA GLU D 136 23.66 1.64 -26.08
C GLU D 136 24.30 0.28 -26.35
N PRO D 137 25.38 0.28 -27.15
CA PRO D 137 26.17 -0.95 -27.26
C PRO D 137 26.89 -1.22 -25.96
N PHE D 138 26.94 -2.49 -25.55
CA PHE D 138 27.70 -2.89 -24.37
C PHE D 138 28.33 -4.26 -24.63
N GLY D 139 29.26 -4.66 -23.77
CA GLY D 139 29.92 -5.95 -23.93
C GLY D 139 30.03 -6.72 -22.64
N TRP D 140 30.68 -7.87 -22.70
CA TRP D 140 30.90 -8.70 -21.54
C TRP D 140 32.37 -8.88 -21.31
N ALA D 141 32.81 -8.69 -20.08
CA ALA D 141 34.21 -8.95 -19.72
C ALA D 141 34.50 -10.44 -19.82
N THR D 142 33.44 -11.25 -19.72
CA THR D 142 33.51 -12.71 -19.66
C THR D 142 33.16 -13.40 -20.99
N GLN D 143 33.08 -12.63 -22.07
CA GLN D 143 32.68 -13.16 -23.38
C GLN D 143 33.48 -12.47 -24.49
N GLN D 144 34.19 -13.27 -25.27
CA GLN D 144 35.02 -12.80 -26.40
C GLN D 144 35.96 -11.62 -26.08
N ASP D 145 36.64 -11.72 -24.93
CA ASP D 145 37.65 -10.74 -24.51
C ASP D 145 37.18 -9.27 -24.51
N GLY D 146 35.91 -9.07 -24.21
CA GLY D 146 35.35 -7.73 -24.03
C GLY D 146 35.19 -6.87 -25.26
N HIS D 147 35.29 -7.47 -26.44
CA HIS D 147 35.06 -6.76 -27.70
C HIS D 147 33.62 -6.33 -27.75
N LEU D 148 33.38 -5.08 -28.15
CA LEU D 148 32.02 -4.54 -28.21
C LEU D 148 31.22 -5.18 -29.34
N VAL D 149 31.91 -5.52 -30.43
CA VAL D 149 31.29 -6.29 -31.50
C VAL D 149 31.83 -7.72 -31.46
N HIS D 150 30.91 -8.68 -31.44
CA HIS D 150 31.27 -10.08 -31.39
C HIS D 150 31.35 -10.67 -32.76
N ASP D 151 32.11 -11.75 -32.88
CA ASP D 151 32.21 -12.49 -34.13
C ASP D 151 31.34 -13.74 -34.10
N ILE D 152 30.68 -14.00 -35.23
CA ILE D 152 29.98 -15.27 -35.44
C ILE D 152 30.49 -15.91 -36.74
N PHE D 153 31.34 -16.93 -36.58
CA PHE D 153 31.81 -17.75 -37.71
C PHE D 153 32.26 -19.13 -37.23
N PRO D 154 32.25 -20.15 -38.14
CA PRO D 154 32.59 -21.51 -37.70
C PRO D 154 34.06 -21.69 -37.33
N ILE D 155 34.28 -22.23 -36.13
CA ILE D 155 35.60 -22.67 -35.68
C ILE D 155 35.54 -24.18 -35.45
N ARG D 156 36.58 -24.89 -35.87
CA ARG D 156 36.64 -26.36 -35.74
C ARG D 156 36.57 -26.85 -34.30
N SER D 157 37.24 -26.12 -33.40
CA SER D 157 37.22 -26.40 -31.96
C SER D 157 35.80 -26.39 -31.38
N HIS D 158 34.91 -25.67 -32.05
CA HIS D 158 33.54 -25.50 -31.56
C HIS D 158 32.51 -26.12 -32.48
N GLU D 159 32.96 -26.97 -33.40
CA GLU D 159 32.09 -27.64 -34.37
C GLU D 159 30.92 -28.38 -33.71
N ASN D 160 31.17 -28.92 -32.52
CA ASN D 160 30.18 -29.73 -31.79
C ASN D 160 29.45 -29.01 -30.65
N ASP D 161 29.88 -27.78 -30.36
CA ASP D 161 29.40 -27.03 -29.20
C ASP D 161 28.10 -26.27 -29.46
N GLN D 162 27.39 -25.96 -28.37
CA GLN D 162 26.21 -25.08 -28.43
C GLN D 162 26.66 -23.62 -28.32
N LEU D 163 27.35 -23.14 -29.34
CA LEU D 163 27.87 -21.78 -29.38
C LEU D 163 27.59 -21.17 -30.75
N GLY D 164 27.88 -19.87 -30.88
CA GLY D 164 27.74 -19.18 -32.16
C GLY D 164 28.80 -19.62 -33.15
N MET D 165 29.95 -20.05 -32.63
CA MET D 165 31.06 -20.54 -33.43
C MET D 165 30.87 -22.00 -33.89
N GLY D 166 29.76 -22.61 -33.49
CA GLY D 166 29.42 -23.97 -33.90
C GLY D 166 28.93 -24.05 -35.34
N SER D 167 28.72 -25.27 -35.83
CA SER D 167 28.21 -25.47 -37.18
C SER D 167 27.38 -26.75 -37.35
N LYS D 168 28.02 -27.90 -37.11
CA LYS D 168 27.40 -29.21 -37.33
C LYS D 168 26.16 -29.43 -36.46
N GLN D 169 26.22 -28.97 -35.23
CA GLN D 169 25.12 -29.15 -34.27
C GLN D 169 24.12 -27.99 -34.31
N LEU D 170 22.83 -28.32 -34.30
CA LEU D 170 21.77 -27.33 -34.27
C LEU D 170 21.91 -26.48 -33.01
N LEU D 171 22.06 -25.17 -33.21
CA LEU D 171 22.04 -24.22 -32.11
C LEU D 171 20.60 -24.11 -31.64
N THR D 172 20.30 -24.74 -30.52
CA THR D 172 18.95 -24.71 -29.96
C THR D 172 18.61 -23.26 -29.62
N TRP D 173 17.38 -22.85 -29.95
CA TRP D 173 16.98 -21.46 -29.78
C TRP D 173 17.03 -21.00 -28.35
N HIS D 174 17.30 -19.71 -28.18
CA HIS D 174 17.45 -19.12 -26.86
C HIS D 174 17.33 -17.61 -26.91
N THR D 175 16.93 -17.04 -25.78
CA THR D 175 17.10 -15.62 -25.52
C THR D 175 18.58 -15.42 -25.26
N GLU D 176 19.17 -14.37 -25.81
CA GLU D 176 20.61 -14.13 -25.61
C GLU D 176 20.90 -13.73 -24.16
N ASP D 177 21.78 -14.51 -23.52
CA ASP D 177 22.17 -14.34 -22.12
C ASP D 177 20.99 -14.35 -21.14
N ALA D 178 20.08 -15.31 -21.36
CA ALA D 178 18.81 -15.39 -20.64
C ALA D 178 18.96 -15.42 -19.13
N PHE D 179 20.01 -16.12 -18.65
CA PHE D 179 20.32 -16.24 -17.23
C PHE D 179 20.63 -14.91 -16.55
N HIS D 180 21.08 -13.93 -17.33
CA HIS D 180 21.60 -12.68 -16.79
C HIS D 180 20.54 -11.61 -16.67
N PRO D 181 20.46 -10.94 -15.50
CA PRO D 181 19.49 -9.85 -15.33
C PRO D 181 19.78 -8.61 -16.18
N TYR D 182 21.04 -8.41 -16.58
CA TYR D 182 21.39 -7.26 -17.42
C TYR D 182 21.70 -7.69 -18.86
N ARG D 183 21.03 -8.76 -19.31
CA ARG D 183 21.10 -9.22 -20.69
C ARG D 183 20.63 -8.14 -21.67
N SER D 184 21.03 -8.28 -22.92
CA SER D 184 20.63 -7.36 -23.98
C SER D 184 19.14 -7.14 -23.99
N ASP D 185 18.72 -5.94 -24.35
CA ASP D 185 17.32 -5.70 -24.69
C ASP D 185 17.10 -5.92 -26.19
N TYR D 186 18.15 -5.68 -26.97
CA TYR D 186 18.13 -5.90 -28.42
C TYR D 186 19.42 -6.58 -28.89
N LEU D 187 19.31 -7.34 -29.98
CA LEU D 187 20.46 -7.93 -30.65
C LEU D 187 20.58 -7.43 -32.08
N ILE D 188 21.80 -7.10 -32.48
CA ILE D 188 22.07 -6.74 -33.86
C ILE D 188 22.99 -7.78 -34.47
N LEU D 189 22.49 -8.46 -35.49
CA LEU D 189 23.25 -9.49 -36.20
C LEU D 189 23.42 -9.08 -37.66
N GLY D 190 24.63 -8.62 -37.99
CA GLY D 190 24.93 -8.18 -39.35
C GLY D 190 25.59 -9.28 -40.14
N ALA D 191 24.98 -9.65 -41.26
CA ALA D 191 25.44 -10.75 -42.10
C ALA D 191 26.49 -10.29 -43.13
N LEU D 192 27.76 -10.50 -42.80
CA LEU D 192 28.86 -10.16 -43.70
C LEU D 192 28.83 -11.03 -44.96
N ARG D 193 28.74 -12.34 -44.76
CA ARG D 193 28.51 -13.28 -45.86
C ARG D 193 27.80 -14.55 -45.37
N ASN D 194 26.92 -15.07 -46.22
CA ASN D 194 26.22 -16.32 -45.95
C ASN D 194 26.03 -17.09 -47.28
N PRO D 195 27.14 -17.59 -47.85
CA PRO D 195 27.11 -18.22 -49.18
C PRO D 195 26.11 -19.37 -49.30
N ASP D 196 26.11 -20.27 -48.31
CA ASP D 196 25.21 -21.43 -48.33
C ASP D 196 23.80 -21.12 -47.80
N HIS D 197 23.52 -19.84 -47.59
CA HIS D 197 22.21 -19.34 -47.14
C HIS D 197 21.67 -20.04 -45.91
N VAL D 198 22.55 -20.23 -44.93
CA VAL D 198 22.18 -20.86 -43.66
C VAL D 198 21.18 -19.98 -42.92
N PRO D 199 20.00 -20.53 -42.58
CA PRO D 199 18.96 -19.74 -41.94
C PRO D 199 19.18 -19.54 -40.44
N THR D 200 18.86 -18.34 -39.96
CA THR D 200 18.71 -18.08 -38.54
C THR D 200 17.27 -18.48 -38.18
N THR D 201 17.09 -19.03 -36.98
CA THR D 201 15.75 -19.29 -36.49
C THR D 201 15.36 -18.23 -35.47
N VAL D 202 14.10 -17.80 -35.52
CA VAL D 202 13.58 -16.80 -34.60
C VAL D 202 12.09 -16.99 -34.41
N GLY D 203 11.65 -17.03 -33.15
CA GLY D 203 10.24 -17.21 -32.82
C GLY D 203 9.79 -16.28 -31.72
N GLU D 204 8.51 -15.96 -31.74
CA GLU D 204 7.91 -15.07 -30.74
C GLU D 204 6.96 -15.86 -29.83
N LEU D 205 6.16 -15.13 -29.04
CA LEU D 205 5.20 -15.77 -28.15
C LEU D 205 3.79 -15.57 -28.67
N ASP D 206 3.14 -16.68 -28.99
CA ASP D 206 1.71 -16.69 -29.23
C ASP D 206 1.04 -16.86 -27.87
N LEU D 207 0.59 -15.75 -27.31
CA LEU D 207 0.06 -15.72 -25.95
C LEU D 207 -1.31 -16.41 -25.82
N SER D 208 -2.04 -16.46 -26.93
CA SER D 208 -3.40 -17.04 -26.96
C SER D 208 -3.43 -18.54 -26.70
N SER D 209 -2.31 -19.23 -26.96
CA SER D 209 -2.22 -20.67 -26.79
C SER D 209 -2.15 -21.11 -25.33
N LEU D 210 -1.61 -20.25 -24.46
CA LEU D 210 -1.42 -20.59 -23.05
C LEU D 210 -2.62 -20.19 -22.19
N SER D 211 -2.96 -21.06 -21.24
CA SER D 211 -4.01 -20.79 -20.27
C SER D 211 -3.54 -19.77 -19.24
N ALA D 212 -4.47 -18.95 -18.75
CA ALA D 212 -4.17 -17.92 -17.74
C ALA D 212 -3.49 -18.52 -16.50
N GLU D 213 -3.84 -19.76 -16.19
CA GLU D 213 -3.22 -20.53 -15.11
C GLU D 213 -1.74 -20.72 -15.37
N ASP D 214 -1.40 -21.13 -16.60
CA ASP D 214 -0.01 -21.33 -17.00
C ASP D 214 0.77 -20.02 -16.99
N ILE D 215 0.20 -18.99 -17.62
CA ILE D 215 0.80 -17.65 -17.66
C ILE D 215 1.16 -17.15 -16.26
N ASP D 216 0.23 -17.27 -15.32
CA ASP D 216 0.44 -16.79 -13.94
C ASP D 216 1.58 -17.51 -13.24
N VAL D 217 1.76 -18.79 -13.55
CA VAL D 217 2.85 -19.59 -12.97
C VAL D 217 4.20 -19.23 -13.59
N LEU D 218 4.22 -18.93 -14.88
CA LEU D 218 5.43 -18.46 -15.56
C LEU D 218 5.92 -17.10 -15.05
N PHE D 219 5.03 -16.33 -14.41
CA PHE D 219 5.35 -15.02 -13.86
C PHE D 219 6.01 -15.10 -12.48
N GLU D 220 6.02 -16.30 -11.90
CA GLU D 220 6.58 -16.51 -10.56
C GLU D 220 8.02 -17.05 -10.64
N PRO D 221 8.85 -16.74 -9.62
CA PRO D 221 10.26 -17.14 -9.63
C PRO D 221 10.46 -18.63 -9.32
N ARG D 222 10.23 -19.48 -10.32
CA ARG D 222 10.21 -20.92 -10.11
C ARG D 222 11.07 -21.73 -11.09
N TYR D 223 11.85 -21.02 -11.91
CA TYR D 223 12.62 -21.66 -12.98
C TYR D 223 14.10 -21.29 -12.96
N HIS D 224 14.94 -22.27 -13.23
CA HIS D 224 16.39 -22.09 -13.21
C HIS D 224 16.99 -22.03 -14.59
N ILE D 225 17.71 -20.94 -14.88
CA ILE D 225 18.50 -20.84 -16.11
C ILE D 225 19.97 -20.59 -15.76
N ALA D 226 20.85 -21.46 -16.25
CA ALA D 226 22.29 -21.36 -16.01
C ALA D 226 22.99 -20.60 -17.15
N PRO D 227 24.17 -19.99 -16.87
CA PRO D 227 24.96 -19.32 -17.92
C PRO D 227 25.57 -20.32 -18.92
N ASP D 228 25.70 -19.90 -20.18
CA ASP D 228 26.25 -20.76 -21.22
C ASP D 228 27.78 -20.87 -21.16
N GLU D 229 28.34 -21.55 -22.16
CA GLU D 229 29.78 -21.80 -22.23
C GLU D 229 30.60 -20.59 -22.67
N SER D 230 29.98 -19.68 -23.44
CA SER D 230 30.65 -18.46 -23.89
C SER D 230 31.17 -17.59 -22.73
N HIS D 231 30.63 -17.84 -21.53
CA HIS D 231 31.03 -17.12 -20.33
C HIS D 231 32.07 -17.83 -19.48
N LEU D 232 32.57 -18.97 -19.95
CA LEU D 232 33.63 -19.70 -19.25
C LEU D 232 35.02 -19.13 -19.54
N PRO D 233 35.95 -19.23 -18.56
CA PRO D 233 37.34 -18.79 -18.76
C PRO D 233 38.03 -19.46 -19.96
N LYS D 234 37.81 -20.77 -20.16
CA LYS D 234 38.42 -21.51 -21.28
C LYS D 234 38.13 -20.89 -22.65
N ASN D 235 36.95 -20.29 -22.80
CA ASN D 235 36.55 -19.63 -24.04
C ASN D 235 37.01 -18.17 -24.12
N ASN D 236 37.81 -17.75 -23.14
CA ASN D 236 38.41 -16.42 -23.13
C ASN D 236 39.94 -16.50 -23.01
N THR D 237 40.62 -15.35 -23.13
CA THR D 237 42.09 -15.29 -23.09
C THR D 237 42.68 -15.49 -21.69
N ILE D 238 41.82 -15.44 -20.66
CA ILE D 238 42.16 -15.73 -19.24
C ILE D 238 43.13 -14.75 -18.56
N ALA D 239 43.30 -14.94 -17.26
CA ALA D 239 44.32 -14.28 -16.44
C ALA D 239 44.29 -12.75 -16.41
N THR D 240 45.47 -12.13 -16.35
CA THR D 240 45.60 -10.70 -16.15
C THR D 240 45.93 -10.39 -14.68
N GLU D 241 46.81 -9.43 -14.44
CA GLU D 241 47.23 -9.08 -13.08
C GLU D 241 46.09 -8.52 -12.21
N GLU D 242 45.09 -7.93 -12.87
CA GLU D 242 43.91 -7.42 -12.18
C GLU D 242 42.90 -8.54 -11.87
N GLU D 243 43.44 -9.69 -11.47
CA GLU D 243 42.68 -10.86 -10.99
C GLU D 243 41.90 -11.60 -12.07
N ALA D 244 41.84 -12.92 -11.91
CA ALA D 244 40.96 -13.78 -12.71
C ALA D 244 39.52 -13.66 -12.20
N ALA D 245 39.32 -12.79 -11.21
CA ALA D 245 38.01 -12.46 -10.65
C ALA D 245 37.17 -11.62 -11.62
N ARG D 246 37.47 -11.75 -12.91
CA ARG D 246 36.67 -11.20 -13.98
C ARG D 246 35.37 -11.99 -14.07
N PHE D 247 35.45 -13.27 -13.65
CA PHE D 247 34.34 -14.21 -13.76
C PHE D 247 33.55 -14.39 -12.46
N ALA D 248 33.84 -13.56 -11.47
CA ALA D 248 33.21 -13.64 -10.14
C ALA D 248 31.69 -13.50 -10.15
N THR D 249 31.17 -12.58 -10.96
CA THR D 249 29.72 -12.33 -11.04
C THR D 249 28.97 -13.52 -11.62
N ILE D 250 29.59 -14.19 -12.59
CA ILE D 250 28.99 -15.38 -13.21
C ILE D 250 29.20 -16.63 -12.35
N GLN D 251 30.34 -16.70 -11.67
CA GLN D 251 30.62 -17.79 -10.73
C GLN D 251 29.63 -17.81 -9.56
N ARG D 252 29.28 -16.62 -9.07
CA ARG D 252 28.28 -16.47 -8.01
C ARG D 252 26.91 -16.97 -8.47
N MET D 253 26.58 -16.70 -9.72
CA MET D 253 25.30 -17.13 -10.31
C MET D 253 25.25 -18.64 -10.56
N ILE D 254 26.43 -19.26 -10.69
CA ILE D 254 26.54 -20.72 -10.77
C ILE D 254 26.35 -21.34 -9.37
N ASP D 255 26.96 -20.71 -8.36
CA ASP D 255 26.91 -21.17 -6.98
C ASP D 255 25.49 -21.26 -6.42
N GLU D 256 24.67 -20.26 -6.76
CA GLU D 256 23.35 -20.09 -6.15
C GLU D 256 22.21 -20.80 -6.90
N ARG D 257 22.37 -20.97 -8.20
CA ARG D 257 21.31 -21.52 -9.09
C ARG D 257 19.94 -20.88 -8.83
N PRO D 258 19.88 -19.52 -8.79
CA PRO D 258 18.66 -18.84 -8.33
C PRO D 258 17.44 -19.15 -9.19
N LEU D 259 16.26 -19.02 -8.60
CA LEU D 259 15.01 -19.20 -9.34
C LEU D 259 14.47 -17.86 -9.80
N GLY D 260 13.99 -17.81 -11.03
CA GLY D 260 13.45 -16.60 -11.62
C GLY D 260 12.32 -16.91 -12.59
N PRO D 261 11.49 -15.90 -12.90
CA PRO D 261 10.37 -16.09 -13.83
C PRO D 261 10.79 -16.24 -15.29
N LEU D 262 9.87 -16.74 -16.11
CA LEU D 262 10.10 -16.88 -17.54
C LEU D 262 9.33 -15.80 -18.30
N LEU D 263 8.19 -15.41 -17.76
CA LEU D 263 7.43 -14.28 -18.30
C LEU D 263 7.40 -13.13 -17.32
N TYR D 264 7.49 -11.91 -17.84
CA TYR D 264 7.47 -10.69 -17.02
C TYR D 264 6.86 -9.52 -17.79
N GLY D 265 6.78 -8.36 -17.13
CA GLY D 265 6.14 -7.18 -17.72
C GLY D 265 4.63 -7.24 -17.59
N SER D 266 3.93 -6.95 -18.68
CA SER D 266 2.46 -6.91 -18.68
C SER D 266 1.87 -8.30 -18.85
N ARG D 267 0.88 -8.62 -18.03
CA ARG D 267 0.25 -9.94 -18.05
C ARG D 267 -0.60 -10.20 -19.29
N LEU D 268 -1.05 -9.11 -19.91
CA LEU D 268 -1.84 -9.19 -21.14
C LEU D 268 -0.95 -9.24 -22.38
N ASP D 269 0.33 -8.90 -22.20
CA ASP D 269 1.31 -8.82 -23.29
C ASP D 269 2.72 -8.95 -22.70
N PRO D 270 3.14 -10.19 -22.35
CA PRO D 270 4.37 -10.38 -21.58
C PRO D 270 5.64 -10.47 -22.40
N TYR D 271 6.75 -10.02 -21.81
CA TYR D 271 8.08 -10.29 -22.31
C TYR D 271 8.50 -11.68 -21.87
N MET D 272 9.57 -12.21 -22.45
CA MET D 272 10.03 -13.54 -22.05
C MET D 272 11.54 -13.67 -22.09
N ARG D 273 12.06 -14.53 -21.23
CA ARG D 273 13.43 -15.02 -21.34
C ARG D 273 13.35 -16.56 -21.34
N LEU D 274 14.12 -17.19 -22.21
CA LEU D 274 13.97 -18.61 -22.45
C LEU D 274 15.29 -19.19 -22.94
N ASP D 275 15.74 -20.27 -22.31
CA ASP D 275 16.98 -20.95 -22.71
C ASP D 275 16.93 -22.44 -22.37
N PRO D 276 16.18 -23.22 -23.16
CA PRO D 276 15.90 -24.64 -22.90
C PRO D 276 17.13 -25.47 -22.53
N TYR D 277 18.22 -25.33 -23.29
CA TYR D 277 19.43 -26.14 -23.08
C TYR D 277 20.06 -25.92 -21.70
N PHE D 278 19.80 -24.77 -21.08
CA PHE D 278 20.38 -24.43 -19.78
C PHE D 278 19.34 -24.27 -18.67
N THR D 279 18.14 -24.80 -18.89
CA THR D 279 17.02 -24.68 -17.96
C THR D 279 16.70 -26.01 -17.27
N SER D 280 16.43 -25.93 -15.97
CA SER D 280 15.88 -27.02 -15.18
C SER D 280 14.75 -26.50 -14.27
N VAL D 281 13.81 -27.37 -13.95
CA VAL D 281 12.70 -27.03 -13.04
C VAL D 281 12.69 -28.03 -11.89
N PRO D 282 12.61 -27.55 -10.63
CA PRO D 282 12.51 -28.44 -9.47
C PRO D 282 11.37 -29.45 -9.64
N GLN D 283 11.68 -30.73 -9.39
CA GLN D 283 10.76 -31.84 -9.64
C GLN D 283 9.43 -31.72 -8.89
N ASP D 284 9.50 -31.27 -7.64
CA ASP D 284 8.31 -31.12 -6.78
C ASP D 284 7.30 -30.12 -7.35
N ASP D 285 7.80 -29.13 -8.09
CA ASP D 285 6.96 -28.08 -8.63
C ASP D 285 6.24 -28.51 -9.91
N THR D 286 5.24 -29.37 -9.74
CA THR D 286 4.37 -29.86 -10.82
C THR D 286 3.77 -28.73 -11.67
N ASP D 287 3.27 -27.69 -11.01
CA ASP D 287 2.66 -26.54 -11.69
C ASP D 287 3.64 -25.86 -12.66
N ALA D 288 4.84 -25.57 -12.17
CA ALA D 288 5.89 -24.93 -12.96
C ALA D 288 6.35 -25.79 -14.13
N ARG D 289 6.46 -27.11 -13.90
CA ARG D 289 6.88 -28.04 -14.95
C ARG D 289 5.85 -28.17 -16.06
N ARG D 290 4.57 -28.18 -15.68
CA ARG D 290 3.47 -28.21 -16.65
C ARG D 290 3.47 -26.94 -17.51
N ALA D 291 3.58 -25.78 -16.84
CA ALA D 291 3.58 -24.48 -17.53
C ALA D 291 4.81 -24.31 -18.43
N TYR D 292 5.97 -24.71 -17.94
CA TYR D 292 7.20 -24.62 -18.72
C TYR D 292 7.12 -25.48 -19.98
N ASP D 293 6.73 -26.74 -19.81
CA ASP D 293 6.57 -27.66 -20.94
C ASP D 293 5.59 -27.10 -21.98
N ALA D 294 4.49 -26.54 -21.48
CA ALA D 294 3.49 -25.89 -22.34
C ALA D 294 4.05 -24.67 -23.08
N LEU D 295 4.93 -23.92 -22.41
CA LEU D 295 5.59 -22.76 -23.01
C LEU D 295 6.61 -23.16 -24.10
N PHE D 296 7.38 -24.22 -23.82
CA PHE D 296 8.36 -24.73 -24.77
C PHE D 296 7.71 -25.12 -26.10
N LYS D 297 6.58 -25.83 -26.02
CA LYS D 297 5.86 -26.30 -27.21
C LYS D 297 5.33 -25.15 -28.07
N VAL D 298 4.73 -24.15 -27.43
CA VAL D 298 4.15 -23.00 -28.14
C VAL D 298 5.25 -22.21 -28.86
N VAL D 299 6.33 -21.92 -28.16
CA VAL D 299 7.45 -21.19 -28.73
C VAL D 299 8.15 -22.03 -29.81
N ASP D 300 8.39 -23.30 -29.50
CA ASP D 300 9.09 -24.22 -30.42
C ASP D 300 8.33 -24.45 -31.72
N SER D 301 7.01 -24.57 -31.63
CA SER D 301 6.18 -24.82 -32.83
C SER D 301 6.02 -23.56 -33.67
N GLY D 302 6.19 -22.38 -33.05
CA GLY D 302 6.04 -21.10 -33.74
C GLY D 302 7.30 -20.59 -34.40
N MET D 303 8.39 -21.34 -34.25
CA MET D 303 9.71 -20.96 -34.79
C MET D 303 9.69 -20.82 -36.31
N ARG D 304 10.26 -19.73 -36.80
CA ARG D 304 10.34 -19.46 -38.23
C ARG D 304 11.80 -19.42 -38.66
N GLU D 305 12.03 -19.57 -39.97
CA GLU D 305 13.36 -19.40 -40.56
C GLU D 305 13.50 -17.99 -41.11
N VAL D 306 14.60 -17.34 -40.77
CA VAL D 306 14.94 -16.03 -41.33
C VAL D 306 16.37 -16.10 -41.84
N VAL D 307 16.53 -15.92 -43.14
CA VAL D 307 17.85 -16.00 -43.75
C VAL D 307 18.53 -14.64 -43.67
N ALA D 308 19.67 -14.60 -42.99
CA ALA D 308 20.51 -13.42 -42.97
C ALA D 308 21.56 -13.58 -44.05
N ASP D 309 21.20 -13.16 -45.26
CA ASP D 309 22.10 -13.19 -46.40
C ASP D 309 23.06 -12.00 -46.36
N GLN D 310 24.15 -12.11 -47.13
CA GLN D 310 25.13 -11.02 -47.24
C GLN D 310 24.40 -9.68 -47.43
N GLY D 311 24.77 -8.70 -46.60
CA GLY D 311 24.17 -7.37 -46.68
C GLY D 311 22.90 -7.20 -45.86
N ASP D 312 22.49 -8.28 -45.18
CA ASP D 312 21.35 -8.23 -44.28
C ASP D 312 21.78 -7.92 -42.85
N VAL D 313 21.00 -7.09 -42.16
CA VAL D 313 21.19 -6.86 -40.73
C VAL D 313 19.89 -7.24 -40.03
N LEU D 314 19.98 -8.20 -39.12
CA LEU D 314 18.84 -8.69 -38.36
C LEU D 314 18.81 -8.00 -37.00
N PHE D 315 17.64 -7.49 -36.64
CA PHE D 315 17.41 -6.86 -35.35
C PHE D 315 16.47 -7.73 -34.53
N ILE D 316 16.95 -8.22 -33.39
CA ILE D 316 16.14 -9.05 -32.52
C ILE D 316 15.78 -8.30 -31.25
N ASP D 317 14.49 -8.33 -30.93
CA ASP D 317 14.01 -7.84 -29.65
C ASP D 317 14.22 -8.97 -28.65
N ASN D 318 15.28 -8.86 -27.85
CA ASN D 318 15.65 -9.91 -26.90
C ASN D 318 14.62 -10.17 -25.81
N HIS D 319 13.57 -9.35 -25.76
CA HIS D 319 12.48 -9.55 -24.82
C HIS D 319 11.24 -10.15 -25.43
N ARG D 320 11.16 -10.15 -26.76
CA ARG D 320 9.97 -10.66 -27.47
C ARG D 320 10.26 -11.81 -28.42
N ALA D 321 11.52 -12.22 -28.51
CA ALA D 321 11.92 -13.28 -29.43
C ALA D 321 13.15 -14.07 -28.98
N VAL D 322 13.11 -15.37 -29.17
CA VAL D 322 14.26 -16.25 -28.99
C VAL D 322 14.93 -16.44 -30.35
N HIS D 323 16.17 -16.93 -30.36
CA HIS D 323 16.85 -17.16 -31.63
C HIS D 323 17.81 -18.32 -31.61
N GLY D 324 18.00 -18.94 -32.77
CA GLY D 324 18.95 -20.04 -32.94
C GLY D 324 19.38 -20.17 -34.39
N ARG D 325 20.12 -21.25 -34.67
CA ARG D 325 20.70 -21.46 -36.00
C ARG D 325 20.63 -22.93 -36.40
N LEU D 326 20.22 -23.18 -37.64
CA LEU D 326 20.13 -24.55 -38.19
C LEU D 326 21.52 -25.13 -38.44
N PRO D 327 21.66 -26.47 -38.38
CA PRO D 327 22.97 -27.10 -38.65
C PRO D 327 23.42 -26.85 -40.08
N PHE D 328 24.74 -26.76 -40.27
CA PHE D 328 25.32 -26.59 -41.59
C PHE D 328 26.77 -27.11 -41.62
N GLN D 329 27.25 -27.43 -42.82
CA GLN D 329 28.61 -27.91 -43.01
C GLN D 329 29.57 -26.76 -43.30
N ALA D 330 30.55 -26.58 -42.42
CA ALA D 330 31.57 -25.55 -42.58
C ALA D 330 32.69 -26.01 -43.52
N ARG D 331 33.25 -25.06 -44.26
CA ARG D 331 34.34 -25.35 -45.20
C ARG D 331 35.71 -25.20 -44.55
N TYR D 332 35.83 -24.25 -43.64
CA TYR D 332 37.08 -23.92 -42.92
C TYR D 332 38.20 -23.41 -43.84
N ASP D 333 37.83 -22.93 -45.03
CA ASP D 333 38.79 -22.39 -45.99
C ASP D 333 38.98 -20.88 -45.85
N GLY D 334 37.91 -20.19 -45.46
CA GLY D 334 37.91 -18.74 -45.30
C GLY D 334 36.78 -18.09 -46.07
N THR D 335 35.81 -18.90 -46.45
CA THR D 335 34.66 -18.45 -47.24
C THR D 335 33.35 -18.70 -46.48
N ASP D 336 33.48 -18.97 -45.18
CA ASP D 336 32.36 -19.39 -44.35
C ASP D 336 31.42 -18.27 -43.92
N ARG D 337 30.16 -18.65 -43.66
CA ARG D 337 29.14 -17.78 -43.10
C ARG D 337 29.70 -16.95 -41.95
N TRP D 338 29.51 -15.63 -42.04
CA TRP D 338 30.11 -14.70 -41.08
C TRP D 338 29.16 -13.60 -40.69
N LEU D 339 28.76 -13.60 -39.42
CA LEU D 339 27.95 -12.52 -38.85
C LEU D 339 28.73 -11.80 -37.75
N LYS D 340 28.41 -10.52 -37.56
CA LYS D 340 28.92 -9.75 -36.41
C LYS D 340 27.75 -9.51 -35.46
N ARG D 341 28.02 -9.50 -34.16
CA ARG D 341 26.97 -9.27 -33.17
C ARG D 341 27.25 -8.09 -32.23
N VAL D 342 26.25 -7.23 -32.07
CA VAL D 342 26.29 -6.15 -31.08
C VAL D 342 25.15 -6.33 -30.08
N CYS D 343 25.50 -6.34 -28.79
CA CYS D 343 24.51 -6.36 -27.72
C CYS D 343 24.07 -4.94 -27.40
N VAL D 344 22.76 -4.74 -27.26
CA VAL D 344 22.21 -3.40 -27.01
C VAL D 344 21.42 -3.36 -25.70
N THR D 345 21.74 -2.37 -24.87
CA THR D 345 20.98 -2.12 -23.65
C THR D 345 20.27 -0.77 -23.75
N SER D 346 19.04 -0.71 -23.24
CA SER D 346 18.28 0.54 -23.16
C SER D 346 18.75 1.41 -21.99
N ASP D 347 19.39 0.78 -21.00
CA ASP D 347 19.78 1.48 -19.77
C ASP D 347 21.11 0.92 -19.27
N LEU D 348 22.20 1.57 -19.68
CA LEU D 348 23.55 1.17 -19.30
C LEU D 348 23.81 1.33 -17.81
N ARG D 349 23.07 2.24 -17.16
CA ARG D 349 23.31 2.56 -15.76
C ARG D 349 22.68 1.53 -14.80
N ARG D 350 21.72 0.77 -15.31
CA ARG D 350 21.07 -0.30 -14.59
C ARG D 350 22.05 -1.41 -14.16
N SER D 351 23.09 -1.60 -14.96
CA SER D 351 24.08 -2.66 -14.73
C SER D 351 25.32 -2.17 -13.98
N ARG D 352 25.24 -0.95 -13.44
CA ARG D 352 26.41 -0.30 -12.84
C ARG D 352 27.13 -1.14 -11.78
N GLU D 353 26.36 -1.91 -11.00
CA GLU D 353 26.93 -2.77 -9.95
C GLU D 353 27.86 -3.87 -10.50
N MET D 354 27.68 -4.24 -11.76
CA MET D 354 28.44 -5.30 -12.39
C MET D 354 29.47 -4.77 -13.39
N ARG D 355 29.75 -3.47 -13.30
CA ARG D 355 30.76 -2.83 -14.14
C ARG D 355 31.86 -2.21 -13.28
N ALA D 356 33.11 -2.34 -13.73
CA ALA D 356 34.27 -1.87 -12.97
C ALA D 356 34.29 -0.36 -12.75
N THR D 357 33.87 0.39 -13.78
CA THR D 357 33.83 1.86 -13.71
C THR D 357 32.53 2.41 -14.29
N SER D 358 32.32 3.71 -14.10
CA SER D 358 31.17 4.39 -14.71
C SER D 358 31.24 4.37 -16.24
N ALA D 359 32.45 4.50 -16.78
CA ALA D 359 32.67 4.61 -18.22
C ALA D 359 32.61 3.28 -18.98
N THR D 360 33.08 2.20 -18.35
CA THR D 360 33.18 0.91 -19.04
C THR D 360 31.82 0.38 -19.49
N ARG D 361 31.78 -0.16 -20.69
CA ARG D 361 30.57 -0.77 -21.23
C ARG D 361 30.62 -2.30 -21.15
N LEU D 362 31.56 -2.82 -20.36
CA LEU D 362 31.71 -4.26 -20.18
C LEU D 362 31.21 -4.70 -18.82
N LEU D 363 30.36 -5.71 -18.81
CA LEU D 363 29.83 -6.26 -17.57
C LEU D 363 30.75 -7.32 -17.01
N GLY D 364 30.94 -7.30 -15.68
CA GLY D 364 31.83 -8.23 -14.99
C GLY D 364 33.25 -7.68 -14.87
#